data_9QBP
#
_entry.id   9QBP
#
_cell.length_a   108.179
_cell.length_b   127.241
_cell.length_c   191.336
_cell.angle_alpha   90.00
_cell.angle_beta   90.00
_cell.angle_gamma   90.00
#
_symmetry.space_group_name_H-M   'P 21 21 21'
#
loop_
_entity.id
_entity.type
_entity.pdbx_description
1 polymer 'DUF4365 domain-containing protein'
2 polymer 'Protein argonaute'
3 non-polymer 'CHLORIDE ION'
4 non-polymer 2-AMINO-2-HYDROXYMETHYL-PROPANE-1,3-DIOL
5 non-polymer BETA-MERCAPTOETHANOL
6 water water
#
loop_
_entity_poly.entity_id
_entity_poly.type
_entity_poly.pdbx_seq_one_letter_code
_entity_poly.pdbx_strand_id
1 'polypeptide(L)'
;MGGSHHHHHHGMASENLYFQGGTKTITDSQVLGELGETAVKKIVLETGFIYEHRGRLEAGTDGLIELRDPKSGAPLGKLL
AVQVKATKESQYLRETDKGFEYLLRPADLKLWRLSNIPVIIVLWRQSDGSAYWKDVTDSVRGEERRLQFDKAADVFDPGC
ADRLGALTVDRRKPGVFVPPLNGGETAIINLLRIKLPEEIFIATSPFGSGRDAVPELLKHSNTRFDWVIRKRRYVSFFDP
REYGTKAIVDVDQVEAIDSDIFAFNDDLDDTNDTMDLLRRTVERQLSAQVSYLRKERLFYFHAVATNKSRSYRYLANVKE
TSAKVVSAYTNKKNPEGRGYVRHHAATFRFERLADEWFVVVDPTFYFTNDGFRPHRYPEALLAGKKRLERNAAVRGQVVM
WQHLLVESASCNNGLFDQNEHADVLLDFENLPVIELSRAVPESSWTRTDPRAKEMESRDLFDEGGAA
;
A,C
2 'polypeptide(L)'
;MILKSRVFDEPMLEFGDGGQHLDPRQGLREYGPLQPRSGDVVHVGVIGTEDTIAGFSEFLAETAAGIDSDNKQLINLNPD
FPGLGNQNPFRCKFVIPDGATATISRRQVTEIKQIGRHDEAVRRAVALIADQLSALMESSAKPDVIVLALPVPLIEKLVN
AKSEEIADIAEDEENRDDTLNFRDLLKAKTLHLDVPTQIVWPDTWDDAAKIPRKVKRDSNRQTQAKATRAWNLLNALFYK
AGKVPWRLLPDQAEYRTSFLGIGFYRDLDGQQLWTSTAQMFDERGRGLILRGARAQTETKGRHPYLTAKDADDLVTQSIA
AYKAHHKHVPARVVVLKTSRFRPEEAEGIDSALSRLGIELSDLVWVQESSPIAVFRDGNYPILRGTFVDLKGKGLLYTRG
SVPYYGTYPGLRVPRPLLLVPHENSDSALARLAEEVLALTKVNWNTTQFDQKLPAPIKAAREVGRILKHIEYGVAISPDF
RKYT
;
B,D
#
loop_
_chem_comp.id
_chem_comp.type
_chem_comp.name
_chem_comp.formula
BME non-polymer BETA-MERCAPTOETHANOL 'C2 H6 O S'
CL non-polymer 'CHLORIDE ION' 'Cl -1'
TRS non-polymer 2-AMINO-2-HYDROXYMETHYL-PROPANE-1,3-DIOL 'C4 H12 N O3 1'
#
# COMPACT_ATOMS: atom_id res chain seq x y z
N ALA A 107 26.61 22.38 53.70
CA ALA A 107 26.47 22.69 55.12
C ALA A 107 26.23 21.44 55.94
N ASP A 108 26.74 21.44 57.17
CA ASP A 108 26.51 20.39 58.17
C ASP A 108 26.97 19.06 57.58
N LEU A 109 26.15 18.02 57.60
CA LEU A 109 26.51 16.70 57.10
C LEU A 109 25.83 16.45 55.77
N LYS A 110 25.92 17.41 54.84
CA LYS A 110 25.18 17.30 53.61
C LYS A 110 25.56 16.03 52.84
N LEU A 111 26.84 15.65 52.90
CA LEU A 111 27.33 14.47 52.13
C LEU A 111 26.58 13.22 52.61
N TRP A 112 26.25 13.15 53.90
CA TRP A 112 25.56 12.00 54.48
C TRP A 112 24.05 12.19 54.58
N ARG A 113 23.43 12.97 53.68
CA ARG A 113 22.00 13.27 53.83
C ARG A 113 21.16 12.02 53.58
N LEU A 114 21.39 11.35 52.45
CA LEU A 114 20.65 10.15 52.08
C LEU A 114 21.41 8.87 52.42
N SER A 115 22.56 8.99 53.07
CA SER A 115 23.43 7.83 53.24
C SER A 115 22.83 6.81 54.20
N ASN A 116 22.13 7.27 55.24
CA ASN A 116 21.68 6.43 56.35
C ASN A 116 22.82 5.69 57.02
N ILE A 117 24.03 6.22 56.91
CA ILE A 117 25.21 5.67 57.57
C ILE A 117 25.52 6.56 58.78
N PRO A 118 25.59 6.02 59.98
CA PRO A 118 25.80 6.86 61.17
C PRO A 118 27.11 7.64 61.09
N VAL A 119 27.18 8.71 61.87
CA VAL A 119 28.35 9.58 61.88
C VAL A 119 28.57 10.13 63.28
N VAL A 169 26.91 0.64 60.63
CA VAL A 169 25.92 -0.29 60.11
C VAL A 169 26.58 -1.24 59.13
N ASP A 170 25.97 -2.41 58.93
CA ASP A 170 26.41 -3.31 57.87
C ASP A 170 26.00 -2.72 56.52
N ARG A 171 26.88 -2.87 55.52
CA ARG A 171 26.51 -2.47 54.17
C ARG A 171 25.33 -3.28 53.65
N ARG A 172 25.15 -4.51 54.15
CA ARG A 172 24.05 -5.38 53.76
C ARG A 172 22.78 -5.09 54.54
N LYS A 173 22.70 -3.92 55.20
CA LYS A 173 21.48 -3.47 55.87
C LYS A 173 20.67 -2.58 54.94
N PRO A 174 19.39 -2.89 54.73
CA PRO A 174 18.60 -2.13 53.75
C PRO A 174 18.58 -0.65 54.08
N GLY A 175 18.75 0.17 53.06
CA GLY A 175 18.64 1.60 53.18
C GLY A 175 19.95 2.34 53.21
N VAL A 176 21.04 1.68 53.60
CA VAL A 176 22.34 2.32 53.63
C VAL A 176 22.90 2.34 52.21
N PHE A 177 23.42 3.52 51.85
CA PHE A 177 23.93 3.73 50.47
C PHE A 177 25.21 4.55 50.56
N VAL A 178 26.32 3.98 50.11
CA VAL A 178 27.61 4.68 50.11
C VAL A 178 27.52 5.87 49.17
N PRO A 179 27.69 7.08 49.68
CA PRO A 179 27.56 8.28 48.84
C PRO A 179 28.61 8.28 47.74
N PRO A 180 28.20 8.51 46.50
CA PRO A 180 29.16 8.50 45.39
C PRO A 180 30.15 9.64 45.52
N LEU A 181 31.42 9.33 45.28
CA LEU A 181 32.50 10.31 45.39
C LEU A 181 32.18 11.53 44.54
N ASN A 182 32.14 12.70 45.19
CA ASN A 182 31.83 13.94 44.48
C ASN A 182 32.92 14.26 43.47
N GLY A 183 32.73 15.34 42.74
CA GLY A 183 33.55 15.55 41.57
C GLY A 183 32.97 14.86 40.35
N GLY A 184 33.25 15.43 39.19
CA GLY A 184 32.59 15.03 37.97
C GLY A 184 33.45 14.18 37.04
N GLU A 185 32.86 13.86 35.90
CA GLU A 185 33.55 13.18 34.81
C GLU A 185 33.00 13.72 33.51
N THR A 186 33.73 13.48 32.43
CA THR A 186 33.33 13.95 31.11
C THR A 186 32.63 12.86 30.33
N ALA A 187 32.04 13.23 29.21
CA ALA A 187 31.32 12.30 28.36
C ALA A 187 31.20 12.89 26.96
N ILE A 188 30.95 12.02 25.99
CA ILE A 188 30.89 12.44 24.57
C ILE A 188 29.48 12.26 24.01
N ILE A 189 28.96 13.26 23.31
CA ILE A 189 27.63 13.12 22.62
C ILE A 189 27.83 12.50 21.22
N ASN A 190 26.84 11.77 20.72
CA ASN A 190 26.91 11.14 19.39
C ASN A 190 26.52 12.17 18.33
N LEU A 191 27.07 13.36 18.44
CA LEU A 191 26.65 14.47 17.56
C LEU A 191 27.89 15.11 16.91
N LEU A 192 27.76 15.52 15.66
CA LEU A 192 28.82 16.21 14.91
C LEU A 192 28.20 17.42 14.22
N ARG A 193 28.75 18.60 14.49
CA ARG A 193 28.27 19.81 13.83
C ARG A 193 28.57 19.75 12.34
N ILE A 194 27.60 20.17 11.52
CA ILE A 194 27.72 20.15 10.07
C ILE A 194 27.88 21.59 9.60
N LYS A 195 28.98 21.86 8.89
CA LYS A 195 29.22 23.16 8.30
C LYS A 195 28.82 23.09 6.82
N LEU A 196 27.75 23.79 6.47
CA LEU A 196 27.26 23.79 5.11
C LEU A 196 28.08 24.72 4.22
N PRO A 197 28.10 24.47 2.91
CA PRO A 197 28.74 25.41 1.99
C PRO A 197 28.07 26.77 2.05
N GLU A 198 28.78 27.78 1.54
CA GLU A 198 28.25 29.14 1.53
C GLU A 198 26.97 29.22 0.72
N GLU A 199 26.90 28.51 -0.41
CA GLU A 199 25.80 28.63 -1.34
C GLU A 199 25.08 27.30 -1.51
N ILE A 200 23.79 27.40 -1.83
CA ILE A 200 22.97 26.25 -2.15
C ILE A 200 22.18 26.58 -3.41
N PHE A 201 22.00 25.58 -4.28
CA PHE A 201 21.41 25.80 -5.60
C PHE A 201 19.97 25.31 -5.61
N ILE A 202 19.04 26.23 -5.88
CA ILE A 202 17.62 25.92 -5.97
C ILE A 202 17.16 26.14 -7.40
N ALA A 203 16.16 25.37 -7.82
CA ALA A 203 15.61 25.47 -9.16
C ALA A 203 14.33 24.64 -9.22
N THR A 204 13.48 24.96 -10.19
CA THR A 204 12.33 24.12 -10.48
C THR A 204 12.72 23.01 -11.44
N SER A 205 11.86 21.99 -11.52
CA SER A 205 12.11 20.82 -12.34
C SER A 205 10.83 20.40 -13.02
N PRO A 206 10.91 19.89 -14.25
CA PRO A 206 9.70 19.34 -14.90
C PRO A 206 9.17 18.10 -14.21
N PHE A 207 9.97 17.45 -13.37
CA PHE A 207 9.57 16.23 -12.69
C PHE A 207 9.04 16.54 -11.30
N GLY A 208 7.98 15.83 -10.90
CA GLY A 208 7.44 16.04 -9.57
C GLY A 208 8.38 15.58 -8.47
N SER A 209 8.97 14.40 -8.65
CA SER A 209 9.87 13.82 -7.66
C SER A 209 11.17 13.37 -8.33
N GLY A 210 12.20 13.18 -7.51
CA GLY A 210 13.47 12.73 -8.03
C GLY A 210 13.43 11.33 -8.63
N ARG A 211 12.49 10.50 -8.16
CA ARG A 211 12.32 9.18 -8.76
C ARG A 211 11.91 9.29 -10.22
N ASP A 212 11.04 10.24 -10.55
CA ASP A 212 10.60 10.43 -11.92
C ASP A 212 11.69 11.00 -12.81
N ALA A 213 12.71 11.65 -12.21
CA ALA A 213 13.75 12.31 -12.98
C ALA A 213 14.91 11.40 -13.34
N VAL A 214 15.05 10.25 -12.67
CA VAL A 214 16.24 9.42 -12.87
C VAL A 214 16.38 8.91 -14.30
N PRO A 215 15.33 8.41 -14.97
CA PRO A 215 15.53 7.95 -16.35
C PRO A 215 16.06 9.03 -17.28
N GLU A 216 15.66 10.29 -17.08
CA GLU A 216 16.21 11.37 -17.89
C GLU A 216 17.66 11.65 -17.50
N LEU A 217 18.01 11.48 -16.23
CA LEU A 217 19.39 11.68 -15.79
C LEU A 217 20.31 10.63 -16.39
N LEU A 218 19.84 9.39 -16.51
CA LEU A 218 20.67 8.32 -17.05
C LEU A 218 20.97 8.52 -18.53
N LYS A 219 20.09 9.20 -19.25
CA LYS A 219 20.31 9.46 -20.67
C LYS A 219 21.51 10.37 -20.93
N HIS A 220 22.02 11.04 -19.91
CA HIS A 220 23.14 11.97 -20.05
C HIS A 220 24.35 11.42 -19.30
N SER A 221 25.47 12.13 -19.44
CA SER A 221 26.74 11.76 -18.83
C SER A 221 27.07 12.73 -17.71
N ASN A 222 28.18 12.43 -17.01
CA ASN A 222 28.64 13.24 -15.87
C ASN A 222 27.57 13.33 -14.79
N THR A 223 27.04 12.18 -14.40
CA THR A 223 25.92 12.12 -13.47
C THR A 223 26.40 12.04 -12.02
N ARG A 224 25.53 12.48 -11.12
CA ARG A 224 25.70 12.27 -9.69
C ARG A 224 24.31 12.24 -9.07
N PHE A 225 24.24 11.77 -7.83
CA PHE A 225 22.96 11.51 -7.19
C PHE A 225 22.78 12.20 -5.85
N ASP A 226 23.63 13.15 -5.50
CA ASP A 226 23.48 13.89 -4.24
C ASP A 226 22.63 15.14 -4.47
N TRP A 227 21.40 14.92 -4.91
CA TRP A 227 20.45 15.99 -5.18
C TRP A 227 19.07 15.53 -4.76
N VAL A 228 18.14 16.49 -4.67
CA VAL A 228 16.78 16.23 -4.23
C VAL A 228 15.81 16.95 -5.17
N ILE A 229 14.77 16.23 -5.59
CA ILE A 229 13.64 16.82 -6.29
C ILE A 229 12.37 16.38 -5.58
N ARG A 230 11.62 17.32 -5.03
CA ARG A 230 10.34 17.03 -4.43
C ARG A 230 9.40 18.20 -4.68
N LYS A 231 8.17 17.89 -5.08
CA LYS A 231 7.16 18.91 -5.40
C LYS A 231 7.66 19.87 -6.47
N ARG A 232 8.30 19.31 -7.50
CA ARG A 232 8.79 20.07 -8.66
C ARG A 232 9.85 21.10 -8.28
N ARG A 233 10.59 20.84 -7.20
N ARG A 233 10.57 20.86 -7.19
CA ARG A 233 11.60 21.75 -6.69
CA ARG A 233 11.61 21.78 -6.73
C ARG A 233 12.92 21.01 -6.53
C ARG A 233 12.91 21.01 -6.55
N TYR A 234 13.98 21.53 -7.14
CA TYR A 234 15.29 20.90 -7.12
C TYR A 234 16.23 21.65 -6.19
N VAL A 235 16.98 20.89 -5.37
N VAL A 235 16.98 20.89 -5.39
CA VAL A 235 17.99 21.46 -4.48
CA VAL A 235 18.00 21.44 -4.50
C VAL A 235 19.22 20.57 -4.51
C VAL A 235 19.24 20.56 -4.58
N SER A 236 20.40 21.20 -4.49
CA SER A 236 21.68 20.50 -4.44
C SER A 236 22.75 21.51 -4.05
N PHE A 237 23.83 21.00 -3.44
CA PHE A 237 24.92 21.87 -3.03
C PHE A 237 25.88 22.20 -4.17
N PHE A 238 25.89 21.38 -5.22
CA PHE A 238 26.67 21.66 -6.41
C PHE A 238 25.80 22.34 -7.46
N ASP A 239 26.46 22.96 -8.43
CA ASP A 239 25.74 23.61 -9.52
C ASP A 239 25.19 22.54 -10.46
N PRO A 240 23.87 22.43 -10.62
CA PRO A 240 23.33 21.40 -11.52
C PRO A 240 23.61 21.66 -12.99
N ARG A 241 23.96 22.89 -13.35
CA ARG A 241 24.23 23.20 -14.76
C ARG A 241 25.56 22.63 -15.25
N GLU A 242 26.46 22.28 -14.34
CA GLU A 242 27.79 21.79 -14.69
C GLU A 242 27.88 20.27 -14.68
N TYR A 243 26.76 19.57 -14.58
CA TYR A 243 26.75 18.12 -14.58
C TYR A 243 25.54 17.64 -15.40
N GLY A 244 25.36 16.32 -15.43
CA GLY A 244 24.23 15.75 -16.14
C GLY A 244 22.89 16.15 -15.59
N THR A 245 22.84 16.64 -14.35
CA THR A 245 21.59 17.12 -13.76
C THR A 245 21.00 18.30 -14.51
N LYS A 246 21.72 18.86 -15.49
CA LYS A 246 21.16 19.91 -16.33
C LYS A 246 19.89 19.45 -17.04
N ALA A 247 19.75 18.14 -17.26
CA ALA A 247 18.60 17.61 -17.98
C ALA A 247 17.35 17.52 -17.12
N ILE A 248 17.47 17.60 -15.79
CA ILE A 248 16.34 17.40 -14.89
C ILE A 248 16.00 18.67 -14.13
N VAL A 249 16.52 19.82 -14.55
CA VAL A 249 16.17 21.12 -13.97
C VAL A 249 15.77 22.07 -15.07
N ASP A 250 14.97 23.06 -14.71
CA ASP A 250 14.69 24.19 -15.59
C ASP A 250 15.87 25.15 -15.50
N VAL A 251 16.69 25.18 -16.55
CA VAL A 251 18.01 25.81 -16.46
C VAL A 251 17.90 27.32 -16.22
N ASP A 252 16.85 27.96 -16.73
CA ASP A 252 16.70 29.39 -16.50
C ASP A 252 16.15 29.72 -15.13
N GLN A 253 15.74 28.72 -14.36
CA GLN A 253 15.29 28.92 -12.98
C GLN A 253 16.39 28.62 -11.96
N VAL A 254 17.53 28.08 -12.39
CA VAL A 254 18.61 27.77 -11.48
C VAL A 254 19.13 29.07 -10.85
N GLU A 255 19.30 29.04 -9.53
CA GLU A 255 19.66 30.24 -8.78
C GLU A 255 20.46 29.83 -7.55
N ALA A 256 21.66 30.39 -7.41
CA ALA A 256 22.51 30.15 -6.25
C ALA A 256 22.15 31.14 -5.16
N ILE A 257 21.72 30.63 -4.00
CA ILE A 257 21.31 31.45 -2.88
C ILE A 257 22.14 31.07 -1.66
N ASP A 258 22.02 31.88 -0.60
CA ASP A 258 22.71 31.60 0.65
C ASP A 258 22.11 30.34 1.27
N SER A 259 22.99 29.47 1.79
CA SER A 259 22.53 28.22 2.37
C SER A 259 21.67 28.45 3.61
N ASP A 260 22.02 29.45 4.42
CA ASP A 260 21.30 29.67 5.67
C ASP A 260 19.85 30.06 5.42
N ILE A 261 19.56 30.70 4.28
CA ILE A 261 18.17 31.02 3.95
C ILE A 261 17.35 29.75 3.80
N PHE A 262 17.90 28.75 3.13
CA PHE A 262 17.15 27.53 2.86
C PHE A 262 17.14 26.58 4.05
N ALA A 263 18.28 26.43 4.73
CA ALA A 263 18.43 25.40 5.76
C ALA A 263 17.98 25.85 7.14
N PHE A 264 17.73 27.13 7.36
CA PHE A 264 17.42 27.66 8.69
C PHE A 264 16.19 28.56 8.64
N ASN A 265 15.06 28.02 8.20
CA ASN A 265 13.81 28.76 8.16
C ASN A 265 12.68 27.89 8.72
N ASP A 266 11.48 28.47 8.76
CA ASP A 266 10.32 27.86 9.39
C ASP A 266 9.52 26.98 8.44
N ASP A 267 9.99 26.77 7.21
CA ASP A 267 9.22 26.06 6.20
C ASP A 267 9.41 24.56 6.34
N LEU A 268 8.30 23.82 6.33
CA LEU A 268 8.35 22.37 6.42
C LEU A 268 9.11 21.76 5.25
N ASP A 269 8.72 22.10 4.03
CA ASP A 269 9.34 21.51 2.85
C ASP A 269 10.82 21.85 2.77
N ASP A 270 11.19 23.08 3.15
CA ASP A 270 12.59 23.45 3.15
C ASP A 270 13.40 22.64 4.16
N THR A 271 12.82 22.39 5.34
CA THR A 271 13.51 21.63 6.36
C THR A 271 13.66 20.17 5.97
N ASN A 272 12.60 19.58 5.38
CA ASN A 272 12.66 18.18 4.97
C ASN A 272 13.62 17.99 3.80
N ASP A 273 13.58 18.89 2.81
CA ASP A 273 14.50 18.79 1.69
C ASP A 273 15.94 19.03 2.12
N THR A 274 16.16 19.86 3.14
CA THR A 274 17.50 20.03 3.69
C THR A 274 17.99 18.73 4.31
N MET A 275 17.15 18.10 5.14
CA MET A 275 17.50 16.81 5.72
C MET A 275 17.80 15.78 4.63
N ASP A 276 16.96 15.73 3.60
CA ASP A 276 17.13 14.76 2.53
C ASP A 276 18.44 15.01 1.78
N LEU A 277 18.73 16.26 1.44
CA LEU A 277 19.95 16.57 0.71
C LEU A 277 21.19 16.27 1.55
N LEU A 278 21.13 16.55 2.86
CA LEU A 278 22.26 16.26 3.74
C LEU A 278 22.58 14.77 3.74
N ARG A 279 21.55 13.92 3.74
N ARG A 279 21.55 13.91 3.78
CA ARG A 279 21.77 12.47 3.77
CA ARG A 279 21.79 12.47 3.76
C ARG A 279 22.37 11.97 2.47
C ARG A 279 22.46 12.05 2.46
N ARG A 280 21.92 12.51 1.33
CA ARG A 280 22.46 12.09 0.05
C ARG A 280 23.84 12.68 -0.21
N THR A 281 24.10 13.89 0.26
CA THR A 281 25.44 14.45 0.16
C THR A 281 26.43 13.64 1.01
N VAL A 282 26.01 13.23 2.20
CA VAL A 282 26.87 12.42 3.05
C VAL A 282 27.11 11.04 2.43
N GLU A 283 26.07 10.45 1.84
CA GLU A 283 26.21 9.12 1.25
C GLU A 283 27.27 9.12 0.15
N ARG A 284 27.32 10.18 -0.65
CA ARG A 284 28.32 10.26 -1.70
C ARG A 284 29.70 10.60 -1.14
N GLN A 285 29.76 11.50 -0.17
CA GLN A 285 31.03 11.89 0.43
C GLN A 285 31.68 10.73 1.19
N LEU A 286 30.88 9.76 1.64
CA LEU A 286 31.38 8.58 2.34
C LEU A 286 31.40 7.34 1.46
N SER A 287 31.17 7.49 0.14
CA SER A 287 30.99 6.34 -0.73
C SER A 287 32.22 5.46 -0.81
N ALA A 288 33.40 5.97 -0.45
CA ALA A 288 34.61 5.16 -0.52
C ALA A 288 34.59 4.05 0.51
N GLN A 289 34.14 4.34 1.73
CA GLN A 289 34.22 3.39 2.83
C GLN A 289 32.90 2.68 3.11
N VAL A 290 31.77 3.38 2.99
CA VAL A 290 30.48 2.80 3.35
C VAL A 290 29.49 3.03 2.22
N SER A 291 28.52 2.12 2.12
CA SER A 291 27.39 2.24 1.22
C SER A 291 26.13 2.53 2.04
N TYR A 292 25.02 2.78 1.35
CA TYR A 292 23.75 3.09 1.98
C TYR A 292 22.71 2.08 1.56
N LEU A 293 21.94 1.58 2.53
CA LEU A 293 20.85 0.66 2.29
C LEU A 293 19.54 1.42 2.29
N ARG A 294 18.75 1.24 1.23
CA ARG A 294 17.49 1.98 1.11
C ARG A 294 16.43 1.43 2.05
N LYS A 295 16.21 0.12 2.02
CA LYS A 295 15.20 -0.49 2.88
C LYS A 295 15.59 -0.37 4.35
N GLU A 296 16.82 -0.77 4.68
CA GLU A 296 17.24 -0.77 6.08
C GLU A 296 17.57 0.62 6.59
N ARG A 297 17.74 1.60 5.69
CA ARG A 297 18.10 2.96 6.07
C ARG A 297 19.36 2.98 6.93
N LEU A 298 20.36 2.22 6.50
CA LEU A 298 21.60 2.06 7.23
C LEU A 298 22.80 2.42 6.37
N PHE A 299 23.82 2.99 7.01
CA PHE A 299 25.15 3.12 6.43
C PHE A 299 26.02 2.00 6.98
N TYR A 300 26.71 1.28 6.09
CA TYR A 300 27.46 0.11 6.50
C TYR A 300 28.73 0.00 5.67
N PHE A 301 29.79 -0.50 6.30
CA PHE A 301 31.05 -0.74 5.61
C PHE A 301 30.88 -1.90 4.64
N HIS A 302 30.85 -1.60 3.34
CA HIS A 302 30.61 -2.62 2.34
C HIS A 302 31.74 -3.63 2.30
N ALA A 303 31.40 -4.87 1.94
CA ALA A 303 32.41 -5.89 1.75
C ALA A 303 33.23 -5.58 0.50
N VAL A 304 34.53 -5.81 0.58
CA VAL A 304 35.43 -5.56 -0.54
C VAL A 304 35.65 -6.82 -1.36
N ALA A 305 35.90 -7.95 -0.69
CA ALA A 305 36.07 -9.23 -1.36
C ALA A 305 35.13 -10.26 -0.75
N THR A 306 34.70 -11.22 -1.57
CA THR A 306 33.81 -12.27 -1.10
C THR A 306 34.45 -13.04 0.06
N ASN A 307 33.73 -13.11 1.17
CA ASN A 307 34.13 -13.93 2.33
C ASN A 307 35.52 -13.54 2.84
N LYS A 308 35.80 -12.24 2.85
CA LYS A 308 37.08 -11.73 3.32
C LYS A 308 36.85 -10.57 4.29
N SER A 309 37.55 -10.60 5.41
CA SER A 309 37.46 -9.52 6.39
C SER A 309 38.35 -8.34 5.99
N ARG A 310 38.05 -7.19 6.58
CA ARG A 310 38.88 -6.01 6.41
C ARG A 310 38.71 -5.13 7.64
N SER A 311 39.62 -4.17 7.81
CA SER A 311 39.68 -3.34 9.00
C SER A 311 39.78 -1.88 8.63
N TYR A 312 39.09 -1.03 9.40
CA TYR A 312 39.20 0.41 9.27
C TYR A 312 40.16 0.95 10.32
N ARG A 313 41.00 1.90 9.90
CA ARG A 313 42.11 2.39 10.70
C ARG A 313 41.82 3.81 11.15
N TYR A 314 41.47 3.98 12.42
CA TYR A 314 41.05 5.29 12.93
C TYR A 314 41.82 5.67 14.19
N LEU A 315 41.45 6.80 14.78
CA LEU A 315 42.13 7.36 15.95
C LEU A 315 41.16 7.46 17.11
N ALA A 316 41.53 6.89 18.25
CA ALA A 316 40.78 7.03 19.50
C ALA A 316 41.68 7.70 20.52
N ASN A 317 41.16 8.74 21.18
CA ASN A 317 41.96 9.64 22.01
C ASN A 317 43.04 10.22 21.09
N VAL A 318 44.33 10.03 21.39
CA VAL A 318 45.40 10.36 20.46
C VAL A 318 46.18 9.12 20.06
N LYS A 319 45.59 7.94 20.26
CA LYS A 319 46.23 6.66 19.99
C LYS A 319 45.57 6.01 18.78
N GLU A 320 46.40 5.50 17.86
CA GLU A 320 45.86 4.85 16.67
C GLU A 320 45.25 3.50 17.03
N THR A 321 44.15 3.16 16.36
CA THR A 321 43.47 1.89 16.59
C THR A 321 42.83 1.43 15.29
N SER A 322 42.20 0.25 15.33
CA SER A 322 41.55 -0.30 14.17
C SER A 322 40.43 -1.24 14.62
N ALA A 323 39.51 -1.53 13.70
CA ALA A 323 38.37 -2.37 14.00
C ALA A 323 37.95 -3.14 12.74
N LYS A 324 37.57 -4.40 12.93
CA LYS A 324 37.12 -5.26 11.83
C LYS A 324 35.71 -4.83 11.43
N VAL A 325 35.64 -3.81 10.57
CA VAL A 325 34.35 -3.30 10.12
C VAL A 325 33.63 -4.35 9.28
N VAL A 326 34.37 -5.16 8.54
CA VAL A 326 33.83 -6.33 7.85
C VAL A 326 34.50 -7.55 8.46
N SER A 327 33.72 -8.41 9.09
CA SER A 327 34.24 -9.55 9.82
C SER A 327 33.78 -10.83 9.14
N ALA A 328 34.74 -11.66 8.73
CA ALA A 328 34.45 -12.91 8.04
C ALA A 328 34.69 -14.09 8.98
N TYR A 329 33.69 -14.97 9.07
CA TYR A 329 33.80 -16.18 9.86
C TYR A 329 33.97 -17.43 9.02
N THR A 330 33.76 -17.34 7.71
CA THR A 330 34.12 -18.38 6.74
C THR A 330 33.68 -19.78 7.15
N GLY A 339 28.92 -18.97 8.26
CA GLY A 339 27.75 -18.91 7.38
C GLY A 339 27.20 -17.51 7.22
N TYR A 340 28.02 -16.51 7.54
CA TYR A 340 27.61 -15.11 7.43
C TYR A 340 28.86 -14.24 7.57
N VAL A 341 28.65 -12.94 7.38
CA VAL A 341 29.66 -11.92 7.64
C VAL A 341 28.92 -10.68 8.14
N ARG A 342 29.44 -10.08 9.20
CA ARG A 342 28.80 -8.91 9.82
C ARG A 342 29.56 -7.64 9.48
N HIS A 343 28.82 -6.58 9.19
CA HIS A 343 29.37 -5.29 8.83
C HIS A 343 28.99 -4.26 9.88
N HIS A 344 29.94 -3.40 10.24
CA HIS A 344 29.64 -2.29 11.13
C HIS A 344 28.69 -1.33 10.43
N ALA A 345 27.51 -1.14 11.01
CA ALA A 345 26.48 -0.28 10.44
C ALA A 345 26.15 0.85 11.41
N ALA A 346 25.34 1.79 10.93
CA ALA A 346 24.94 2.93 11.74
C ALA A 346 23.75 3.61 11.07
N THR A 347 22.88 4.18 11.89
CA THR A 347 21.80 5.04 11.43
C THR A 347 22.25 6.49 11.57
N PHE A 348 22.09 7.26 10.51
CA PHE A 348 22.39 8.69 10.54
C PHE A 348 21.11 9.49 10.67
N ARG A 349 21.11 10.46 11.57
CA ARG A 349 20.00 11.38 11.77
C ARG A 349 20.53 12.81 11.71
N PHE A 350 19.78 13.68 11.04
CA PHE A 350 20.18 15.08 10.86
C PHE A 350 19.21 15.95 11.64
N GLU A 351 19.70 16.53 12.73
CA GLU A 351 18.90 17.28 13.67
C GLU A 351 19.32 18.75 13.68
N ARG A 352 18.35 19.64 13.80
CA ARG A 352 18.59 21.07 13.88
C ARG A 352 18.47 21.51 15.33
N LEU A 353 19.53 22.15 15.84
CA LEU A 353 19.54 22.71 17.18
C LEU A 353 19.88 24.19 17.06
N ALA A 354 18.93 25.05 17.43
CA ALA A 354 19.03 26.51 17.25
C ALA A 354 19.24 26.76 15.75
N ASP A 355 20.36 27.35 15.33
CA ASP A 355 20.59 27.60 13.91
C ASP A 355 21.82 26.83 13.42
N GLU A 356 21.90 25.56 13.79
CA GLU A 356 22.99 24.69 13.36
C GLU A 356 22.43 23.31 13.02
N TRP A 357 23.05 22.67 12.04
CA TRP A 357 22.69 21.31 11.65
C TRP A 357 23.72 20.33 12.19
N PHE A 358 23.22 19.22 12.73
CA PHE A 358 24.07 18.18 13.30
C PHE A 358 23.70 16.83 12.68
N VAL A 359 24.69 15.95 12.60
CA VAL A 359 24.47 14.56 12.21
C VAL A 359 24.57 13.70 13.47
N VAL A 360 23.59 12.81 13.66
CA VAL A 360 23.55 11.92 14.81
C VAL A 360 23.96 10.53 14.36
N VAL A 361 24.80 9.86 15.14
CA VAL A 361 25.36 8.57 14.79
C VAL A 361 24.89 7.56 15.82
N ASP A 362 24.21 6.51 15.35
CA ASP A 362 23.67 5.46 16.21
C ASP A 362 24.13 4.10 15.68
N PRO A 363 25.17 3.53 16.28
CA PRO A 363 25.78 2.32 15.69
C PRO A 363 24.88 1.10 15.77
N THR A 364 25.06 0.21 14.80
CA THR A 364 24.40 -1.09 14.76
C THR A 364 25.23 -2.00 13.86
N PHE A 365 24.62 -3.08 13.37
CA PHE A 365 25.31 -4.04 12.52
C PHE A 365 24.39 -4.48 11.38
N TYR A 366 25.00 -5.02 10.33
CA TYR A 366 24.28 -5.53 9.17
C TYR A 366 24.91 -6.83 8.73
N PHE A 367 24.07 -7.83 8.45
CA PHE A 367 24.52 -9.19 8.19
C PHE A 367 24.18 -9.60 6.77
N THR A 368 25.18 -10.07 6.04
CA THR A 368 25.00 -10.69 4.74
C THR A 368 25.39 -12.17 4.84
N ASN A 369 25.56 -12.80 3.68
CA ASN A 369 25.91 -14.23 3.63
C ASN A 369 27.38 -14.44 3.28
N ASP A 370 27.81 -13.97 2.11
CA ASP A 370 29.19 -14.10 1.66
C ASP A 370 29.90 -12.76 1.56
N GLY A 371 29.28 -11.68 2.05
CA GLY A 371 29.78 -10.33 1.90
C GLY A 371 28.92 -9.48 1.01
N PHE A 372 28.26 -10.08 0.03
CA PHE A 372 27.44 -9.38 -0.94
C PHE A 372 26.00 -9.89 -1.00
N ARG A 373 25.80 -11.20 -0.93
CA ARG A 373 24.46 -11.77 -0.90
C ARG A 373 23.79 -11.44 0.43
N PRO A 374 22.62 -10.80 0.43
CA PRO A 374 21.89 -10.58 1.69
C PRO A 374 21.64 -11.90 2.40
N HIS A 375 21.77 -11.88 3.72
CA HIS A 375 21.47 -13.05 4.54
C HIS A 375 19.96 -13.21 4.68
N ARG A 376 19.51 -14.46 4.79
CA ARG A 376 18.09 -14.74 5.03
C ARG A 376 17.81 -14.67 6.53
N TYR A 377 16.86 -13.81 6.89
CA TYR A 377 16.52 -13.52 8.28
C TYR A 377 17.75 -13.03 9.05
N PRO A 378 18.30 -11.87 8.66
CA PRO A 378 19.38 -11.25 9.44
C PRO A 378 18.89 -10.55 10.69
N GLU A 379 17.58 -10.34 10.83
CA GLU A 379 17.03 -9.74 12.04
C GLU A 379 17.34 -10.57 13.27
N ALA A 380 17.36 -11.89 13.12
CA ALA A 380 17.66 -12.77 14.24
C ALA A 380 19.15 -12.84 14.53
N LEU A 381 19.99 -12.73 13.50
CA LEU A 381 21.44 -12.67 13.72
C LEU A 381 21.83 -11.37 14.41
N LEU A 382 21.03 -10.31 14.23
CA LEU A 382 21.33 -9.03 14.87
C LEU A 382 21.09 -9.10 16.38
N ALA A 383 19.95 -9.66 16.79
CA ALA A 383 19.61 -9.69 18.20
C ALA A 383 20.63 -10.47 19.02
N GLY A 384 21.32 -11.41 18.40
CA GLY A 384 22.36 -12.15 19.12
C GLY A 384 23.54 -11.26 19.49
N LYS A 385 23.99 -10.42 18.57
CA LYS A 385 25.12 -9.54 18.84
C LYS A 385 24.71 -8.32 19.66
N LYS A 386 23.50 -7.80 19.44
CA LYS A 386 23.03 -6.66 20.23
C LYS A 386 22.84 -7.04 21.69
N ARG A 387 22.50 -8.31 21.97
CA ARG A 387 22.27 -8.75 23.34
C ARG A 387 23.50 -8.57 24.21
N LEU A 388 24.70 -8.72 23.64
CA LEU A 388 25.95 -8.69 24.39
C LEU A 388 26.64 -7.33 24.35
N GLU A 389 26.01 -6.33 23.75
CA GLU A 389 26.66 -5.04 23.55
C GLU A 389 26.52 -4.17 24.80
N ARG A 390 27.63 -3.62 25.28
CA ARG A 390 27.67 -2.80 26.48
C ARG A 390 28.28 -1.45 26.16
N ASN A 391 28.45 -0.63 27.20
CA ASN A 391 28.75 0.79 27.02
C ASN A 391 30.04 1.00 26.24
N ALA A 392 31.14 0.39 26.68
CA ALA A 392 32.43 0.64 26.05
C ALA A 392 32.42 0.29 24.57
N ALA A 393 31.62 -0.70 24.18
CA ALA A 393 31.53 -1.06 22.76
C ALA A 393 30.78 0.02 21.98
N VAL A 394 29.61 0.44 22.48
CA VAL A 394 28.83 1.46 21.79
C VAL A 394 29.59 2.78 21.72
N ARG A 395 30.24 3.16 22.83
CA ARG A 395 31.01 4.40 22.84
C ARG A 395 32.13 4.35 21.82
N GLY A 396 32.81 3.21 21.69
CA GLY A 396 33.89 3.10 20.71
C GLY A 396 33.39 3.19 19.29
N GLN A 397 32.24 2.57 19.00
CA GLN A 397 31.67 2.65 17.66
C GLN A 397 31.24 4.08 17.33
N VAL A 398 30.75 4.81 18.32
CA VAL A 398 30.41 6.22 18.11
C VAL A 398 31.67 7.01 17.73
N VAL A 399 32.76 6.79 18.48
CA VAL A 399 34.01 7.49 18.21
C VAL A 399 34.52 7.18 16.81
N MET A 400 34.41 5.92 16.38
CA MET A 400 34.94 5.51 15.09
C MET A 400 34.16 6.14 13.94
N TRP A 401 32.83 6.04 13.99
CA TRP A 401 32.01 6.68 12.95
C TRP A 401 32.23 8.18 12.92
N GLN A 402 32.39 8.81 14.09
CA GLN A 402 32.69 10.24 14.13
C GLN A 402 34.03 10.56 13.50
N HIS A 403 34.99 9.63 13.57
CA HIS A 403 36.26 9.84 12.89
C HIS A 403 36.09 9.72 11.39
N LEU A 404 35.31 8.74 10.93
CA LEU A 404 35.08 8.57 9.50
C LEU A 404 34.47 9.82 8.87
N LEU A 405 33.54 10.46 9.58
CA LEU A 405 32.88 11.65 9.03
C LEU A 405 33.84 12.84 9.01
N VAL A 406 34.57 13.06 10.10
CA VAL A 406 35.54 14.15 10.13
C VAL A 406 36.66 13.91 9.13
N GLU A 407 37.02 12.64 8.90
CA GLU A 407 38.10 12.32 7.98
C GLU A 407 37.73 12.63 6.54
N SER A 408 36.46 12.41 6.17
CA SER A 408 36.06 12.47 4.76
C SER A 408 36.32 13.84 4.14
N ALA A 409 36.33 14.89 4.96
CA ALA A 409 36.57 16.24 4.44
C ALA A 409 38.07 16.55 4.44
N SER A 410 38.81 15.68 3.74
CA SER A 410 40.25 15.83 3.62
C SER A 410 40.74 15.40 2.25
N VAL A 424 34.06 16.80 -2.20
CA VAL A 424 33.73 17.10 -0.82
C VAL A 424 32.99 18.44 -0.75
N LEU A 425 31.83 18.43 -0.10
CA LEU A 425 31.04 19.63 0.11
C LEU A 425 30.72 19.92 1.56
N LEU A 426 30.70 18.90 2.43
CA LEU A 426 30.31 19.05 3.82
C LEU A 426 31.51 18.85 4.73
N ASP A 427 31.62 19.70 5.75
CA ASP A 427 32.62 19.58 6.79
C ASP A 427 31.94 19.29 8.12
N PHE A 428 32.62 18.52 8.97
CA PHE A 428 32.09 18.10 10.25
C PHE A 428 33.05 18.49 11.36
N GLU A 429 32.53 19.06 12.43
CA GLU A 429 33.31 19.47 13.58
C GLU A 429 32.92 18.64 14.80
N ASN A 430 33.92 18.30 15.61
CA ASN A 430 33.67 17.61 16.87
C ASN A 430 33.21 18.59 17.94
N LEU A 431 32.28 18.15 18.76
CA LEU A 431 31.76 18.97 19.84
C LEU A 431 32.62 18.81 21.10
N PRO A 432 32.64 19.81 21.97
CA PRO A 432 33.36 19.66 23.24
C PRO A 432 32.74 18.54 24.09
N VAL A 433 33.56 17.94 24.94
CA VAL A 433 33.06 16.95 25.88
C VAL A 433 32.13 17.63 26.88
N ILE A 434 31.09 16.93 27.29
CA ILE A 434 30.14 17.46 28.26
C ILE A 434 30.70 17.24 29.66
N GLU A 435 30.65 18.28 30.49
CA GLU A 435 31.13 18.22 31.86
C GLU A 435 29.97 17.85 32.77
N LEU A 436 29.95 16.62 33.26
CA LEU A 436 28.93 16.16 34.18
C LEU A 436 29.38 16.44 35.61
N SER A 437 28.47 16.96 36.43
CA SER A 437 28.83 17.37 37.79
C SER A 437 29.00 16.20 38.74
N ARG A 438 28.38 15.05 38.45
CA ARG A 438 28.55 13.85 39.25
C ARG A 438 29.14 12.75 38.38
N ALA A 439 29.69 11.73 39.04
CA ALA A 439 30.40 10.66 38.35
C ALA A 439 29.98 9.29 38.86
N VAL A 440 29.87 8.33 37.95
CA VAL A 440 29.60 6.94 38.30
C VAL A 440 30.78 6.43 39.11
N PRO A 441 30.58 5.97 40.35
CA PRO A 441 31.69 5.39 41.11
C PRO A 441 32.11 4.04 40.53
N GLU A 442 32.70 4.06 39.33
CA GLU A 442 33.02 2.83 38.64
C GLU A 442 34.13 2.05 39.35
N SER A 443 35.16 2.76 39.81
CA SER A 443 36.27 2.10 40.49
C SER A 443 35.79 1.36 41.74
N SER A 444 34.90 1.98 42.51
CA SER A 444 34.38 1.32 43.70
C SER A 444 33.44 0.18 43.33
N TRP A 445 32.60 0.38 42.31
CA TRP A 445 31.63 -0.64 41.95
C TRP A 445 32.27 -1.91 41.44
N THR A 446 33.43 -1.81 40.78
CA THR A 446 34.11 -2.99 40.27
C THR A 446 34.47 -3.96 41.39
N ARG A 447 34.65 -3.45 42.61
CA ARG A 447 34.93 -4.29 43.77
C ARG A 447 33.66 -4.79 44.44
N THR A 448 32.66 -3.94 44.61
CA THR A 448 31.50 -4.23 45.43
C THR A 448 30.32 -4.83 44.66
N ASP A 449 30.26 -4.66 43.35
CA ASP A 449 29.09 -5.08 42.59
C ASP A 449 29.29 -6.50 42.06
N PRO A 450 28.46 -7.46 42.45
CA PRO A 450 28.57 -8.81 41.90
C PRO A 450 28.21 -8.91 40.42
N ARG A 451 27.74 -7.82 39.81
CA ARG A 451 27.36 -7.81 38.39
C ARG A 451 28.30 -6.97 37.55
N ALA A 452 29.42 -6.51 38.11
CA ALA A 452 30.34 -5.67 37.35
C ALA A 452 30.87 -6.38 36.11
N LYS A 453 31.02 -7.70 36.17
CA LYS A 453 31.47 -8.45 35.00
C LYS A 453 30.39 -8.51 33.94
N GLU A 454 29.12 -8.39 34.32
CA GLU A 454 28.06 -8.33 33.33
C GLU A 454 28.05 -7.02 32.55
N MET A 455 28.81 -6.02 33.00
CA MET A 455 28.80 -4.70 32.39
C MET A 455 29.85 -4.54 31.28
N GLU A 456 30.85 -5.41 31.22
CA GLU A 456 31.88 -5.27 30.20
C GLU A 456 31.43 -5.93 28.90
N SER A 457 31.99 -5.44 27.79
CA SER A 457 31.70 -5.96 26.47
C SER A 457 32.65 -7.12 26.17
N ARG A 458 32.08 -8.32 26.02
CA ARG A 458 32.90 -9.52 25.88
C ARG A 458 33.78 -9.47 24.64
N ILE B 2 29.67 24.30 24.30
CA ILE B 2 28.82 24.90 25.33
C ILE B 2 27.45 24.23 25.34
N LEU B 3 27.34 23.15 26.10
CA LEU B 3 26.08 22.47 26.36
C LEU B 3 25.90 22.39 27.87
N LYS B 4 24.91 23.11 28.39
CA LYS B 4 24.65 23.08 29.82
C LYS B 4 24.23 21.68 30.26
N SER B 5 24.72 21.26 31.42
CA SER B 5 24.57 19.89 31.88
C SER B 5 24.10 19.88 33.33
N ARG B 6 23.36 18.83 33.68
CA ARG B 6 22.86 18.64 35.03
C ARG B 6 22.77 17.15 35.34
N VAL B 7 22.98 16.82 36.60
CA VAL B 7 22.72 15.48 37.13
C VAL B 7 21.75 15.68 38.30
N PHE B 8 20.47 15.41 38.07
CA PHE B 8 19.47 15.65 39.09
C PHE B 8 19.60 14.65 40.23
N ASP B 9 19.30 15.11 41.43
CA ASP B 9 19.14 14.19 42.56
C ASP B 9 18.03 13.20 42.25
N GLU B 10 18.14 12.00 42.81
CA GLU B 10 17.04 11.06 42.72
C GLU B 10 15.85 11.66 43.45
N PRO B 11 14.75 11.94 42.76
CA PRO B 11 13.67 12.75 43.37
C PRO B 11 13.14 12.12 44.65
N MET B 12 12.86 12.98 45.62
CA MET B 12 12.47 12.55 46.96
C MET B 12 10.96 12.36 47.05
N LEU B 13 10.56 11.34 47.80
CA LEU B 13 9.16 11.03 48.03
C LEU B 13 8.82 11.22 49.51
N GLU B 14 7.58 11.62 49.78
CA GLU B 14 7.12 11.85 51.13
C GLU B 14 6.23 10.69 51.57
N PHE B 15 6.52 10.14 52.75
CA PHE B 15 5.79 9.01 53.29
C PHE B 15 4.97 9.45 54.50
N GLY B 16 4.68 8.51 55.39
CA GLY B 16 3.90 8.83 56.57
C GLY B 16 4.67 9.70 57.56
N ASP B 17 3.93 10.55 58.27
CA ASP B 17 4.49 11.42 59.29
C ASP B 17 5.56 12.35 58.73
N GLY B 18 5.43 12.72 57.46
CA GLY B 18 6.41 13.58 56.83
C GLY B 18 7.76 12.93 56.57
N GLY B 19 7.87 11.62 56.74
CA GLY B 19 9.13 10.96 56.44
C GLY B 19 9.45 11.05 54.96
N GLN B 20 10.75 11.17 54.66
CA GLN B 20 11.20 11.39 53.30
C GLN B 20 12.26 10.36 52.93
N HIS B 21 12.15 9.82 51.71
CA HIS B 21 13.13 8.90 51.17
C HIS B 21 12.98 8.83 49.67
N LEU B 22 14.07 8.45 49.00
CA LEU B 22 14.05 8.31 47.54
C LEU B 22 13.50 6.96 47.10
N ASP B 23 13.55 5.95 47.97
CA ASP B 23 13.15 4.60 47.61
C ASP B 23 11.77 4.31 48.16
N PRO B 24 10.80 3.94 47.33
CA PRO B 24 9.47 3.57 47.88
C PRO B 24 9.53 2.42 48.86
N ARG B 25 10.42 1.45 48.62
CA ARG B 25 10.50 0.28 49.51
C ARG B 25 11.08 0.66 50.86
N GLN B 26 12.22 1.34 50.86
CA GLN B 26 12.83 1.76 52.12
C GLN B 26 11.98 2.78 52.85
N GLY B 27 11.26 3.63 52.12
CA GLY B 27 10.43 4.63 52.77
C GLY B 27 9.25 4.01 53.51
N LEU B 28 8.56 3.06 52.87
CA LEU B 28 7.45 2.37 53.54
C LEU B 28 7.96 1.55 54.72
N ARG B 29 9.17 0.98 54.60
CA ARG B 29 9.75 0.22 55.70
C ARG B 29 9.94 1.08 56.94
N GLU B 30 10.38 2.32 56.74
CA GLU B 30 10.72 3.19 57.86
C GLU B 30 9.53 3.99 58.38
N TYR B 31 8.70 4.52 57.49
CA TYR B 31 7.63 5.44 57.89
C TYR B 31 6.23 4.94 57.60
N GLY B 32 6.06 3.92 56.77
CA GLY B 32 4.74 3.46 56.40
C GLY B 32 4.12 4.34 55.33
N PRO B 33 2.87 4.06 54.97
CA PRO B 33 2.24 4.80 53.87
C PRO B 33 1.90 6.24 54.22
N LEU B 34 1.42 6.99 53.23
CA LEU B 34 1.22 8.43 53.41
C LEU B 34 0.12 8.72 54.43
N GLN B 35 -1.07 8.14 54.24
CA GLN B 35 -2.24 8.45 55.05
C GLN B 35 -2.84 7.17 55.61
N PRO B 36 -2.16 6.52 56.57
CA PRO B 36 -2.70 5.28 57.13
C PRO B 36 -3.85 5.56 58.09
N ARG B 37 -4.74 4.58 58.20
CA ARG B 37 -5.85 4.61 59.15
C ARG B 37 -5.81 3.35 59.98
N SER B 38 -6.39 3.43 61.18
CA SER B 38 -6.45 2.28 62.06
C SER B 38 -7.42 1.25 61.51
N GLY B 39 -6.98 0.00 61.42
CA GLY B 39 -7.79 -1.04 60.83
C GLY B 39 -7.75 -1.09 59.31
N ASP B 40 -6.70 -0.54 58.70
CA ASP B 40 -6.57 -0.54 57.25
C ASP B 40 -6.43 -1.97 56.73
N VAL B 41 -7.30 -2.35 55.79
CA VAL B 41 -7.29 -3.69 55.23
C VAL B 41 -7.61 -3.62 53.75
N VAL B 42 -6.92 -4.45 52.97
CA VAL B 42 -7.21 -4.64 51.56
C VAL B 42 -7.79 -6.04 51.40
N HIS B 43 -9.05 -6.14 51.00
CA HIS B 43 -9.73 -7.41 50.85
C HIS B 43 -9.46 -7.95 49.45
N VAL B 44 -8.84 -9.13 49.38
CA VAL B 44 -8.34 -9.69 48.13
C VAL B 44 -9.19 -10.90 47.78
N GLY B 45 -10.00 -10.77 46.72
CA GLY B 45 -10.65 -11.93 46.15
C GLY B 45 -9.70 -12.70 45.25
N VAL B 46 -10.03 -13.98 45.01
CA VAL B 46 -9.21 -14.85 44.19
C VAL B 46 -10.09 -15.61 43.20
N ILE B 47 -9.65 -15.68 41.95
CA ILE B 47 -10.25 -16.54 40.94
C ILE B 47 -9.16 -17.47 40.41
N GLY B 48 -9.46 -18.76 40.33
CA GLY B 48 -8.51 -19.72 39.82
C GLY B 48 -9.03 -21.12 40.03
N THR B 49 -8.11 -22.08 39.99
CA THR B 49 -8.44 -23.45 40.35
C THR B 49 -8.25 -23.65 41.85
N GLU B 50 -8.75 -24.78 42.35
CA GLU B 50 -8.52 -25.12 43.76
C GLU B 50 -7.03 -25.21 44.07
N ASP B 51 -6.24 -25.63 43.07
CA ASP B 51 -4.79 -25.69 43.26
C ASP B 51 -4.17 -24.31 43.36
N THR B 52 -4.58 -23.39 42.48
CA THR B 52 -3.98 -22.05 42.46
C THR B 52 -4.57 -21.14 43.53
N ILE B 53 -5.85 -21.31 43.86
CA ILE B 53 -6.43 -20.52 44.95
C ILE B 53 -5.72 -20.83 46.26
N ALA B 54 -5.54 -22.12 46.56
CA ALA B 54 -4.79 -22.51 47.75
C ALA B 54 -3.32 -22.14 47.64
N GLY B 55 -2.76 -22.17 46.43
CA GLY B 55 -1.37 -21.78 46.26
C GLY B 55 -1.14 -20.32 46.53
N PHE B 56 -2.09 -19.47 46.11
CA PHE B 56 -1.95 -18.04 46.36
C PHE B 56 -2.14 -17.72 47.84
N SER B 57 -3.10 -18.39 48.49
CA SER B 57 -3.29 -18.19 49.92
C SER B 57 -2.04 -18.55 50.72
N GLU B 58 -1.25 -19.50 50.22
CA GLU B 58 -0.02 -19.87 50.90
C GLU B 58 1.11 -18.87 50.63
N PHE B 59 1.11 -18.23 49.46
CA PHE B 59 2.11 -17.21 49.20
C PHE B 59 1.83 -15.94 49.99
N LEU B 60 0.56 -15.60 50.16
CA LEU B 60 0.20 -14.48 51.03
C LEU B 60 0.66 -14.72 52.46
N ALA B 61 0.47 -15.95 52.96
CA ALA B 61 0.88 -16.26 54.32
C ALA B 61 2.39 -16.21 54.47
N GLU B 62 3.13 -16.78 53.51
CA GLU B 62 4.58 -16.71 53.58
C GLU B 62 5.07 -15.27 53.43
N THR B 63 4.32 -14.43 52.70
CA THR B 63 4.66 -13.01 52.63
C THR B 63 4.45 -12.33 53.98
N ALA B 64 3.35 -12.66 54.66
CA ALA B 64 3.07 -12.05 55.96
C ALA B 64 4.15 -12.39 56.97
N ALA B 65 4.70 -13.61 56.91
CA ALA B 65 5.74 -14.03 57.83
C ALA B 65 7.11 -13.44 57.51
N GLY B 66 7.26 -12.79 56.35
CA GLY B 66 8.53 -12.20 55.98
C GLY B 66 9.35 -13.09 55.07
N ILE B 67 10.09 -12.48 54.14
CA ILE B 67 10.94 -13.20 53.21
C ILE B 67 12.29 -12.49 53.15
N ASP B 68 13.37 -13.25 53.15
CA ASP B 68 14.71 -12.70 53.20
C ASP B 68 15.29 -12.57 51.79
N SER B 69 16.29 -11.70 51.68
CA SER B 69 16.99 -11.49 50.41
C SER B 69 17.91 -12.66 50.10
N ASP B 70 18.14 -12.87 48.81
CA ASP B 70 19.07 -13.90 48.33
C ASP B 70 20.29 -13.30 47.64
N ASN B 71 20.50 -11.98 47.78
CA ASN B 71 21.65 -11.28 47.21
C ASN B 71 21.88 -10.03 48.07
N LYS B 72 22.34 -10.25 49.31
CA LYS B 72 22.49 -9.16 50.26
C LYS B 72 23.65 -8.23 49.93
N GLN B 73 24.49 -8.57 48.95
CA GLN B 73 25.53 -7.64 48.53
C GLN B 73 25.00 -6.50 47.68
N LEU B 74 23.80 -6.66 47.11
CA LEU B 74 23.04 -5.58 46.51
C LEU B 74 21.72 -5.46 47.27
N ILE B 75 21.81 -5.03 48.52
CA ILE B 75 20.68 -5.14 49.43
C ILE B 75 19.57 -4.15 49.06
N ASN B 76 19.94 -2.97 48.57
CA ASN B 76 18.93 -1.98 48.23
C ASN B 76 18.15 -2.38 46.99
N LEU B 77 18.81 -3.03 46.03
CA LEU B 77 18.13 -3.52 44.84
C LEU B 77 17.39 -4.82 45.12
N ASN B 78 17.90 -5.64 46.04
CA ASN B 78 17.27 -6.90 46.43
C ASN B 78 17.03 -6.89 47.93
N PRO B 79 16.03 -6.17 48.40
CA PRO B 79 15.77 -6.11 49.83
C PRO B 79 14.99 -7.33 50.31
N ASP B 80 15.04 -7.54 51.62
CA ASP B 80 14.11 -8.47 52.24
C ASP B 80 12.72 -7.84 52.27
N PHE B 81 11.71 -8.68 52.43
CA PHE B 81 10.41 -8.18 52.81
C PHE B 81 10.20 -8.41 54.29
N PRO B 82 10.09 -7.35 55.11
CA PRO B 82 10.06 -7.53 56.56
C PRO B 82 8.77 -8.15 57.10
N GLY B 83 7.80 -8.47 56.24
CA GLY B 83 6.60 -9.15 56.68
C GLY B 83 5.46 -8.19 56.95
N LEU B 84 4.31 -8.78 57.29
CA LEU B 84 3.08 -8.05 57.55
C LEU B 84 2.73 -8.00 59.03
N GLY B 85 3.74 -8.11 59.89
CA GLY B 85 3.52 -8.05 61.32
C GLY B 85 3.77 -6.67 61.90
N ASN B 86 4.73 -6.57 62.82
CA ASN B 86 5.04 -5.28 63.41
C ASN B 86 5.79 -4.38 62.43
N GLN B 87 6.64 -4.97 61.60
CA GLN B 87 7.41 -4.24 60.60
C GLN B 87 6.68 -4.10 59.27
N ASN B 88 5.34 -4.05 59.29
CA ASN B 88 4.55 -3.98 58.06
C ASN B 88 4.80 -2.64 57.39
N PRO B 89 5.39 -2.61 56.19
CA PRO B 89 5.63 -1.31 55.53
C PRO B 89 4.35 -0.63 55.07
N PHE B 90 3.32 -1.39 54.72
CA PHE B 90 2.06 -0.81 54.29
C PHE B 90 1.14 -0.48 55.46
N ARG B 91 1.47 -0.92 56.68
CA ARG B 91 0.64 -0.72 57.87
C ARG B 91 -0.82 -1.02 57.56
N CYS B 92 -1.03 -2.18 56.94
CA CYS B 92 -2.30 -2.57 56.36
C CYS B 92 -2.34 -4.09 56.29
N LYS B 93 -3.54 -4.65 56.37
CA LYS B 93 -3.72 -6.09 56.31
C LYS B 93 -4.18 -6.51 54.92
N PHE B 94 -3.66 -7.64 54.46
CA PHE B 94 -4.02 -8.22 53.17
C PHE B 94 -4.71 -9.55 53.45
N VAL B 95 -6.02 -9.59 53.24
CA VAL B 95 -6.86 -10.68 53.73
C VAL B 95 -7.79 -11.14 52.61
N ILE B 96 -7.90 -12.45 52.42
CA ILE B 96 -8.90 -13.04 51.53
C ILE B 96 -10.15 -13.31 52.35
N PRO B 97 -11.25 -12.59 52.12
CA PRO B 97 -12.47 -12.84 52.89
C PRO B 97 -13.06 -14.21 52.57
N ASP B 98 -13.88 -14.70 53.50
CA ASP B 98 -14.59 -15.94 53.26
C ASP B 98 -15.56 -15.78 52.11
N GLY B 99 -15.64 -16.81 51.25
CA GLY B 99 -16.52 -16.75 50.11
C GLY B 99 -16.10 -15.79 49.02
N ALA B 100 -14.91 -15.19 49.14
CA ALA B 100 -14.38 -14.30 48.10
C ALA B 100 -13.46 -15.05 47.15
N THR B 101 -13.72 -16.32 46.90
CA THR B 101 -12.95 -17.13 45.96
C THR B 101 -13.90 -17.82 45.01
N ALA B 102 -13.55 -17.81 43.72
CA ALA B 102 -14.31 -18.50 42.68
C ALA B 102 -13.40 -19.52 42.01
N THR B 103 -13.91 -20.73 41.83
CA THR B 103 -13.13 -21.83 41.28
C THR B 103 -13.49 -22.07 39.82
N ILE B 104 -12.47 -22.35 39.01
CA ILE B 104 -12.67 -22.78 37.64
C ILE B 104 -12.41 -24.28 37.59
N SER B 105 -13.42 -25.04 37.16
CA SER B 105 -13.30 -26.49 37.15
C SER B 105 -12.23 -26.95 36.17
N ARG B 106 -11.58 -28.06 36.51
CA ARG B 106 -10.55 -28.61 35.64
C ARG B 106 -11.11 -29.09 34.31
N ARG B 107 -12.43 -29.26 34.22
CA ARG B 107 -13.07 -29.51 32.93
C ARG B 107 -13.18 -28.22 32.13
N GLN B 108 -13.46 -27.10 32.79
CA GLN B 108 -13.48 -25.81 32.11
C GLN B 108 -12.09 -25.43 31.61
N VAL B 109 -11.05 -25.83 32.33
CA VAL B 109 -9.68 -25.50 31.90
C VAL B 109 -9.33 -26.24 30.62
N THR B 110 -9.58 -27.55 30.59
CA THR B 110 -9.25 -28.35 29.41
C THR B 110 -10.11 -28.00 28.21
N GLU B 111 -11.31 -27.45 28.43
CA GLU B 111 -12.14 -27.01 27.31
C GLU B 111 -11.47 -25.85 26.57
N ILE B 112 -11.07 -24.82 27.31
CA ILE B 112 -10.41 -23.66 26.70
C ILE B 112 -9.07 -24.06 26.10
N LYS B 113 -8.32 -24.92 26.81
CA LYS B 113 -7.02 -25.36 26.31
C LYS B 113 -7.13 -26.15 25.00
N GLN B 114 -8.30 -26.70 24.71
CA GLN B 114 -8.48 -27.51 23.51
C GLN B 114 -9.18 -26.78 22.37
N ILE B 115 -9.51 -25.49 22.55
CA ILE B 115 -10.11 -24.73 21.46
C ILE B 115 -9.07 -24.52 20.36
N GLY B 116 -9.48 -24.76 19.12
CA GLY B 116 -8.52 -24.72 18.02
C GLY B 116 -8.04 -23.32 17.71
N ARG B 117 -8.97 -22.38 17.52
CA ARG B 117 -8.62 -21.02 17.16
C ARG B 117 -8.23 -20.22 18.40
N HIS B 118 -7.15 -19.46 18.30
CA HIS B 118 -6.68 -18.68 19.44
C HIS B 118 -7.70 -17.62 19.84
N ASP B 119 -8.33 -16.96 18.87
CA ASP B 119 -9.27 -15.91 19.18
C ASP B 119 -10.51 -16.45 19.87
N GLU B 120 -10.93 -17.67 19.53
CA GLU B 120 -12.11 -18.24 20.17
C GLU B 120 -11.81 -18.70 21.60
N ALA B 121 -10.60 -19.19 21.84
CA ALA B 121 -10.22 -19.59 23.20
C ALA B 121 -10.12 -18.38 24.12
N VAL B 122 -9.64 -17.26 23.59
CA VAL B 122 -9.52 -16.05 24.40
C VAL B 122 -10.90 -15.50 24.77
N ARG B 123 -11.78 -15.39 23.78
CA ARG B 123 -13.13 -14.87 24.03
C ARG B 123 -13.90 -15.74 25.00
N ARG B 124 -13.70 -17.06 24.93
CA ARG B 124 -14.39 -17.97 25.85
C ARG B 124 -13.80 -17.88 27.26
N ALA B 125 -12.48 -17.74 27.37
CA ALA B 125 -11.86 -17.59 28.68
C ALA B 125 -12.25 -16.27 29.34
N VAL B 126 -12.33 -15.20 28.55
CA VAL B 126 -12.74 -13.89 29.08
C VAL B 126 -14.17 -13.96 29.58
N ALA B 127 -15.07 -14.51 28.76
CA ALA B 127 -16.47 -14.63 29.16
C ALA B 127 -16.64 -15.50 30.39
N LEU B 128 -15.81 -16.53 30.55
CA LEU B 128 -15.89 -17.38 31.73
C LEU B 128 -15.44 -16.63 32.97
N ILE B 129 -14.30 -15.96 32.90
CA ILE B 129 -13.77 -15.23 34.05
C ILE B 129 -14.67 -14.04 34.38
N ALA B 130 -15.22 -13.38 33.36
CA ALA B 130 -16.16 -12.30 33.60
C ALA B 130 -17.40 -12.79 34.34
N ASP B 131 -17.78 -14.05 34.14
CA ASP B 131 -18.89 -14.62 34.89
C ASP B 131 -18.51 -14.83 36.35
N GLN B 132 -17.35 -15.46 36.60
CA GLN B 132 -16.88 -15.64 37.96
C GLN B 132 -16.64 -14.31 38.65
N LEU B 133 -16.06 -13.34 37.92
CA LEU B 133 -15.88 -12.01 38.47
C LEU B 133 -17.21 -11.41 38.91
N SER B 134 -18.24 -11.54 38.06
CA SER B 134 -19.54 -10.98 38.38
C SER B 134 -20.12 -11.60 39.64
N ALA B 135 -19.98 -12.92 39.79
CA ALA B 135 -20.56 -13.61 40.94
C ALA B 135 -19.95 -13.12 42.25
N LEU B 136 -18.62 -13.06 42.30
CA LEU B 136 -17.95 -12.64 43.54
C LEU B 136 -18.50 -11.28 43.94
N MET B 137 -18.72 -10.41 42.98
CA MET B 137 -19.19 -9.04 43.29
C MET B 137 -20.61 -9.07 43.84
N GLU B 138 -21.44 -9.95 43.32
CA GLU B 138 -22.84 -10.07 43.79
C GLU B 138 -22.80 -10.49 45.26
N SER B 139 -21.84 -11.33 45.62
CA SER B 139 -21.69 -11.78 47.03
C SER B 139 -21.41 -10.55 47.88
N SER B 140 -21.82 -10.57 49.15
CA SER B 140 -21.72 -9.34 50.00
C SER B 140 -20.25 -9.03 50.28
N ALA B 141 -19.34 -9.90 49.87
CA ALA B 141 -17.90 -9.68 50.12
C ALA B 141 -17.43 -8.37 49.49
N LYS B 142 -17.85 -8.09 48.26
CA LYS B 142 -17.44 -6.85 47.57
C LYS B 142 -15.92 -6.63 47.73
N PRO B 143 -15.02 -7.51 47.24
CA PRO B 143 -13.58 -7.33 47.45
C PRO B 143 -13.01 -6.01 46.90
N ASP B 144 -11.80 -5.63 47.34
CA ASP B 144 -11.17 -4.42 46.83
C ASP B 144 -10.38 -4.68 45.57
N VAL B 145 -9.75 -5.85 45.47
CA VAL B 145 -8.98 -6.26 44.31
C VAL B 145 -9.06 -7.77 44.21
N ILE B 146 -9.14 -8.28 42.98
CA ILE B 146 -9.36 -9.70 42.74
C ILE B 146 -8.18 -10.26 41.95
N VAL B 147 -7.44 -11.17 42.58
CA VAL B 147 -6.29 -11.79 41.94
C VAL B 147 -6.76 -12.93 41.05
N LEU B 148 -6.26 -12.96 39.81
CA LEU B 148 -6.57 -14.02 38.86
C LEU B 148 -5.37 -14.95 38.75
N ALA B 149 -5.54 -16.17 39.26
CA ALA B 149 -4.47 -17.18 39.26
C ALA B 149 -4.90 -18.32 38.35
N LEU B 150 -4.67 -18.14 37.05
CA LEU B 150 -4.95 -19.18 36.07
C LEU B 150 -3.78 -20.16 36.00
N PRO B 151 -4.04 -21.46 35.95
CA PRO B 151 -2.94 -22.43 35.95
C PRO B 151 -2.00 -22.23 34.76
N VAL B 152 -0.76 -22.70 34.95
CA VAL B 152 0.30 -22.44 33.97
C VAL B 152 -0.09 -22.89 32.55
N PRO B 153 -0.66 -24.08 32.34
CA PRO B 153 -1.05 -24.44 30.96
C PRO B 153 -2.09 -23.51 30.36
N LEU B 154 -2.95 -22.89 31.17
CA LEU B 154 -3.97 -22.02 30.62
C LEU B 154 -3.41 -20.65 30.25
N ILE B 155 -2.48 -20.12 31.05
CA ILE B 155 -1.80 -18.89 30.65
C ILE B 155 -1.00 -19.11 29.39
N GLU B 156 -0.31 -20.25 29.29
CA GLU B 156 0.49 -20.54 28.11
C GLU B 156 -0.38 -20.69 26.87
N LYS B 157 -1.63 -21.10 27.04
CA LYS B 157 -2.56 -21.13 25.92
C LYS B 157 -2.96 -19.73 25.49
N LEU B 158 -3.23 -18.85 26.45
CA LEU B 158 -3.82 -17.56 26.15
C LEU B 158 -2.79 -16.49 25.82
N VAL B 159 -1.52 -16.68 26.21
CA VAL B 159 -0.49 -15.68 26.06
C VAL B 159 0.53 -16.15 25.04
N ASN B 160 0.82 -15.31 24.05
CA ASN B 160 1.79 -15.65 23.03
C ASN B 160 3.21 -15.59 23.60
N ALA B 161 4.11 -16.37 22.99
CA ALA B 161 5.51 -16.39 23.35
C ALA B 161 6.33 -15.66 22.30
N LYS B 162 7.50 -15.18 22.71
CA LYS B 162 8.36 -14.43 21.80
C LYS B 162 9.85 -14.61 22.04
N SER B 163 10.26 -15.47 22.98
CA SER B 163 11.67 -15.78 23.21
C SER B 163 12.53 -14.54 23.45
N ARG B 176 0.06 -6.36 16.71
CA ARG B 176 -0.59 -6.89 17.90
C ARG B 176 -2.09 -7.07 17.68
N ASP B 177 -2.62 -6.36 16.68
CA ASP B 177 -4.03 -6.44 16.37
C ASP B 177 -4.42 -7.72 15.64
N ASP B 178 -3.44 -8.49 15.16
CA ASP B 178 -3.76 -9.69 14.40
C ASP B 178 -4.41 -10.75 15.29
N THR B 179 -3.92 -10.92 16.51
CA THR B 179 -4.47 -11.87 17.46
C THR B 179 -5.02 -11.13 18.66
N LEU B 180 -6.11 -11.66 19.22
CA LEU B 180 -6.68 -11.11 20.43
C LEU B 180 -5.68 -11.21 21.57
N ASN B 181 -5.55 -10.12 22.33
CA ASN B 181 -4.75 -10.12 23.55
C ASN B 181 -5.67 -10.46 24.72
N PHE B 182 -5.34 -11.53 25.44
CA PHE B 182 -6.20 -11.98 26.53
C PHE B 182 -6.36 -10.90 27.59
N ARG B 183 -5.25 -10.30 28.03
CA ARG B 183 -5.30 -9.33 29.12
C ARG B 183 -6.13 -8.11 28.73
N ASP B 184 -5.90 -7.56 27.53
CA ASP B 184 -6.60 -6.36 27.11
C ASP B 184 -8.10 -6.58 27.04
N LEU B 185 -8.53 -7.70 26.46
CA LEU B 185 -9.96 -7.97 26.35
C LEU B 185 -10.57 -8.28 27.70
N LEU B 186 -9.82 -8.93 28.60
CA LEU B 186 -10.32 -9.17 29.95
C LEU B 186 -10.55 -7.87 30.69
N LYS B 187 -9.61 -6.93 30.59
CA LYS B 187 -9.77 -5.66 31.30
C LYS B 187 -10.95 -4.87 30.74
N ALA B 188 -11.15 -4.91 29.43
CA ALA B 188 -12.24 -4.17 28.81
C ALA B 188 -13.60 -4.76 29.18
N LYS B 189 -13.72 -6.09 29.13
CA LYS B 189 -15.00 -6.74 29.38
C LYS B 189 -15.36 -6.78 30.85
N THR B 190 -14.41 -6.55 31.76
CA THR B 190 -14.69 -6.53 33.19
C THR B 190 -14.60 -5.12 33.77
N LEU B 191 -14.46 -4.10 32.93
CA LEU B 191 -14.31 -2.73 33.43
C LEU B 191 -15.59 -2.24 34.10
N HIS B 192 -16.76 -2.68 33.64
CA HIS B 192 -18.01 -2.23 34.23
C HIS B 192 -18.26 -2.90 35.58
N LEU B 193 -17.61 -4.03 35.87
CA LEU B 193 -17.81 -4.71 37.15
C LEU B 193 -17.21 -3.94 38.32
N ASP B 194 -16.30 -3.00 38.05
CA ASP B 194 -15.83 -2.00 39.02
C ASP B 194 -14.90 -2.60 40.07
N VAL B 195 -14.07 -3.57 39.66
CA VAL B 195 -13.04 -4.12 40.54
C VAL B 195 -11.73 -4.34 39.80
N PRO B 196 -10.64 -3.76 40.30
CA PRO B 196 -9.32 -4.02 39.68
C PRO B 196 -8.94 -5.49 39.84
N THR B 197 -8.26 -5.99 38.82
CA THR B 197 -7.81 -7.38 38.78
C THR B 197 -6.31 -7.43 38.62
N GLN B 198 -5.72 -8.54 39.09
CA GLN B 198 -4.28 -8.75 39.00
C GLN B 198 -4.02 -10.19 38.56
N ILE B 199 -3.53 -10.36 37.35
CA ILE B 199 -3.22 -11.68 36.80
C ILE B 199 -1.81 -12.06 37.22
N VAL B 200 -1.63 -13.29 37.69
CA VAL B 200 -0.34 -13.74 38.21
C VAL B 200 0.00 -15.13 37.68
N TRP B 201 1.29 -15.41 37.60
CA TRP B 201 1.74 -16.78 37.35
C TRP B 201 1.59 -17.58 38.63
N PRO B 202 1.08 -18.82 38.57
CA PRO B 202 0.77 -19.55 39.81
C PRO B 202 1.97 -20.19 40.49
N ASP B 203 3.17 -20.15 39.91
CA ASP B 203 4.33 -20.68 40.59
C ASP B 203 5.20 -19.60 41.21
N THR B 204 5.36 -18.46 40.53
CA THR B 204 6.19 -17.38 41.02
C THR B 204 5.38 -16.20 41.58
N TRP B 205 4.08 -16.15 41.29
CA TRP B 205 3.19 -15.11 41.82
C TRP B 205 3.67 -13.71 41.45
N ASP B 206 3.95 -13.52 40.16
CA ASP B 206 4.30 -12.23 39.59
C ASP B 206 3.38 -11.94 38.43
N ASP B 207 3.46 -10.71 37.91
CA ASP B 207 2.54 -10.26 36.88
C ASP B 207 2.63 -11.15 35.64
N ALA B 208 1.46 -11.46 35.07
CA ALA B 208 1.36 -12.32 33.90
C ALA B 208 0.44 -11.67 32.87
N ALA B 209 0.63 -12.08 31.61
CA ALA B 209 -0.13 -11.66 30.43
C ALA B 209 0.08 -10.20 30.07
N LYS B 210 0.92 -9.45 30.81
CA LYS B 210 1.21 -8.07 30.45
C LYS B 210 2.21 -8.01 29.31
N ILE B 211 3.18 -8.91 29.30
CA ILE B 211 4.21 -8.96 28.26
C ILE B 211 4.18 -10.37 27.67
N PRO B 212 4.73 -10.54 26.47
CA PRO B 212 4.85 -11.90 25.91
C PRO B 212 5.66 -12.80 26.81
N ARG B 213 5.18 -14.04 26.98
CA ARG B 213 5.85 -15.00 27.84
C ARG B 213 7.04 -15.64 27.11
N LYS B 214 7.88 -16.33 27.88
CA LYS B 214 8.93 -17.14 27.30
C LYS B 214 8.35 -18.48 26.86
N VAL B 215 8.99 -19.05 25.82
CA VAL B 215 8.48 -20.31 25.26
C VAL B 215 8.61 -21.43 26.28
N LYS B 216 9.66 -21.41 27.09
CA LYS B 216 9.86 -22.37 28.16
C LYS B 216 10.11 -21.62 29.46
N ARG B 217 9.19 -21.78 30.41
CA ARG B 217 9.32 -21.10 31.70
C ARG B 217 10.52 -21.63 32.46
N ASP B 218 11.39 -20.73 32.91
CA ASP B 218 12.59 -21.11 33.64
C ASP B 218 12.30 -21.23 35.13
N ALA B 225 14.01 -12.41 42.78
CA ALA B 225 14.00 -12.76 44.20
C ALA B 225 12.58 -12.82 44.74
N LYS B 226 12.31 -13.85 45.55
CA LYS B 226 10.96 -14.04 46.09
C LYS B 226 10.53 -12.83 46.93
N ALA B 227 11.48 -12.21 47.63
CA ALA B 227 11.15 -11.02 48.42
C ALA B 227 10.72 -9.86 47.52
N THR B 228 11.40 -9.68 46.39
CA THR B 228 11.01 -8.64 45.45
C THR B 228 9.64 -8.90 44.87
N ARG B 229 9.34 -10.16 44.54
CA ARG B 229 8.01 -10.50 44.03
C ARG B 229 6.93 -10.28 45.08
N ALA B 230 7.28 -10.45 46.36
CA ALA B 230 6.32 -10.14 47.43
C ALA B 230 6.09 -8.63 47.52
N TRP B 231 7.18 -7.86 47.46
CA TRP B 231 7.05 -6.40 47.43
C TRP B 231 6.13 -5.95 46.31
N ASN B 232 6.40 -6.43 45.09
CA ASN B 232 5.66 -5.96 43.92
C ASN B 232 4.19 -6.37 43.99
N LEU B 233 3.91 -7.58 44.45
CA LEU B 233 2.53 -8.03 44.54
C LEU B 233 1.73 -7.18 45.51
N LEU B 234 2.32 -6.84 46.66
CA LEU B 234 1.58 -6.07 47.67
C LEU B 234 1.43 -4.62 47.25
N ASN B 235 2.47 -4.02 46.67
CA ASN B 235 2.37 -2.65 46.19
C ASN B 235 1.29 -2.52 45.12
N ALA B 236 1.14 -3.55 44.27
CA ALA B 236 0.13 -3.51 43.22
C ALA B 236 -1.27 -3.64 43.80
N LEU B 237 -1.46 -4.55 44.75
CA LEU B 237 -2.76 -4.67 45.41
C LEU B 237 -3.08 -3.42 46.23
N PHE B 238 -2.06 -2.88 46.91
CA PHE B 238 -2.23 -1.62 47.63
C PHE B 238 -2.71 -0.50 46.70
N TYR B 239 -2.09 -0.40 45.52
CA TYR B 239 -2.49 0.63 44.57
C TYR B 239 -3.88 0.39 44.03
N LYS B 240 -4.19 -0.87 43.67
CA LYS B 240 -5.49 -1.16 43.08
C LYS B 240 -6.63 -0.94 44.07
N ALA B 241 -6.39 -1.17 45.36
CA ALA B 241 -7.41 -0.92 46.36
C ALA B 241 -7.72 0.57 46.51
N GLY B 242 -6.82 1.44 46.09
CA GLY B 242 -7.04 2.87 46.18
C GLY B 242 -6.25 3.57 47.26
N LYS B 243 -5.34 2.88 47.93
CA LYS B 243 -4.56 3.47 49.01
C LYS B 243 -3.27 4.07 48.45
N VAL B 244 -2.82 5.15 49.09
CA VAL B 244 -1.73 5.97 48.60
C VAL B 244 -0.47 5.60 49.37
N PRO B 245 0.55 5.02 48.72
CA PRO B 245 1.77 4.63 49.44
C PRO B 245 2.67 5.81 49.79
N TRP B 246 2.77 6.77 48.88
CA TRP B 246 3.60 7.96 49.08
C TRP B 246 3.12 9.03 48.12
N ARG B 247 3.82 10.16 48.12
CA ARG B 247 3.52 11.27 47.23
C ARG B 247 4.81 11.92 46.76
N LEU B 248 4.75 12.48 45.56
CA LEU B 248 5.90 13.24 45.05
C LEU B 248 6.09 14.50 45.87
N LEU B 249 7.35 14.80 46.20
CA LEU B 249 7.67 16.00 46.96
C LEU B 249 7.79 17.17 45.99
N PRO B 250 6.87 18.13 46.00
CA PRO B 250 6.95 19.24 45.05
C PRO B 250 8.06 20.22 45.43
N ASP B 251 8.58 20.91 44.42
CA ASP B 251 9.65 21.89 44.65
C ASP B 251 9.15 23.17 45.32
N GLN B 252 7.85 23.28 45.58
CA GLN B 252 7.29 24.39 46.35
C GLN B 252 6.04 23.88 47.06
N ALA B 253 5.45 24.74 47.90
CA ALA B 253 4.36 24.32 48.76
C ALA B 253 3.14 25.23 48.65
N GLU B 254 3.01 25.99 47.58
CA GLU B 254 1.92 26.95 47.45
C GLU B 254 0.73 26.45 46.65
N TYR B 255 0.95 25.59 45.65
CA TYR B 255 -0.12 25.19 44.75
C TYR B 255 0.04 23.73 44.34
N ARG B 256 -1.03 23.17 43.82
CA ARG B 256 -1.07 21.80 43.34
C ARG B 256 -0.87 21.77 41.82
N THR B 257 -0.18 20.72 41.35
CA THR B 257 0.04 20.51 39.94
C THR B 257 -0.60 19.19 39.52
N SER B 258 -1.27 19.21 38.38
CA SER B 258 -1.85 18.01 37.79
C SER B 258 -1.16 17.73 36.46
N PHE B 259 -0.86 16.46 36.21
CA PHE B 259 -0.12 16.03 35.03
C PHE B 259 -1.10 15.32 34.09
N LEU B 260 -1.42 15.97 32.97
CA LEU B 260 -2.43 15.50 32.04
C LEU B 260 -1.76 14.91 30.81
N GLY B 261 -1.86 13.58 30.65
CA GLY B 261 -1.37 12.92 29.47
C GLY B 261 -2.47 12.77 28.43
N ILE B 262 -2.16 13.16 27.20
CA ILE B 262 -3.10 13.06 26.08
C ILE B 262 -2.58 12.00 25.13
N GLY B 263 -3.43 11.01 24.82
CA GLY B 263 -3.05 9.92 23.95
C GLY B 263 -4.12 9.63 22.91
N PHE B 264 -3.86 8.60 22.10
CA PHE B 264 -4.78 8.17 21.08
C PHE B 264 -4.70 6.65 20.92
N TYR B 265 -5.82 6.06 20.54
CA TYR B 265 -5.89 4.65 20.16
C TYR B 265 -6.79 4.53 18.96
N ARG B 266 -6.57 3.48 18.16
CA ARG B 266 -7.28 3.31 16.90
C ARG B 266 -8.26 2.15 17.00
N ASP B 267 -9.48 2.38 16.50
CA ASP B 267 -10.47 1.32 16.40
C ASP B 267 -10.07 0.31 15.32
N LEU B 268 -10.60 -0.90 15.47
CA LEU B 268 -10.35 -1.96 14.50
C LEU B 268 -11.49 -2.13 13.50
N ASP B 269 -12.72 -1.85 13.92
CA ASP B 269 -13.89 -1.98 13.07
C ASP B 269 -14.30 -0.60 12.54
N GLY B 270 -15.43 -0.55 11.85
CA GLY B 270 -15.94 0.74 11.41
C GLY B 270 -15.01 1.31 10.36
N GLN B 271 -14.52 2.53 10.61
CA GLN B 271 -13.60 3.22 9.72
C GLN B 271 -12.20 3.32 10.31
N GLN B 272 -11.91 2.55 11.37
CA GLN B 272 -10.61 2.58 12.04
C GLN B 272 -10.24 4.00 12.48
N LEU B 273 -11.23 4.73 12.98
CA LEU B 273 -10.98 6.07 13.48
C LEU B 273 -10.16 6.03 14.76
N TRP B 274 -9.46 7.12 15.04
CA TRP B 274 -8.74 7.27 16.28
C TRP B 274 -9.61 8.00 17.30
N THR B 275 -9.38 7.69 18.57
CA THR B 275 -10.10 8.32 19.68
C THR B 275 -9.08 8.87 20.67
N SER B 276 -9.30 10.11 21.11
CA SER B 276 -8.39 10.75 22.04
C SER B 276 -8.72 10.33 23.48
N THR B 277 -7.66 10.18 24.28
CA THR B 277 -7.81 9.82 25.68
C THR B 277 -7.03 10.82 26.54
N ALA B 278 -7.41 10.88 27.82
CA ALA B 278 -6.76 11.76 28.79
C ALA B 278 -6.40 10.95 30.02
N GLN B 279 -5.17 11.11 30.49
CA GLN B 279 -4.68 10.45 31.71
C GLN B 279 -4.27 11.54 32.69
N MET B 280 -5.13 11.83 33.65
CA MET B 280 -4.96 12.96 34.56
C MET B 280 -4.50 12.44 35.92
N PHE B 281 -3.23 12.69 36.24
CA PHE B 281 -2.62 12.21 37.46
C PHE B 281 -2.38 13.35 38.44
N ASP B 282 -2.56 13.07 39.73
CA ASP B 282 -2.26 14.02 40.78
C ASP B 282 -0.89 13.71 41.39
N GLU B 283 -0.45 14.55 42.31
CA GLU B 283 0.85 14.36 42.94
C GLU B 283 0.86 13.22 43.94
N ARG B 284 -0.28 12.58 44.18
CA ARG B 284 -0.35 11.37 44.99
C ARG B 284 -0.29 10.10 44.16
N GLY B 285 -0.13 10.22 42.85
CA GLY B 285 -0.01 9.05 41.99
C GLY B 285 -1.31 8.47 41.49
N ARG B 286 -2.44 9.14 41.73
CA ARG B 286 -3.75 8.65 41.30
C ARG B 286 -4.13 9.29 39.97
N GLY B 287 -4.67 8.47 39.07
CA GLY B 287 -4.98 8.90 37.72
C GLY B 287 -6.46 8.87 37.41
N LEU B 288 -6.90 9.80 36.57
CA LEU B 288 -8.26 9.85 36.07
C LEU B 288 -8.24 9.70 34.56
N ILE B 289 -9.10 8.82 34.04
CA ILE B 289 -9.08 8.44 32.63
C ILE B 289 -10.34 8.97 31.97
N LEU B 290 -10.17 9.72 30.88
CA LEU B 290 -11.27 10.29 30.13
C LEU B 290 -11.12 9.95 28.65
N ARG B 291 -12.26 9.80 27.98
CA ARG B 291 -12.30 9.65 26.53
C ARG B 291 -12.84 10.94 25.91
N GLY B 292 -12.13 11.45 24.91
CA GLY B 292 -12.52 12.64 24.21
C GLY B 292 -13.17 12.33 22.87
N ALA B 293 -13.16 13.32 21.99
CA ALA B 293 -13.75 13.15 20.67
C ALA B 293 -12.84 12.32 19.78
N ARG B 294 -13.36 11.96 18.61
CA ARG B 294 -12.54 11.30 17.60
C ARG B 294 -11.45 12.24 17.12
N ALA B 295 -10.28 11.69 16.84
CA ALA B 295 -9.15 12.48 16.38
C ALA B 295 -9.17 12.62 14.87
N GLN B 296 -8.64 13.75 14.39
CA GLN B 296 -8.30 13.87 12.99
C GLN B 296 -6.97 13.17 12.73
N THR B 297 -6.63 13.02 11.46
CA THR B 297 -5.36 12.42 11.07
C THR B 297 -4.73 13.28 9.99
N GLU B 298 -3.40 13.15 9.86
CA GLU B 298 -2.66 13.99 8.93
C GLU B 298 -2.57 13.38 7.54
N THR B 299 -2.10 12.14 7.42
CA THR B 299 -1.89 11.52 6.12
C THR B 299 -2.38 10.07 6.16
N LYS B 300 -3.37 9.76 5.33
CA LYS B 300 -3.81 8.38 5.10
C LYS B 300 -4.17 7.67 6.40
N GLY B 301 -4.88 8.39 7.27
CA GLY B 301 -5.35 7.78 8.51
C GLY B 301 -4.26 7.58 9.56
N ARG B 302 -3.21 8.37 9.52
CA ARG B 302 -2.10 8.19 10.48
C ARG B 302 -1.79 9.55 11.10
N HIS B 303 -0.90 9.59 12.08
CA HIS B 303 -0.60 10.84 12.85
C HIS B 303 -1.84 11.50 13.45
N PRO B 304 -2.53 10.84 14.41
CA PRO B 304 -3.69 11.40 15.09
C PRO B 304 -3.52 12.74 15.82
N TYR B 305 -4.48 13.64 15.65
CA TYR B 305 -4.40 14.90 16.36
C TYR B 305 -5.81 15.42 16.62
N LEU B 306 -5.90 16.38 17.54
CA LEU B 306 -7.17 16.97 17.95
C LEU B 306 -7.29 18.38 17.40
N THR B 307 -8.52 18.77 17.05
CA THR B 307 -8.79 20.16 16.72
C THR B 307 -8.71 21.01 17.99
N ALA B 308 -8.67 22.33 17.79
CA ALA B 308 -8.70 23.24 18.93
C ALA B 308 -9.99 23.08 19.72
N LYS B 309 -11.10 22.82 19.05
CA LYS B 309 -12.35 22.62 19.81
C LYS B 309 -12.27 21.33 20.62
N ASP B 310 -11.82 20.24 20.02
CA ASP B 310 -11.84 18.99 20.75
C ASP B 310 -10.77 18.93 21.83
N ALA B 311 -9.64 19.62 21.64
CA ALA B 311 -8.64 19.70 22.69
C ALA B 311 -9.15 20.56 23.85
N ASP B 312 -9.87 21.64 23.53
CA ASP B 312 -10.53 22.44 24.56
C ASP B 312 -11.48 21.58 25.38
N ASP B 313 -12.33 20.80 24.71
CA ASP B 313 -13.30 19.98 25.43
C ASP B 313 -12.62 18.92 26.27
N LEU B 314 -11.57 18.29 25.74
CA LEU B 314 -10.91 17.21 26.47
C LEU B 314 -10.26 17.70 27.75
N VAL B 315 -9.55 18.84 27.67
CA VAL B 315 -8.92 19.38 28.86
C VAL B 315 -9.97 19.89 29.84
N THR B 316 -11.06 20.47 29.32
CA THR B 316 -12.13 20.94 30.18
C THR B 316 -12.81 19.77 30.90
N GLN B 317 -12.98 18.65 30.20
N GLN B 317 -13.00 18.66 30.19
CA GLN B 317 -13.59 17.48 30.83
CA GLN B 317 -13.58 17.48 30.82
C GLN B 317 -12.66 16.85 31.86
C GLN B 317 -12.67 16.93 31.91
N SER B 318 -11.36 16.94 31.66
CA SER B 318 -10.41 16.38 32.63
C SER B 318 -10.35 17.23 33.89
N ILE B 319 -10.32 18.55 33.75
CA ILE B 319 -10.33 19.43 34.92
C ILE B 319 -11.60 19.23 35.73
N ALA B 320 -12.75 19.10 35.06
CA ALA B 320 -14.01 18.88 35.75
C ALA B 320 -13.98 17.58 36.54
N ALA B 321 -13.44 16.51 35.94
CA ALA B 321 -13.35 15.24 36.65
C ALA B 321 -12.40 15.35 37.83
N TYR B 322 -11.27 16.05 37.66
CA TYR B 322 -10.35 16.27 38.76
C TYR B 322 -11.03 17.05 39.88
N LYS B 323 -11.83 18.06 39.53
CA LYS B 323 -12.52 18.86 40.54
C LYS B 323 -13.56 18.02 41.26
N ALA B 324 -14.26 17.14 40.53
CA ALA B 324 -15.29 16.31 41.17
C ALA B 324 -14.68 15.33 42.16
N HIS B 325 -13.45 14.88 41.91
CA HIS B 325 -12.79 13.92 42.79
C HIS B 325 -11.93 14.56 43.86
N HIS B 326 -11.53 15.82 43.68
CA HIS B 326 -10.64 16.49 44.62
C HIS B 326 -11.23 17.73 45.27
N LYS B 327 -12.33 18.27 44.74
CA LYS B 327 -12.97 19.48 45.27
C LYS B 327 -12.03 20.68 45.26
N HIS B 328 -11.15 20.73 44.28
CA HIS B 328 -10.33 21.92 44.03
C HIS B 328 -9.75 21.81 42.62
N VAL B 329 -9.47 22.97 42.03
CA VAL B 329 -8.90 23.06 40.69
C VAL B 329 -7.40 23.28 40.82
N PRO B 330 -6.57 22.53 40.09
CA PRO B 330 -5.12 22.73 40.20
C PRO B 330 -4.71 24.09 39.64
N ALA B 331 -3.64 24.63 40.20
CA ALA B 331 -3.12 25.90 39.72
C ALA B 331 -2.17 25.72 38.54
N ARG B 332 -1.62 24.53 38.35
CA ARG B 332 -0.72 24.23 37.25
C ARG B 332 -1.14 22.92 36.60
N VAL B 333 -1.08 22.88 35.28
CA VAL B 333 -1.42 21.69 34.50
C VAL B 333 -0.27 21.43 33.52
N VAL B 334 0.35 20.26 33.64
CA VAL B 334 1.39 19.82 32.72
C VAL B 334 0.78 18.84 31.73
N VAL B 335 0.85 19.16 30.44
CA VAL B 335 0.30 18.32 29.39
C VAL B 335 1.44 17.56 28.74
N LEU B 336 1.34 16.23 28.72
CA LEU B 336 2.36 15.35 28.18
C LEU B 336 1.81 14.62 26.96
N LYS B 337 2.59 14.59 25.89
CA LYS B 337 2.24 13.88 24.68
C LYS B 337 3.47 13.16 24.13
N THR B 338 3.23 12.05 23.45
CA THR B 338 4.29 11.33 22.76
C THR B 338 4.47 11.79 21.32
N SER B 339 3.62 12.71 20.84
CA SER B 339 3.75 13.31 19.54
C SER B 339 3.71 14.83 19.69
N ARG B 340 4.24 15.52 18.69
CA ARG B 340 4.35 16.97 18.76
C ARG B 340 2.97 17.61 18.88
N PHE B 341 2.94 18.76 19.54
CA PHE B 341 1.69 19.51 19.72
C PHE B 341 1.36 20.25 18.44
N ARG B 342 0.23 19.93 17.83
CA ARG B 342 -0.24 20.70 16.70
C ARG B 342 -0.63 22.11 17.17
N PRO B 343 -0.54 23.10 16.28
CA PRO B 343 -1.01 24.45 16.65
C PRO B 343 -2.44 24.46 17.16
N GLU B 344 -3.32 23.66 16.55
CA GLU B 344 -4.68 23.56 17.03
C GLU B 344 -4.73 23.00 18.45
N GLU B 345 -3.91 22.00 18.73
CA GLU B 345 -3.88 21.41 20.06
C GLU B 345 -3.41 22.42 21.10
N ALA B 346 -2.34 23.15 20.80
CA ALA B 346 -1.85 24.16 21.72
C ALA B 346 -2.88 25.27 21.92
N GLU B 347 -3.56 25.68 20.84
CA GLU B 347 -4.57 26.73 20.95
C GLU B 347 -5.75 26.26 21.79
N GLY B 348 -6.20 25.02 21.59
CA GLY B 348 -7.32 24.51 22.37
C GLY B 348 -6.98 24.32 23.84
N ILE B 349 -5.74 23.92 24.13
CA ILE B 349 -5.34 23.75 25.52
C ILE B 349 -5.31 25.09 26.25
N ASP B 350 -4.79 26.14 25.58
CA ASP B 350 -4.76 27.47 26.19
C ASP B 350 -6.16 28.01 26.41
N SER B 351 -7.08 27.71 25.50
CA SER B 351 -8.45 28.20 25.64
C SER B 351 -9.13 27.61 26.87
N ALA B 352 -8.93 26.30 27.10
CA ALA B 352 -9.57 25.65 28.23
C ALA B 352 -9.00 26.15 29.55
N LEU B 353 -7.67 26.26 29.64
CA LEU B 353 -7.04 26.64 30.90
C LEU B 353 -7.31 28.11 31.24
N SER B 354 -7.29 28.98 30.22
CA SER B 354 -7.58 30.39 30.48
C SER B 354 -9.02 30.58 30.95
N ARG B 355 -9.96 29.89 30.32
CA ARG B 355 -11.36 29.93 30.75
C ARG B 355 -11.51 29.52 32.20
N LEU B 356 -10.69 28.58 32.67
CA LEU B 356 -10.75 28.08 34.03
C LEU B 356 -9.89 28.88 34.99
N GLY B 357 -9.21 29.92 34.52
CA GLY B 357 -8.35 30.71 35.37
C GLY B 357 -7.04 30.05 35.75
N ILE B 358 -6.69 28.93 35.13
CA ILE B 358 -5.42 28.27 35.39
C ILE B 358 -4.33 29.02 34.63
N GLU B 359 -3.41 29.63 35.37
CA GLU B 359 -2.40 30.51 34.80
C GLU B 359 -1.04 29.85 34.61
N LEU B 360 -0.86 28.62 35.07
CA LEU B 360 0.39 27.90 34.91
C LEU B 360 0.16 26.65 34.08
N SER B 361 0.97 26.47 33.04
CA SER B 361 0.84 25.31 32.18
C SER B 361 2.17 25.03 31.49
N ASP B 362 2.35 23.78 31.10
CA ASP B 362 3.50 23.35 30.33
C ASP B 362 3.06 22.28 29.35
N LEU B 363 3.56 22.37 28.12
CA LEU B 363 3.25 21.42 27.06
C LEU B 363 4.55 20.74 26.65
N VAL B 364 4.71 19.47 27.03
CA VAL B 364 5.96 18.74 26.87
C VAL B 364 5.74 17.59 25.91
N TRP B 365 6.48 17.59 24.81
CA TRP B 365 6.52 16.47 23.87
C TRP B 365 7.63 15.52 24.32
N VAL B 366 7.25 14.28 24.63
CA VAL B 366 8.19 13.28 25.14
C VAL B 366 8.48 12.30 24.02
N GLN B 367 9.72 12.30 23.53
CA GLN B 367 10.16 11.39 22.48
C GLN B 367 10.87 10.20 23.10
N GLU B 368 10.37 9.00 22.81
CA GLU B 368 10.96 7.78 23.35
C GLU B 368 12.08 7.22 22.48
N SER B 369 12.08 7.54 21.17
CA SER B 369 12.99 6.89 20.23
C SER B 369 13.94 7.88 19.57
N SER B 370 14.56 8.76 20.36
CA SER B 370 15.56 9.60 19.73
C SER B 370 16.91 8.89 19.74
N PRO B 371 17.71 9.04 18.66
CA PRO B 371 19.03 8.41 18.62
C PRO B 371 20.11 9.19 19.35
N ILE B 372 19.81 10.39 19.87
CA ILE B 372 20.80 11.18 20.57
C ILE B 372 21.15 10.50 21.90
N ALA B 373 22.44 10.44 22.22
CA ALA B 373 22.88 9.78 23.43
C ALA B 373 24.21 10.37 23.88
N VAL B 374 24.50 10.21 25.16
CA VAL B 374 25.74 10.69 25.77
C VAL B 374 26.44 9.49 26.40
N PHE B 375 27.77 9.43 26.23
CA PHE B 375 28.53 8.24 26.58
C PHE B 375 29.69 8.59 27.48
N ARG B 376 29.72 7.99 28.67
CA ARG B 376 30.83 8.10 29.60
C ARG B 376 31.88 7.04 29.29
N ASP B 377 33.05 7.19 29.90
CA ASP B 377 34.20 6.31 29.63
C ASP B 377 34.23 5.22 30.71
N GLY B 378 33.81 4.03 30.33
CA GLY B 378 33.79 2.90 31.24
C GLY B 378 32.83 1.84 30.76
N ASN B 379 32.58 0.87 31.63
CA ASN B 379 31.62 -0.18 31.36
C ASN B 379 30.24 0.10 31.91
N TYR B 380 30.14 0.88 32.99
CA TYR B 380 28.84 1.27 33.51
C TYR B 380 28.29 2.45 32.72
N PRO B 381 26.98 2.49 32.48
CA PRO B 381 26.40 3.53 31.63
C PRO B 381 26.20 4.84 32.40
N ILE B 382 25.61 5.80 31.70
CA ILE B 382 25.38 7.13 32.26
C ILE B 382 24.43 7.04 33.47
N LEU B 383 24.67 7.93 34.44
CA LEU B 383 23.84 7.97 35.64
C LEU B 383 22.39 8.30 35.29
N ARG B 384 21.45 7.63 35.97
CA ARG B 384 20.06 8.03 35.90
C ARG B 384 19.90 9.42 36.50
N GLY B 385 19.15 10.27 35.80
CA GLY B 385 19.01 11.66 36.19
C GLY B 385 19.91 12.61 35.45
N THR B 386 20.76 12.11 34.56
CA THR B 386 21.62 12.98 33.76
C THR B 386 20.78 13.76 32.76
N PHE B 387 21.00 15.07 32.71
CA PHE B 387 20.24 15.96 31.83
C PHE B 387 21.22 16.80 31.02
N VAL B 388 20.93 16.95 29.73
CA VAL B 388 21.74 17.73 28.81
C VAL B 388 20.82 18.66 28.03
N ASP B 389 21.08 19.96 28.11
CA ASP B 389 20.29 20.96 27.38
C ASP B 389 20.82 21.06 25.96
N LEU B 390 20.04 20.58 25.00
CA LEU B 390 20.41 20.64 23.58
C LEU B 390 19.75 21.84 22.90
N LYS B 391 19.95 23.01 23.49
CA LYS B 391 19.42 24.28 22.96
C LYS B 391 17.92 24.21 22.73
N GLY B 392 17.19 24.05 23.83
CA GLY B 392 15.75 24.01 23.80
C GLY B 392 15.15 22.61 23.89
N LYS B 393 15.96 21.57 23.78
CA LYS B 393 15.50 20.19 23.88
C LYS B 393 16.27 19.50 25.00
N GLY B 394 15.54 18.80 25.86
CA GLY B 394 16.12 18.19 27.04
C GLY B 394 16.38 16.71 26.86
N LEU B 395 17.65 16.33 26.95
CA LEU B 395 18.05 14.93 26.98
C LEU B 395 18.05 14.48 28.44
N LEU B 396 17.15 13.56 28.79
CA LEU B 396 16.99 13.12 30.17
C LEU B 396 17.15 11.60 30.23
N TYR B 397 18.11 11.15 31.05
CA TYR B 397 18.32 9.72 31.27
C TYR B 397 17.47 9.27 32.45
N THR B 398 16.27 8.76 32.15
CA THR B 398 15.43 8.19 33.18
C THR B 398 15.89 6.79 33.60
N ARG B 399 16.68 6.13 32.77
CA ARG B 399 17.30 4.86 33.10
C ARG B 399 18.81 4.99 32.99
N GLY B 400 19.52 4.19 33.76
CA GLY B 400 20.97 4.22 33.78
C GLY B 400 21.50 3.77 35.13
N SER B 401 22.74 4.15 35.40
CA SER B 401 23.38 3.76 36.65
C SER B 401 22.68 4.41 37.83
N VAL B 402 22.32 3.60 38.82
CA VAL B 402 21.61 4.06 40.01
C VAL B 402 22.53 3.89 41.20
N PRO B 403 23.09 4.97 41.76
CA PRO B 403 24.00 4.83 42.91
C PRO B 403 23.35 4.15 44.11
N TYR B 404 22.08 4.47 44.41
CA TYR B 404 21.42 3.87 45.55
C TYR B 404 21.33 2.36 45.42
N TYR B 405 21.29 1.84 44.19
CA TYR B 405 21.30 0.41 43.95
C TYR B 405 22.71 -0.17 43.86
N GLY B 406 23.73 0.69 43.77
CA GLY B 406 25.10 0.22 43.66
C GLY B 406 25.45 -0.45 42.35
N THR B 407 24.60 -0.31 41.33
CA THR B 407 24.83 -0.95 40.03
C THR B 407 23.90 -0.32 39.01
N TYR B 408 24.05 -0.75 37.75
CA TYR B 408 23.08 -0.46 36.72
C TYR B 408 22.10 -1.62 36.67
N PRO B 409 20.83 -1.41 37.05
CA PRO B 409 19.91 -2.55 37.26
C PRO B 409 19.57 -3.32 35.98
N GLY B 410 20.13 -2.91 34.84
CA GLY B 410 19.85 -3.58 33.59
C GLY B 410 21.10 -4.15 32.95
N LEU B 411 20.97 -4.57 31.68
CA LEU B 411 22.09 -5.11 30.92
C LEU B 411 22.32 -4.33 29.64
N ARG B 412 21.32 -4.27 28.75
CA ARG B 412 21.43 -3.45 27.55
C ARG B 412 21.66 -2.00 27.94
N VAL B 413 22.39 -1.28 27.10
CA VAL B 413 22.69 0.12 27.44
C VAL B 413 21.39 0.92 27.46
N PRO B 414 21.24 1.88 28.36
CA PRO B 414 20.03 2.68 28.39
C PRO B 414 20.02 3.75 27.32
N ARG B 415 18.83 4.22 26.99
CA ARG B 415 18.67 5.29 26.01
C ARG B 415 17.81 6.38 26.62
N PRO B 416 18.21 7.65 26.50
CA PRO B 416 17.52 8.72 27.21
C PRO B 416 16.25 9.14 26.50
N LEU B 417 15.44 9.90 27.23
CA LEU B 417 14.30 10.59 26.65
C LEU B 417 14.75 11.92 26.07
N LEU B 418 14.03 12.39 25.06
CA LEU B 418 14.21 13.73 24.52
C LEU B 418 12.94 14.52 24.81
N LEU B 419 13.06 15.54 25.65
CA LEU B 419 11.93 16.36 26.06
C LEU B 419 11.96 17.66 25.26
N VAL B 420 10.88 17.92 24.53
CA VAL B 420 10.75 19.12 23.72
C VAL B 420 9.54 19.90 24.23
N PRO B 421 9.75 20.93 25.05
CA PRO B 421 8.63 21.73 25.55
C PRO B 421 8.14 22.68 24.46
N HIS B 422 6.81 22.74 24.30
CA HIS B 422 6.21 23.71 23.41
C HIS B 422 6.49 25.13 23.91
N GLU B 423 6.48 26.09 22.99
CA GLU B 423 6.83 27.46 23.36
C GLU B 423 5.82 28.09 24.30
N ASN B 424 4.59 27.59 24.34
CA ASN B 424 3.60 28.09 25.29
C ASN B 424 3.93 27.73 26.73
N SER B 425 4.91 26.87 26.96
CA SER B 425 5.24 26.42 28.32
C SER B 425 5.75 27.59 29.16
N ASP B 426 5.46 27.54 30.46
CA ASP B 426 5.88 28.58 31.38
C ASP B 426 7.17 28.25 32.10
N SER B 427 7.50 26.97 32.25
CA SER B 427 8.65 26.55 33.02
C SER B 427 9.92 26.55 32.17
N ALA B 428 11.06 26.59 32.86
CA ALA B 428 12.34 26.40 32.19
C ALA B 428 12.56 24.92 31.93
N LEU B 429 13.51 24.63 31.02
CA LEU B 429 13.71 23.27 30.55
C LEU B 429 14.17 22.35 31.68
N ALA B 430 15.18 22.79 32.45
CA ALA B 430 15.74 21.93 33.48
C ALA B 430 14.71 21.56 34.54
N ARG B 431 13.84 22.51 34.89
CA ARG B 431 12.82 22.23 35.90
C ARG B 431 11.81 21.20 35.39
N LEU B 432 11.45 21.27 34.11
CA LEU B 432 10.50 20.31 33.55
C LEU B 432 11.10 18.91 33.50
N ALA B 433 12.40 18.81 33.18
CA ALA B 433 13.04 17.51 33.09
C ALA B 433 13.09 16.81 34.43
N GLU B 434 13.43 17.56 35.50
CA GLU B 434 13.40 16.98 36.84
C GLU B 434 11.99 16.53 37.21
N GLU B 435 10.98 17.30 36.80
CA GLU B 435 9.60 16.91 37.05
C GLU B 435 9.26 15.61 36.33
N VAL B 436 9.73 15.46 35.08
CA VAL B 436 9.49 14.23 34.33
C VAL B 436 10.21 13.07 34.99
N LEU B 437 11.43 13.30 35.46
CA LEU B 437 12.17 12.26 36.16
C LEU B 437 11.42 11.78 37.40
N ALA B 438 10.77 12.69 38.11
CA ALA B 438 10.01 12.31 39.29
C ALA B 438 8.75 11.52 38.91
N LEU B 439 8.15 11.85 37.77
CA LEU B 439 6.92 11.16 37.36
C LEU B 439 7.17 9.71 36.98
N THR B 440 8.41 9.33 36.68
CA THR B 440 8.72 7.94 36.39
C THR B 440 8.65 7.04 37.62
N LYS B 441 8.53 7.62 38.81
CA LYS B 441 8.49 6.83 40.03
C LYS B 441 7.07 6.45 40.45
N VAL B 442 6.06 7.19 40.01
CA VAL B 442 4.69 6.71 40.15
C VAL B 442 4.58 5.41 39.38
N ASN B 443 4.29 4.32 40.09
CA ASN B 443 4.59 2.99 39.56
C ASN B 443 3.68 1.98 40.24
N TRP B 444 2.84 1.30 39.45
CA TRP B 444 1.85 0.37 39.98
C TRP B 444 2.17 -1.09 39.68
N ASN B 445 3.29 -1.37 38.99
CA ASN B 445 3.63 -2.74 38.62
C ASN B 445 4.91 -3.27 39.26
N THR B 446 5.78 -2.40 39.76
CA THR B 446 6.99 -2.85 40.44
C THR B 446 7.37 -1.82 41.49
N THR B 447 8.29 -2.21 42.37
CA THR B 447 8.81 -1.33 43.41
C THR B 447 10.24 -0.89 43.12
N GLN B 448 10.73 -1.15 41.91
CA GLN B 448 12.01 -0.63 41.44
C GLN B 448 11.76 0.70 40.74
N PHE B 449 12.37 1.77 41.24
CA PHE B 449 11.96 3.12 40.84
C PHE B 449 12.60 3.61 39.55
N ASP B 450 13.53 2.86 38.96
CA ASP B 450 14.25 3.34 37.78
C ASP B 450 13.48 3.01 36.49
N GLN B 451 12.29 3.57 36.39
CA GLN B 451 11.43 3.38 35.23
C GLN B 451 11.74 4.44 34.18
N LYS B 452 11.48 4.09 32.91
CA LYS B 452 11.85 4.96 31.81
C LYS B 452 10.77 6.03 31.55
N LEU B 453 9.51 5.63 31.55
CA LEU B 453 8.49 6.58 31.12
C LEU B 453 7.76 7.19 32.31
N PRO B 454 7.41 8.47 32.24
CA PRO B 454 6.56 9.06 33.27
C PRO B 454 5.16 8.47 33.23
N ALA B 455 4.52 8.46 34.39
CA ALA B 455 3.25 7.74 34.58
C ALA B 455 2.16 8.11 33.57
N PRO B 456 1.85 9.38 33.31
CA PRO B 456 0.75 9.68 32.38
C PRO B 456 0.95 9.10 30.99
N ILE B 457 2.20 9.05 30.51
CA ILE B 457 2.45 8.43 29.21
C ILE B 457 2.38 6.91 29.30
N LYS B 458 2.88 6.33 30.38
CA LYS B 458 2.76 4.89 30.58
C LYS B 458 1.28 4.48 30.65
N ALA B 459 0.45 5.31 31.28
CA ALA B 459 -0.98 5.00 31.36
C ALA B 459 -1.66 5.11 30.00
N ALA B 460 -1.20 6.02 29.14
CA ALA B 460 -1.81 6.20 27.83
C ALA B 460 -1.73 4.90 27.03
N ARG B 461 -0.61 4.23 27.08
CA ARG B 461 -0.47 2.96 26.34
C ARG B 461 -1.43 1.92 26.90
N GLU B 462 -1.36 1.65 28.22
CA GLU B 462 -2.21 0.64 28.82
C GLU B 462 -3.69 0.94 28.61
N VAL B 463 -4.07 2.21 28.76
CA VAL B 463 -5.47 2.60 28.66
C VAL B 463 -5.98 2.43 27.22
N GLY B 464 -5.12 2.72 26.24
CA GLY B 464 -5.54 2.60 24.85
C GLY B 464 -5.75 1.16 24.41
N ARG B 465 -4.92 0.24 24.91
CA ARG B 465 -5.08 -1.17 24.55
C ARG B 465 -6.38 -1.74 25.10
N ILE B 466 -6.91 -1.18 26.18
CA ILE B 466 -8.14 -1.68 26.77
C ILE B 466 -9.35 -1.05 26.09
N LEU B 467 -9.32 0.27 25.88
CA LEU B 467 -10.51 0.96 25.38
C LEU B 467 -10.79 0.65 23.92
N LYS B 468 -9.84 0.09 23.18
CA LYS B 468 -10.12 -0.28 21.80
C LYS B 468 -11.14 -1.41 21.71
N HIS B 469 -11.38 -2.12 22.82
CA HIS B 469 -12.39 -3.17 22.88
C HIS B 469 -13.70 -2.71 23.48
N ILE B 470 -13.85 -1.41 23.72
CA ILE B 470 -15.09 -0.84 24.25
C ILE B 470 -15.62 0.15 23.24
N GLU B 471 -16.87 -0.03 22.82
CA GLU B 471 -17.45 0.76 21.75
C GLU B 471 -17.42 2.25 22.08
N TYR B 472 -17.18 3.07 21.06
CA TYR B 472 -17.13 4.52 21.25
C TYR B 472 -18.47 5.04 21.72
N GLY B 473 -18.43 6.02 22.64
CA GLY B 473 -19.62 6.59 23.21
C GLY B 473 -20.13 5.89 24.45
N VAL B 474 -19.55 4.75 24.82
CA VAL B 474 -19.95 4.04 26.03
C VAL B 474 -19.23 4.68 27.22
N ALA B 475 -19.99 5.02 28.26
CA ALA B 475 -19.40 5.60 29.45
C ALA B 475 -18.40 4.64 30.08
N ILE B 476 -17.25 5.18 30.47
CA ILE B 476 -16.16 4.39 31.03
C ILE B 476 -15.83 4.89 32.43
N SER B 477 -15.25 4.00 33.23
CA SER B 477 -14.86 4.34 34.59
C SER B 477 -13.70 5.34 34.56
N PRO B 478 -13.70 6.33 35.44
CA PRO B 478 -12.59 7.30 35.48
C PRO B 478 -11.41 6.89 36.34
N ASP B 479 -11.53 5.84 37.15
CA ASP B 479 -10.47 5.47 38.07
C ASP B 479 -9.44 4.61 37.35
N PHE B 480 -8.18 5.08 37.32
CA PHE B 480 -7.14 4.38 36.59
C PHE B 480 -6.82 3.02 37.20
N ARG B 481 -6.99 2.86 38.52
CA ARG B 481 -6.67 1.60 39.17
C ARG B 481 -7.43 0.42 38.59
N LYS B 482 -8.56 0.69 37.92
CA LYS B 482 -9.36 -0.37 37.31
C LYS B 482 -8.86 -0.74 35.92
N TYR B 483 -7.98 0.06 35.33
CA TYR B 483 -7.33 -0.27 34.07
C TYR B 483 -5.99 -0.95 34.28
N THR B 484 -5.45 -0.92 35.49
CA THR B 484 -4.13 -1.51 35.77
C THR B 484 -4.21 -3.02 35.87
N ASP C 28 -14.05 -37.28 -45.08
CA ASP C 28 -14.54 -37.32 -46.46
C ASP C 28 -14.88 -35.92 -46.96
N SER C 29 -15.58 -35.14 -46.13
CA SER C 29 -15.89 -33.77 -46.51
C SER C 29 -14.62 -32.95 -46.69
N GLN C 30 -13.64 -33.16 -45.81
CA GLN C 30 -12.39 -32.40 -45.87
C GLN C 30 -11.68 -32.64 -47.20
N VAL C 31 -11.33 -33.91 -47.47
CA VAL C 31 -10.60 -34.26 -48.69
C VAL C 31 -11.30 -33.68 -49.92
N LEU C 32 -12.58 -34.02 -50.09
CA LEU C 32 -13.36 -33.51 -51.22
C LEU C 32 -13.24 -31.99 -51.34
N GLY C 33 -13.24 -31.29 -50.21
CA GLY C 33 -13.09 -29.84 -50.24
C GLY C 33 -11.74 -29.40 -50.76
N GLU C 34 -10.67 -30.07 -50.31
CA GLU C 34 -9.34 -29.75 -50.81
C GLU C 34 -9.22 -30.07 -52.30
N LEU C 35 -9.98 -31.05 -52.79
CA LEU C 35 -10.04 -31.30 -54.22
C LEU C 35 -10.63 -30.12 -54.97
N GLY C 36 -11.78 -29.62 -54.51
CA GLY C 36 -12.40 -28.49 -55.16
C GLY C 36 -11.57 -27.22 -55.04
N GLU C 37 -10.97 -27.00 -53.88
CA GLU C 37 -10.11 -25.83 -53.70
C GLU C 37 -8.90 -25.90 -54.63
N THR C 38 -8.32 -27.09 -54.80
CA THR C 38 -7.17 -27.24 -55.68
C THR C 38 -7.55 -26.94 -57.12
N ALA C 39 -8.71 -27.41 -57.56
CA ALA C 39 -9.18 -27.09 -58.90
C ALA C 39 -9.42 -25.59 -59.06
N VAL C 40 -10.06 -24.98 -58.07
CA VAL C 40 -10.32 -23.54 -58.12
C VAL C 40 -9.02 -22.75 -58.02
N LYS C 41 -8.14 -23.16 -57.10
CA LYS C 41 -6.85 -22.48 -56.97
C LYS C 41 -6.09 -22.50 -58.29
N LYS C 42 -6.14 -23.62 -59.02
CA LYS C 42 -5.43 -23.71 -60.28
C LYS C 42 -5.94 -22.70 -61.30
N ILE C 43 -7.27 -22.52 -61.36
CA ILE C 43 -7.84 -21.55 -62.28
C ILE C 43 -7.49 -20.13 -61.85
N VAL C 44 -7.52 -19.87 -60.54
CA VAL C 44 -7.30 -18.52 -60.03
C VAL C 44 -5.89 -18.03 -60.39
N LEU C 45 -4.91 -18.93 -60.34
CA LEU C 45 -3.54 -18.52 -60.69
C LEU C 45 -3.41 -18.24 -62.18
N GLU C 46 -4.04 -19.05 -63.01
CA GLU C 46 -4.06 -18.80 -64.45
C GLU C 46 -4.74 -17.47 -64.79
N THR C 47 -5.63 -17.01 -63.92
CA THR C 47 -6.43 -15.83 -64.17
C THR C 47 -5.72 -14.54 -63.75
N GLY C 48 -4.58 -14.64 -63.08
CA GLY C 48 -3.83 -13.47 -62.66
C GLY C 48 -4.07 -13.00 -61.25
N PHE C 49 -4.53 -13.88 -60.36
CA PHE C 49 -4.79 -13.54 -58.97
C PHE C 49 -3.95 -14.41 -58.05
N ILE C 50 -3.80 -13.93 -56.81
CA ILE C 50 -3.19 -14.71 -55.74
C ILE C 50 -4.30 -15.35 -54.92
N TYR C 51 -4.15 -16.63 -54.61
CA TYR C 51 -5.07 -17.32 -53.73
C TYR C 51 -4.47 -17.44 -52.34
N GLU C 52 -5.30 -17.23 -51.32
CA GLU C 52 -4.89 -17.39 -49.94
C GLU C 52 -5.93 -18.24 -49.23
N HIS C 53 -5.53 -19.41 -48.76
CA HIS C 53 -6.42 -20.26 -47.99
C HIS C 53 -6.73 -19.61 -46.65
N ARG C 54 -7.95 -19.80 -46.18
CA ARG C 54 -8.37 -19.17 -44.93
C ARG C 54 -8.95 -20.16 -43.93
N GLY C 55 -9.67 -21.17 -44.39
CA GLY C 55 -10.27 -22.13 -43.48
C GLY C 55 -11.06 -23.17 -44.26
N ARG C 56 -11.72 -24.03 -43.50
CA ARG C 56 -12.49 -25.13 -44.07
C ARG C 56 -13.98 -24.86 -43.91
N LEU C 57 -14.77 -25.63 -44.66
CA LEU C 57 -16.22 -25.47 -44.66
C LEU C 57 -16.85 -26.87 -44.66
N GLU C 58 -18.18 -26.90 -44.71
CA GLU C 58 -18.90 -28.15 -44.63
C GLU C 58 -18.49 -29.11 -45.75
N ALA C 59 -18.45 -28.62 -46.98
CA ALA C 59 -18.05 -29.43 -48.12
C ALA C 59 -16.92 -28.81 -48.93
N GLY C 60 -16.42 -27.65 -48.55
CA GLY C 60 -15.39 -26.97 -49.32
C GLY C 60 -14.47 -26.15 -48.44
N THR C 61 -14.08 -24.98 -48.94
CA THR C 61 -13.05 -24.17 -48.30
C THR C 61 -13.45 -22.71 -48.29
N ASP C 62 -12.70 -21.92 -47.54
CA ASP C 62 -12.84 -20.47 -47.46
C ASP C 62 -11.52 -19.83 -47.84
N GLY C 63 -11.56 -18.82 -48.71
CA GLY C 63 -10.32 -18.22 -49.16
C GLY C 63 -10.52 -16.81 -49.68
N LEU C 64 -9.40 -16.18 -50.02
CA LEU C 64 -9.37 -14.82 -50.53
C LEU C 64 -8.65 -14.78 -51.87
N ILE C 65 -9.12 -13.92 -52.76
CA ILE C 65 -8.51 -13.67 -54.06
C ILE C 65 -7.95 -12.25 -54.05
N GLU C 66 -6.72 -12.10 -54.53
CA GLU C 66 -6.07 -10.79 -54.60
C GLU C 66 -5.47 -10.60 -55.98
N LEU C 67 -5.63 -9.40 -56.53
CA LEU C 67 -5.06 -9.08 -57.82
C LEU C 67 -3.53 -9.10 -57.75
N ARG C 68 -2.91 -9.58 -58.83
CA ARG C 68 -1.47 -9.80 -58.89
C ARG C 68 -0.87 -8.98 -60.01
N ASP C 69 0.22 -8.28 -59.70
CA ASP C 69 1.04 -7.64 -60.72
C ASP C 69 1.51 -8.71 -61.71
N PRO C 70 1.23 -8.58 -63.00
CA PRO C 70 1.59 -9.66 -63.93
C PRO C 70 3.09 -9.85 -64.08
N LYS C 71 3.89 -8.81 -63.95
CA LYS C 71 5.34 -8.92 -64.14
C LYS C 71 6.06 -9.19 -62.83
N SER C 72 5.87 -8.33 -61.83
CA SER C 72 6.56 -8.48 -60.55
C SER C 72 5.92 -9.53 -59.66
N GLY C 73 4.68 -9.92 -59.92
CA GLY C 73 4.00 -10.88 -59.07
C GLY C 73 3.56 -10.33 -57.73
N ALA C 74 3.72 -9.02 -57.50
CA ALA C 74 3.41 -8.42 -56.22
C ALA C 74 1.90 -8.27 -56.04
N PRO C 75 1.41 -8.36 -54.80
CA PRO C 75 -0.02 -8.12 -54.55
C PRO C 75 -0.38 -6.66 -54.81
N LEU C 76 -1.60 -6.46 -55.30
CA LEU C 76 -2.04 -5.14 -55.73
C LEU C 76 -2.94 -4.44 -54.70
N GLY C 77 -3.65 -5.19 -53.87
CA GLY C 77 -4.53 -4.60 -52.88
C GLY C 77 -6.00 -4.63 -53.20
N LYS C 78 -6.43 -5.48 -54.13
CA LYS C 78 -7.83 -5.60 -54.51
C LYS C 78 -8.30 -7.01 -54.15
N LEU C 79 -9.34 -7.10 -53.32
CA LEU C 79 -9.74 -8.34 -52.68
C LEU C 79 -11.08 -8.84 -53.18
N LEU C 80 -11.21 -10.17 -53.20
CA LEU C 80 -12.48 -10.83 -53.48
C LEU C 80 -12.54 -12.12 -52.68
N ALA C 81 -13.53 -12.23 -51.80
CA ALA C 81 -13.68 -13.44 -51.00
C ALA C 81 -14.28 -14.56 -51.85
N VAL C 82 -13.79 -15.77 -51.66
CA VAL C 82 -14.18 -16.92 -52.46
C VAL C 82 -14.51 -18.08 -51.54
N GLN C 83 -15.66 -18.69 -51.76
CA GLN C 83 -16.08 -19.90 -51.04
C GLN C 83 -16.34 -20.99 -52.06
N VAL C 84 -15.57 -22.08 -51.96
CA VAL C 84 -15.68 -23.21 -52.87
C VAL C 84 -16.53 -24.29 -52.19
N LYS C 85 -17.51 -24.80 -52.92
CA LYS C 85 -18.30 -25.95 -52.49
C LYS C 85 -18.15 -27.06 -53.51
N ALA C 86 -17.71 -28.22 -53.05
CA ALA C 86 -17.38 -29.33 -53.94
C ALA C 86 -18.32 -30.51 -53.70
N THR C 87 -18.55 -31.28 -54.77
CA THR C 87 -19.37 -32.47 -54.68
C THR C 87 -18.86 -33.49 -55.68
N LYS C 88 -19.05 -34.77 -55.35
CA LYS C 88 -18.68 -35.86 -56.24
C LYS C 88 -19.94 -36.33 -56.96
N GLU C 89 -19.96 -36.17 -58.29
CA GLU C 89 -20.91 -36.76 -59.22
C GLU C 89 -22.37 -36.42 -58.91
N SER C 90 -22.63 -35.45 -58.04
CA SER C 90 -24.01 -35.15 -57.65
C SER C 90 -24.62 -34.08 -58.55
N GLN C 91 -25.93 -34.19 -58.75
CA GLN C 91 -26.68 -33.23 -59.56
C GLN C 91 -27.22 -32.13 -58.67
N TYR C 92 -27.06 -30.88 -59.12
CA TYR C 92 -27.59 -29.75 -58.39
C TYR C 92 -29.11 -29.67 -58.57
N LEU C 93 -29.72 -28.65 -57.97
CA LEU C 93 -31.17 -28.55 -57.94
C LEU C 93 -31.72 -28.16 -59.31
N ARG C 94 -32.69 -28.93 -59.79
CA ARG C 94 -33.41 -28.66 -61.04
C ARG C 94 -32.43 -28.41 -62.19
N GLU C 95 -31.46 -29.30 -62.32
CA GLU C 95 -30.39 -29.13 -63.29
C GLU C 95 -30.78 -29.70 -64.65
N THR C 96 -30.58 -28.91 -65.70
CA THR C 96 -30.72 -29.38 -67.07
C THR C 96 -29.39 -29.21 -67.79
N ASP C 97 -29.42 -29.14 -69.12
CA ASP C 97 -28.21 -28.84 -69.88
C ASP C 97 -27.94 -27.35 -70.01
N LYS C 98 -28.92 -26.51 -69.68
CA LYS C 98 -28.78 -25.06 -69.83
C LYS C 98 -28.51 -24.34 -68.52
N GLY C 99 -29.02 -24.85 -67.40
CA GLY C 99 -28.80 -24.19 -66.13
C GLY C 99 -29.24 -25.05 -64.97
N PHE C 100 -29.17 -24.47 -63.78
CA PHE C 100 -29.57 -25.16 -62.56
C PHE C 100 -29.72 -24.12 -61.44
N GLU C 101 -30.07 -24.59 -60.26
CA GLU C 101 -30.25 -23.75 -59.09
C GLU C 101 -29.51 -24.35 -57.90
N TYR C 102 -29.22 -23.50 -56.91
CA TYR C 102 -28.44 -23.91 -55.75
C TYR C 102 -28.94 -23.18 -54.52
N LEU C 103 -28.87 -23.85 -53.38
CA LEU C 103 -29.32 -23.32 -52.10
C LEU C 103 -28.11 -22.97 -51.24
N LEU C 104 -28.06 -21.71 -50.79
CA LEU C 104 -26.89 -21.21 -50.09
C LEU C 104 -26.93 -21.55 -48.59
N ARG C 105 -25.74 -21.70 -48.02
CA ARG C 105 -25.59 -22.03 -46.58
C ARG C 105 -25.33 -20.74 -45.80
N PRO C 106 -26.27 -20.23 -44.96
CA PRO C 106 -26.07 -18.93 -44.30
C PRO C 106 -24.88 -18.89 -43.37
N ALA C 107 -24.62 -19.98 -42.65
CA ALA C 107 -23.49 -19.99 -41.72
C ALA C 107 -22.16 -19.81 -42.45
N ASP C 108 -22.06 -20.34 -43.68
CA ASP C 108 -20.83 -20.17 -44.46
C ASP C 108 -20.65 -18.72 -44.89
N LEU C 109 -21.72 -18.12 -45.43
CA LEU C 109 -21.65 -16.73 -45.87
C LEU C 109 -21.50 -15.76 -44.70
N LYS C 110 -21.89 -16.17 -43.50
CA LYS C 110 -21.86 -15.25 -42.35
C LYS C 110 -20.44 -14.92 -41.90
N LEU C 111 -19.45 -15.72 -42.31
CA LEU C 111 -18.07 -15.40 -41.97
C LEU C 111 -17.62 -14.08 -42.60
N TRP C 112 -18.35 -13.59 -43.60
CA TRP C 112 -18.03 -12.35 -44.29
C TRP C 112 -19.09 -11.28 -44.06
N ARG C 113 -19.85 -11.38 -42.96
CA ARG C 113 -21.05 -10.57 -42.80
C ARG C 113 -20.73 -9.08 -42.73
N LEU C 114 -19.66 -8.71 -42.03
CA LEU C 114 -19.33 -7.31 -41.81
C LEU C 114 -18.05 -6.88 -42.51
N SER C 115 -17.44 -7.76 -43.31
CA SER C 115 -16.14 -7.46 -43.89
C SER C 115 -16.21 -6.36 -44.95
N ASN C 116 -17.37 -6.20 -45.59
CA ASN C 116 -17.53 -5.35 -46.76
C ASN C 116 -16.61 -5.78 -47.90
N ILE C 117 -16.26 -7.05 -47.92
CA ILE C 117 -15.50 -7.66 -49.01
C ILE C 117 -16.47 -8.46 -49.87
N PRO C 118 -16.49 -8.25 -51.19
CA PRO C 118 -17.39 -9.03 -52.04
C PRO C 118 -17.03 -10.51 -51.99
N VAL C 119 -18.07 -11.35 -52.11
CA VAL C 119 -17.95 -12.78 -51.99
C VAL C 119 -18.53 -13.45 -53.22
N ILE C 120 -17.82 -14.44 -53.75
CA ILE C 120 -18.33 -15.30 -54.81
C ILE C 120 -18.27 -16.74 -54.34
N ILE C 121 -19.26 -17.53 -54.75
CA ILE C 121 -19.25 -18.97 -54.53
C ILE C 121 -18.82 -19.64 -55.83
N VAL C 122 -18.05 -20.71 -55.72
CA VAL C 122 -17.60 -21.47 -56.89
C VAL C 122 -17.97 -22.92 -56.66
N LEU C 123 -18.91 -23.43 -57.45
CA LEU C 123 -19.35 -24.81 -57.35
C LEU C 123 -18.49 -25.68 -58.26
N TRP C 124 -17.92 -26.74 -57.69
CA TRP C 124 -17.06 -27.66 -58.43
C TRP C 124 -17.57 -29.09 -58.25
N ARG C 125 -17.54 -29.85 -59.32
CA ARG C 125 -17.98 -31.24 -59.33
C ARG C 125 -16.86 -32.11 -59.88
N GLN C 126 -16.71 -33.31 -59.29
CA GLN C 126 -15.62 -34.19 -59.71
C GLN C 126 -15.98 -35.00 -60.96
N SER C 127 -17.27 -35.30 -61.17
CA SER C 127 -17.66 -36.13 -62.30
C SER C 127 -17.28 -35.48 -63.63
N ASP C 128 -17.81 -34.29 -63.89
CA ASP C 128 -17.54 -33.59 -65.13
C ASP C 128 -16.42 -32.57 -65.03
N GLY C 129 -15.97 -32.25 -63.82
CA GLY C 129 -14.96 -31.21 -63.66
C GLY C 129 -15.48 -29.82 -63.91
N SER C 130 -16.77 -29.59 -63.70
CA SER C 130 -17.40 -28.31 -63.99
C SER C 130 -17.20 -27.33 -62.85
N ALA C 131 -16.92 -26.07 -63.20
CA ALA C 131 -16.75 -25.00 -62.23
C ALA C 131 -17.67 -23.86 -62.61
N TYR C 132 -18.63 -23.56 -61.74
CA TYR C 132 -19.56 -22.45 -61.93
C TYR C 132 -19.46 -21.50 -60.74
N TRP C 133 -19.60 -20.21 -61.01
CA TRP C 133 -19.44 -19.19 -59.98
C TRP C 133 -20.57 -18.18 -60.07
N LYS C 134 -20.82 -17.51 -58.94
CA LYS C 134 -21.90 -16.54 -58.83
C LYS C 134 -21.56 -15.52 -57.75
N ASP C 135 -21.87 -14.27 -58.01
CA ASP C 135 -21.67 -13.21 -57.03
C ASP C 135 -22.74 -13.31 -55.94
N VAL C 136 -22.31 -13.39 -54.68
CA VAL C 136 -23.24 -13.67 -53.59
C VAL C 136 -23.10 -12.67 -52.43
N THR C 137 -22.61 -11.46 -52.73
CA THR C 137 -22.53 -10.45 -51.67
C THR C 137 -23.92 -10.08 -51.17
N ASP C 138 -24.89 -10.00 -52.07
CA ASP C 138 -26.25 -9.62 -51.66
C ASP C 138 -26.88 -10.67 -50.75
N SER C 139 -26.41 -11.91 -50.81
CA SER C 139 -26.89 -12.95 -49.90
C SER C 139 -26.11 -12.99 -48.60
N VAL C 140 -24.97 -12.29 -48.51
CA VAL C 140 -24.28 -12.16 -47.24
C VAL C 140 -25.09 -11.33 -46.27
N ARG C 141 -25.77 -10.30 -46.79
CA ARG C 141 -26.59 -9.41 -45.96
C ARG C 141 -28.06 -9.53 -46.30
N GLY C 142 -28.61 -10.74 -46.32
CA GLY C 142 -30.01 -10.89 -46.63
C GLY C 142 -30.41 -12.35 -46.67
N GLU C 143 -31.65 -12.57 -47.13
CA GLU C 143 -32.22 -13.91 -47.19
C GLU C 143 -32.59 -14.30 -48.61
N GLU C 144 -31.65 -14.16 -49.54
CA GLU C 144 -31.82 -14.62 -50.92
C GLU C 144 -31.01 -15.91 -51.07
N ARG C 145 -31.62 -17.02 -50.66
CA ARG C 145 -30.90 -18.29 -50.59
C ARG C 145 -30.98 -19.07 -51.89
N ARG C 146 -31.97 -18.79 -52.74
CA ARG C 146 -32.13 -19.48 -54.00
C ARG C 146 -31.26 -18.82 -55.06
N LEU C 147 -30.27 -19.55 -55.57
CA LEU C 147 -29.37 -19.04 -56.59
C LEU C 147 -29.74 -19.63 -57.95
N GLN C 148 -29.64 -18.81 -58.99
CA GLN C 148 -29.93 -19.23 -60.36
C GLN C 148 -28.62 -19.27 -61.13
N PHE C 149 -28.31 -20.42 -61.71
CA PHE C 149 -27.08 -20.61 -62.47
C PHE C 149 -27.40 -20.87 -63.93
N ASP C 150 -26.65 -20.22 -64.81
CA ASP C 150 -26.75 -20.41 -66.25
C ASP C 150 -25.42 -21.01 -66.71
N LYS C 151 -25.44 -22.28 -67.11
CA LYS C 151 -24.20 -22.98 -67.47
C LYS C 151 -23.44 -22.29 -68.60
N ALA C 152 -24.10 -21.41 -69.36
CA ALA C 152 -23.42 -20.68 -70.41
C ALA C 152 -22.59 -19.54 -69.85
N ALA C 153 -23.22 -18.61 -69.13
CA ALA C 153 -22.58 -17.40 -68.67
C ALA C 153 -21.93 -17.52 -67.30
N ASP C 154 -22.24 -18.57 -66.54
CA ASP C 154 -21.74 -18.72 -65.18
C ASP C 154 -20.57 -19.70 -65.09
N VAL C 155 -19.78 -19.82 -66.15
CA VAL C 155 -18.63 -20.71 -66.15
C VAL C 155 -17.45 -20.04 -65.46
N PHE C 156 -16.77 -20.79 -64.60
CA PHE C 156 -15.59 -20.30 -63.89
C PHE C 156 -14.34 -20.88 -64.58
N ASP C 157 -13.62 -20.02 -65.29
CA ASP C 157 -12.39 -20.40 -65.97
C ASP C 157 -11.57 -19.15 -66.21
N PRO C 158 -10.29 -19.28 -66.67
CA PRO C 158 -9.43 -18.10 -66.83
C PRO C 158 -10.03 -16.93 -67.59
N GLY C 159 -11.07 -17.16 -68.37
CA GLY C 159 -11.71 -16.08 -69.10
C GLY C 159 -12.45 -15.06 -68.24
N CYS C 160 -12.51 -15.28 -66.92
CA CYS C 160 -13.26 -14.42 -66.02
C CYS C 160 -12.40 -13.34 -65.37
N ALA C 161 -11.21 -13.08 -65.90
CA ALA C 161 -10.31 -12.11 -65.28
C ALA C 161 -10.95 -10.73 -65.19
N ASP C 162 -11.61 -10.29 -66.25
CA ASP C 162 -12.22 -8.97 -66.25
C ASP C 162 -13.41 -8.91 -65.32
N ARG C 163 -14.23 -9.97 -65.28
CA ARG C 163 -15.41 -9.98 -64.42
C ARG C 163 -15.02 -9.96 -62.95
N LEU C 164 -14.04 -10.78 -62.56
CA LEU C 164 -13.63 -10.82 -61.16
C LEU C 164 -12.90 -9.54 -60.77
N GLY C 165 -12.09 -9.00 -61.67
CA GLY C 165 -11.37 -7.76 -61.36
C GLY C 165 -12.30 -6.60 -61.08
N ALA C 166 -13.43 -6.55 -61.80
CA ALA C 166 -14.42 -5.50 -61.55
C ALA C 166 -15.18 -5.71 -60.25
N LEU C 167 -15.13 -6.92 -59.69
CA LEU C 167 -15.83 -7.21 -58.45
C LEU C 167 -14.97 -6.94 -57.21
N THR C 168 -13.67 -6.76 -57.37
CA THR C 168 -12.79 -6.63 -56.21
C THR C 168 -12.96 -5.27 -55.54
N VAL C 169 -12.70 -5.25 -54.24
CA VAL C 169 -12.73 -4.02 -53.45
C VAL C 169 -11.29 -3.69 -53.06
N ASP C 170 -11.02 -2.41 -52.87
CA ASP C 170 -9.70 -1.99 -52.42
C ASP C 170 -9.53 -2.30 -50.94
N ARG C 171 -8.33 -2.77 -50.58
CA ARG C 171 -8.04 -3.05 -49.17
C ARG C 171 -8.10 -1.78 -48.32
N ARG C 172 -7.87 -0.63 -48.93
CA ARG C 172 -7.83 0.65 -48.22
C ARG C 172 -9.14 1.41 -48.36
N LYS C 173 -10.22 0.74 -48.72
CA LYS C 173 -11.54 1.37 -48.72
C LYS C 173 -12.06 1.43 -47.28
N PRO C 174 -12.53 2.58 -46.82
CA PRO C 174 -12.98 2.71 -45.43
C PRO C 174 -14.09 1.73 -45.11
N GLY C 175 -13.95 1.04 -43.97
CA GLY C 175 -14.92 0.06 -43.55
C GLY C 175 -14.62 -1.37 -43.96
N VAL C 176 -13.63 -1.58 -44.82
CA VAL C 176 -13.26 -2.91 -45.28
C VAL C 176 -12.22 -3.49 -44.34
N PHE C 177 -12.39 -4.75 -43.95
CA PHE C 177 -11.39 -5.43 -43.14
C PHE C 177 -11.46 -6.92 -43.40
N VAL C 178 -10.31 -7.58 -43.25
CA VAL C 178 -10.25 -9.03 -43.39
C VAL C 178 -10.65 -9.67 -42.06
N PRO C 179 -11.63 -10.58 -42.06
CA PRO C 179 -12.10 -11.15 -40.80
C PRO C 179 -11.11 -12.17 -40.26
N PRO C 180 -11.20 -12.50 -38.97
CA PRO C 180 -10.33 -13.55 -38.42
C PRO C 180 -10.66 -14.90 -39.02
N LEU C 181 -9.66 -15.80 -38.97
CA LEU C 181 -9.81 -17.09 -39.60
C LEU C 181 -10.80 -17.96 -38.83
N ASN C 182 -11.73 -18.57 -39.55
CA ASN C 182 -12.81 -19.35 -38.95
C ASN C 182 -12.33 -20.67 -38.36
N GLY C 183 -11.10 -21.11 -38.66
CA GLY C 183 -10.61 -22.36 -38.11
C GLY C 183 -10.11 -22.25 -36.69
N GLY C 184 -9.84 -21.04 -36.21
CA GLY C 184 -9.38 -20.84 -34.85
C GLY C 184 -7.94 -21.26 -34.67
N GLU C 185 -7.49 -21.17 -33.42
CA GLU C 185 -6.12 -21.53 -33.05
C GLU C 185 -6.10 -21.88 -31.57
N THR C 186 -4.93 -22.29 -31.10
CA THR C 186 -4.75 -22.67 -29.70
C THR C 186 -4.04 -21.56 -28.93
N ALA C 187 -4.10 -21.68 -27.61
CA ALA C 187 -3.45 -20.72 -26.72
C ALA C 187 -3.20 -21.40 -25.38
N ILE C 188 -2.11 -20.99 -24.73
CA ILE C 188 -1.73 -21.55 -23.44
C ILE C 188 -2.10 -20.55 -22.35
N ILE C 189 -2.47 -21.09 -21.18
CA ILE C 189 -2.83 -20.22 -20.01
C ILE C 189 -1.64 -20.19 -19.05
N ASN C 190 -1.60 -19.18 -18.17
CA ASN C 190 -0.48 -19.00 -17.21
C ASN C 190 -0.76 -19.78 -15.90
N LEU C 191 -1.69 -20.74 -15.95
CA LEU C 191 -2.10 -21.51 -14.78
C LEU C 191 -1.51 -22.91 -14.83
N LEU C 192 -0.94 -23.39 -13.72
CA LEU C 192 -0.52 -24.81 -13.63
C LEU C 192 -1.30 -25.43 -12.47
N ARG C 193 -1.94 -26.58 -12.66
CA ARG C 193 -2.63 -27.29 -11.59
C ARG C 193 -1.61 -27.80 -10.57
N ILE C 194 -1.89 -27.55 -9.30
CA ILE C 194 -1.05 -28.03 -8.21
C ILE C 194 -1.66 -29.31 -7.65
N LYS C 195 -0.83 -30.32 -7.44
CA LYS C 195 -1.25 -31.57 -6.83
C LYS C 195 -0.69 -31.62 -5.41
N LEU C 196 -1.54 -31.40 -4.42
CA LEU C 196 -1.11 -31.40 -3.04
C LEU C 196 -0.88 -32.82 -2.54
N PRO C 197 -0.04 -33.00 -1.52
CA PRO C 197 0.01 -34.28 -0.83
C PRO C 197 -1.33 -34.56 -0.16
N GLU C 198 -1.59 -35.84 0.10
CA GLU C 198 -2.86 -36.22 0.69
C GLU C 198 -2.97 -35.79 2.15
N GLU C 199 -1.85 -35.58 2.83
CA GLU C 199 -1.85 -35.23 4.24
C GLU C 199 -1.20 -33.87 4.45
N ILE C 200 -1.77 -33.10 5.38
CA ILE C 200 -1.19 -31.84 5.83
C ILE C 200 -1.21 -31.85 7.35
N PHE C 201 -0.19 -31.24 7.95
CA PHE C 201 0.04 -31.34 9.38
C PHE C 201 -0.48 -30.10 10.10
N ILE C 202 -1.41 -30.31 11.03
CA ILE C 202 -2.00 -29.26 11.84
C ILE C 202 -1.28 -29.26 13.19
N ALA C 203 -1.13 -28.07 13.77
CA ALA C 203 -0.61 -27.95 15.13
C ALA C 203 -0.96 -26.57 15.67
N THR C 204 -0.88 -26.43 16.99
CA THR C 204 -0.84 -25.14 17.64
C THR C 204 0.62 -24.80 17.95
N SER C 205 0.87 -23.51 18.17
CA SER C 205 2.23 -23.07 18.40
C SER C 205 2.25 -22.08 19.57
N PRO C 206 3.32 -22.10 20.36
CA PRO C 206 3.48 -21.05 21.38
C PRO C 206 3.58 -19.66 20.78
N PHE C 207 4.05 -19.54 19.54
CA PHE C 207 4.25 -18.26 18.90
C PHE C 207 3.00 -17.85 18.13
N GLY C 208 2.77 -16.53 18.07
CA GLY C 208 1.62 -16.03 17.35
C GLY C 208 1.79 -16.08 15.85
N SER C 209 2.97 -15.74 15.36
CA SER C 209 3.26 -15.75 13.94
C SER C 209 4.61 -16.40 13.70
N GLY C 210 4.83 -16.83 12.44
CA GLY C 210 6.10 -17.42 12.09
C GLY C 210 7.26 -16.46 12.28
N ARG C 211 7.03 -15.17 12.08
CA ARG C 211 8.06 -14.16 12.30
C ARG C 211 8.59 -14.23 13.73
N ASP C 212 7.72 -14.47 14.70
CA ASP C 212 8.14 -14.62 16.09
C ASP C 212 8.85 -15.95 16.34
N ALA C 213 8.59 -16.96 15.52
CA ALA C 213 9.11 -18.30 15.77
C ALA C 213 10.48 -18.56 15.15
N VAL C 214 10.90 -17.73 14.19
CA VAL C 214 12.17 -17.97 13.50
C VAL C 214 13.37 -17.97 14.45
N PRO C 215 13.55 -16.97 15.33
CA PRO C 215 14.73 -17.01 16.20
C PRO C 215 14.81 -18.25 17.07
N GLU C 216 13.68 -18.82 17.47
CA GLU C 216 13.70 -20.09 18.17
C GLU C 216 14.11 -21.22 17.24
N LEU C 217 13.63 -21.19 15.99
CA LEU C 217 14.00 -22.22 15.03
C LEU C 217 15.48 -22.20 14.72
N LEU C 218 16.07 -21.00 14.61
CA LEU C 218 17.48 -20.89 14.27
C LEU C 218 18.39 -21.43 15.37
N LYS C 219 17.87 -21.59 16.59
CA LYS C 219 18.66 -22.13 17.69
C LYS C 219 18.91 -23.63 17.54
N HIS C 220 18.17 -24.31 16.66
CA HIS C 220 18.30 -25.75 16.46
C HIS C 220 18.88 -26.04 15.09
N SER C 221 19.09 -27.32 14.82
CA SER C 221 19.53 -27.81 13.52
C SER C 221 18.39 -28.55 12.84
N ASN C 222 18.67 -29.11 11.66
CA ASN C 222 17.65 -29.76 10.84
C ASN C 222 16.49 -28.82 10.54
N THR C 223 16.81 -27.58 10.19
CA THR C 223 15.84 -26.52 10.03
C THR C 223 15.35 -26.44 8.58
N ARG C 224 14.17 -25.84 8.42
CA ARG C 224 13.55 -25.58 7.13
C ARG C 224 12.42 -24.58 7.35
N PHE C 225 12.05 -23.89 6.27
CA PHE C 225 11.17 -22.73 6.39
C PHE C 225 9.91 -22.84 5.53
N ASP C 226 9.57 -24.03 5.05
CA ASP C 226 8.35 -24.20 4.26
C ASP C 226 7.18 -24.56 5.18
N TRP C 227 6.86 -23.62 6.07
CA TRP C 227 5.78 -23.78 7.02
C TRP C 227 5.18 -22.42 7.32
N VAL C 228 3.95 -22.42 7.85
CA VAL C 228 3.24 -21.22 8.21
C VAL C 228 2.81 -21.30 9.67
N ILE C 229 3.01 -20.21 10.40
CA ILE C 229 2.43 -20.02 11.73
C ILE C 229 1.69 -18.69 11.70
N ARG C 230 0.37 -18.74 11.84
CA ARG C 230 -0.45 -17.53 11.91
C ARG C 230 -1.56 -17.76 12.91
N LYS C 231 -1.72 -16.80 13.82
CA LYS C 231 -2.76 -16.85 14.86
C LYS C 231 -2.63 -18.11 15.71
N ARG C 232 -1.39 -18.41 16.12
CA ARG C 232 -1.02 -19.54 16.97
C ARG C 232 -1.16 -20.89 16.29
N ARG C 233 -1.60 -20.96 15.04
CA ARG C 233 -1.79 -22.22 14.35
C ARG C 233 -0.66 -22.46 13.34
N TYR C 234 -0.20 -23.71 13.28
CA TYR C 234 0.91 -24.10 12.42
C TYR C 234 0.42 -25.04 11.34
N VAL C 235 0.97 -24.91 10.14
CA VAL C 235 0.65 -25.78 9.01
C VAL C 235 1.92 -26.05 8.22
N SER C 236 2.08 -27.29 7.78
CA SER C 236 3.17 -27.67 6.90
C SER C 236 2.83 -28.99 6.25
N PHE C 237 3.50 -29.27 5.13
CA PHE C 237 3.31 -30.55 4.44
C PHE C 237 4.22 -31.64 4.97
N PHE C 238 5.33 -31.28 5.59
CA PHE C 238 6.18 -32.23 6.29
C PHE C 238 5.74 -32.35 7.75
N ASP C 239 6.15 -33.44 8.37
CA ASP C 239 5.87 -33.63 9.80
C ASP C 239 6.75 -32.68 10.60
N PRO C 240 6.18 -31.76 11.39
CA PRO C 240 7.01 -30.84 12.17
C PRO C 240 7.85 -31.52 13.23
N ARG C 241 7.45 -32.71 13.70
CA ARG C 241 8.21 -33.41 14.73
C ARG C 241 9.47 -34.05 14.21
N GLU C 242 9.59 -34.25 12.89
CA GLU C 242 10.76 -34.89 12.30
C GLU C 242 11.84 -33.91 11.91
N TYR C 243 11.66 -32.62 12.18
CA TYR C 243 12.66 -31.60 11.88
C TYR C 243 12.77 -30.68 13.08
N GLY C 244 13.63 -29.66 12.95
CA GLY C 244 13.79 -28.67 14.00
C GLY C 244 12.52 -27.90 14.32
N THR C 245 11.48 -28.01 13.48
CA THR C 245 10.22 -27.31 13.72
C THR C 245 9.50 -27.80 14.96
N LYS C 246 9.95 -28.90 15.58
CA LYS C 246 9.34 -29.36 16.82
C LYS C 246 9.47 -28.33 17.93
N ALA C 247 10.54 -27.54 17.90
CA ALA C 247 10.78 -26.52 18.92
C ALA C 247 9.80 -25.34 18.84
N ILE C 248 9.07 -25.20 17.74
CA ILE C 248 8.16 -24.06 17.55
C ILE C 248 6.71 -24.51 17.48
N VAL C 249 6.42 -25.77 17.76
CA VAL C 249 5.06 -26.28 17.76
C VAL C 249 4.76 -26.91 19.12
N ASP C 250 3.47 -27.04 19.40
CA ASP C 250 3.01 -27.84 20.54
C ASP C 250 2.99 -29.29 20.10
N VAL C 251 4.06 -30.02 20.43
CA VAL C 251 4.27 -31.36 19.87
C VAL C 251 3.09 -32.28 20.15
N ASP C 252 2.48 -32.14 21.33
CA ASP C 252 1.36 -32.99 21.70
C ASP C 252 0.11 -32.70 20.87
N GLN C 253 0.05 -31.55 20.20
CA GLN C 253 -1.11 -31.18 19.39
C GLN C 253 -0.89 -31.37 17.91
N VAL C 254 0.26 -31.92 17.50
CA VAL C 254 0.49 -32.21 16.09
C VAL C 254 -0.50 -33.27 15.63
N GLU C 255 -1.06 -33.05 14.44
CA GLU C 255 -2.11 -33.95 13.93
C GLU C 255 -2.12 -33.88 12.41
N ALA C 256 -2.08 -35.05 11.77
CA ALA C 256 -2.10 -35.16 10.32
C ALA C 256 -3.54 -35.38 9.85
N ILE C 257 -4.05 -34.46 9.04
CA ILE C 257 -5.40 -34.54 8.52
C ILE C 257 -5.33 -34.63 6.99
N ASP C 258 -6.48 -34.99 6.39
CA ASP C 258 -6.58 -35.04 4.95
C ASP C 258 -6.49 -33.62 4.39
N SER C 259 -5.50 -33.38 3.53
CA SER C 259 -5.28 -32.04 3.02
C SER C 259 -6.45 -31.54 2.17
N ASP C 260 -7.35 -32.43 1.77
CA ASP C 260 -8.54 -32.00 1.04
C ASP C 260 -9.44 -31.14 1.94
N ILE C 261 -9.51 -31.47 3.23
CA ILE C 261 -10.41 -30.75 4.12
C ILE C 261 -9.86 -29.38 4.46
N PHE C 262 -8.54 -29.28 4.65
CA PHE C 262 -7.94 -27.99 5.00
C PHE C 262 -7.93 -27.04 3.80
N ALA C 263 -7.57 -27.55 2.62
CA ALA C 263 -7.32 -26.70 1.47
C ALA C 263 -8.55 -26.37 0.65
N PHE C 264 -9.70 -26.99 0.92
CA PHE C 264 -10.90 -26.77 0.13
C PHE C 264 -12.12 -26.61 1.04
N ASN C 265 -12.08 -25.61 1.93
CA ASN C 265 -13.22 -25.26 2.75
C ASN C 265 -13.50 -23.77 2.61
N ASP C 266 -14.52 -23.30 3.33
CA ASP C 266 -14.99 -21.92 3.21
C ASP C 266 -14.41 -21.00 4.29
N ASP C 267 -13.42 -21.46 5.05
CA ASP C 267 -12.87 -20.70 6.15
C ASP C 267 -11.75 -19.80 5.64
N LEU C 268 -11.89 -18.49 5.88
CA LEU C 268 -10.92 -17.53 5.36
C LEU C 268 -9.51 -17.79 5.90
N ASP C 269 -9.42 -18.17 7.18
CA ASP C 269 -8.11 -18.43 7.77
C ASP C 269 -7.42 -19.60 7.09
N ASP C 270 -8.19 -20.62 6.70
CA ASP C 270 -7.60 -21.83 6.12
C ASP C 270 -7.16 -21.61 4.68
N THR C 271 -7.99 -20.93 3.88
CA THR C 271 -7.60 -20.68 2.49
C THR C 271 -6.42 -19.71 2.41
N ASN C 272 -6.36 -18.73 3.31
CA ASN C 272 -5.23 -17.81 3.33
C ASN C 272 -3.94 -18.52 3.73
N ASP C 273 -4.03 -19.43 4.71
CA ASP C 273 -2.84 -20.16 5.13
C ASP C 273 -2.42 -21.19 4.08
N THR C 274 -3.37 -21.71 3.31
CA THR C 274 -3.01 -22.58 2.20
C THR C 274 -2.21 -21.82 1.14
N MET C 275 -2.70 -20.64 0.76
CA MET C 275 -1.97 -19.80 -0.19
C MET C 275 -0.57 -19.47 0.33
N ASP C 276 -0.45 -19.24 1.65
CA ASP C 276 0.84 -18.91 2.22
C ASP C 276 1.76 -20.11 2.27
N LEU C 277 1.23 -21.28 2.65
CA LEU C 277 2.05 -22.48 2.71
C LEU C 277 2.46 -22.94 1.32
N LEU C 278 1.55 -22.84 0.35
CA LEU C 278 1.88 -23.19 -1.03
C LEU C 278 3.05 -22.36 -1.53
N ARG C 279 3.08 -21.06 -1.19
CA ARG C 279 4.14 -20.19 -1.67
C ARG C 279 5.48 -20.55 -1.05
N ARG C 280 5.51 -20.74 0.27
CA ARG C 280 6.76 -21.06 0.94
C ARG C 280 7.27 -22.46 0.54
N THR C 281 6.35 -23.40 0.32
CA THR C 281 6.75 -24.70 -0.19
C THR C 281 7.38 -24.58 -1.58
N VAL C 282 6.76 -23.78 -2.45
CA VAL C 282 7.31 -23.53 -3.77
C VAL C 282 8.68 -22.87 -3.65
N GLU C 283 8.83 -21.93 -2.71
CA GLU C 283 10.09 -21.22 -2.56
C GLU C 283 11.24 -22.18 -2.25
N ARG C 284 11.01 -23.14 -1.37
CA ARG C 284 12.06 -24.12 -1.06
C ARG C 284 12.26 -25.08 -2.23
N GLN C 285 11.18 -25.49 -2.89
CA GLN C 285 11.27 -26.47 -3.96
C GLN C 285 12.05 -25.94 -5.16
N LEU C 286 12.02 -24.63 -5.39
CA LEU C 286 12.73 -24.01 -6.51
C LEU C 286 14.02 -23.31 -6.07
N SER C 287 14.50 -23.58 -4.86
CA SER C 287 15.59 -22.79 -4.29
C SER C 287 16.92 -22.97 -5.03
N ALA C 288 17.05 -24.02 -5.83
CA ALA C 288 18.30 -24.22 -6.57
C ALA C 288 18.46 -23.16 -7.66
N GLN C 289 17.36 -22.75 -8.29
CA GLN C 289 17.40 -21.81 -9.40
C GLN C 289 16.97 -20.40 -9.02
N VAL C 290 15.88 -20.25 -8.25
CA VAL C 290 15.33 -18.94 -7.97
C VAL C 290 15.27 -18.71 -6.47
N SER C 291 15.31 -17.43 -6.10
CA SER C 291 15.14 -16.98 -4.73
C SER C 291 13.92 -16.07 -4.66
N TYR C 292 13.48 -15.79 -3.44
CA TYR C 292 12.27 -14.99 -3.21
C TYR C 292 12.63 -13.66 -2.58
N LEU C 293 11.95 -12.60 -3.03
CA LEU C 293 12.09 -11.26 -2.49
C LEU C 293 10.83 -10.95 -1.69
N ARG C 294 10.98 -10.78 -0.37
CA ARG C 294 9.82 -10.62 0.49
C ARG C 294 9.07 -9.31 0.19
N LYS C 295 9.81 -8.20 0.09
CA LYS C 295 9.17 -6.91 -0.14
C LYS C 295 8.49 -6.87 -1.50
N GLU C 296 9.23 -7.17 -2.57
CA GLU C 296 8.68 -7.10 -3.92
C GLU C 296 7.72 -8.23 -4.23
N ARG C 297 7.64 -9.26 -3.37
CA ARG C 297 6.78 -10.42 -3.62
C ARG C 297 7.10 -11.05 -4.97
N LEU C 298 8.39 -11.29 -5.21
CA LEU C 298 8.89 -11.71 -6.51
C LEU C 298 9.83 -12.89 -6.37
N PHE C 299 9.61 -13.91 -7.18
CA PHE C 299 10.60 -14.96 -7.41
C PHE C 299 11.52 -14.53 -8.54
N TYR C 300 12.83 -14.73 -8.35
CA TYR C 300 13.78 -14.29 -9.36
C TYR C 300 14.96 -15.24 -9.41
N PHE C 301 15.47 -15.45 -10.62
CA PHE C 301 16.67 -16.25 -10.81
C PHE C 301 17.86 -15.54 -10.18
N HIS C 302 18.42 -16.12 -9.13
CA HIS C 302 19.53 -15.50 -8.42
C HIS C 302 20.83 -15.69 -9.21
N ALA C 303 21.77 -14.80 -8.93
CA ALA C 303 23.11 -14.93 -9.51
C ALA C 303 23.93 -15.94 -8.72
N VAL C 304 24.95 -16.47 -9.39
CA VAL C 304 25.92 -17.34 -8.72
C VAL C 304 27.29 -16.67 -8.60
N ALA C 305 27.54 -15.60 -9.34
CA ALA C 305 28.79 -14.85 -9.23
C ALA C 305 28.49 -13.40 -9.54
N THR C 306 29.25 -12.50 -8.91
CA THR C 306 29.04 -11.07 -9.10
C THR C 306 29.41 -10.66 -10.52
N ASN C 307 28.53 -9.90 -11.17
CA ASN C 307 28.78 -9.32 -12.49
C ASN C 307 29.02 -10.38 -13.56
N LYS C 308 28.35 -11.52 -13.44
CA LYS C 308 28.48 -12.58 -14.42
C LYS C 308 27.10 -13.11 -14.79
N SER C 309 26.89 -13.33 -16.09
CA SER C 309 25.61 -13.79 -16.59
C SER C 309 25.50 -15.31 -16.50
N ARG C 310 24.27 -15.80 -16.65
CA ARG C 310 24.02 -17.24 -16.70
C ARG C 310 22.68 -17.48 -17.38
N SER C 311 22.49 -18.70 -17.87
CA SER C 311 21.33 -19.04 -18.67
C SER C 311 20.59 -20.22 -18.05
N TYR C 312 19.31 -20.34 -18.43
CA TYR C 312 18.46 -21.46 -18.04
C TYR C 312 17.98 -22.17 -19.30
N ARG C 313 18.10 -23.50 -19.31
CA ARG C 313 17.75 -24.30 -20.47
C ARG C 313 16.42 -24.98 -20.23
N TYR C 314 15.47 -24.79 -21.15
CA TYR C 314 14.13 -25.34 -21.00
C TYR C 314 13.62 -25.80 -22.37
N LEU C 315 12.47 -26.45 -22.36
CA LEU C 315 11.90 -27.00 -23.61
C LEU C 315 10.70 -26.16 -24.03
N ALA C 316 10.83 -25.41 -25.12
CA ALA C 316 9.68 -24.68 -25.69
C ALA C 316 9.21 -25.50 -26.88
N ASN C 317 7.94 -25.92 -26.90
CA ASN C 317 7.43 -26.82 -27.97
C ASN C 317 8.26 -28.10 -27.91
N VAL C 318 8.83 -28.52 -29.04
CA VAL C 318 9.56 -29.82 -29.07
C VAL C 318 11.05 -29.51 -29.12
N LYS C 319 11.41 -28.25 -28.93
CA LYS C 319 12.83 -27.89 -29.11
C LYS C 319 13.42 -27.29 -27.85
N GLU C 320 14.68 -27.61 -27.57
CA GLU C 320 15.34 -27.01 -26.42
C GLU C 320 15.76 -25.59 -26.74
N THR C 321 15.76 -24.73 -25.72
CA THR C 321 16.12 -23.34 -25.90
C THR C 321 16.67 -22.78 -24.59
N SER C 322 17.47 -21.72 -24.72
CA SER C 322 18.16 -21.10 -23.60
C SER C 322 17.70 -19.66 -23.42
N ALA C 323 17.47 -19.28 -22.17
CA ALA C 323 17.13 -17.91 -21.81
C ALA C 323 18.14 -17.39 -20.80
N LYS C 324 18.67 -16.20 -21.05
CA LYS C 324 19.66 -15.58 -20.17
C LYS C 324 18.93 -15.00 -18.96
N VAL C 325 18.63 -15.88 -17.99
CA VAL C 325 17.85 -15.48 -16.83
C VAL C 325 18.59 -14.50 -15.94
N VAL C 326 19.92 -14.50 -16.00
CA VAL C 326 20.75 -13.49 -15.32
C VAL C 326 21.64 -12.86 -16.37
N SER C 327 21.47 -11.57 -16.62
CA SER C 327 22.17 -10.86 -17.69
C SER C 327 22.92 -9.69 -17.10
N ALA C 328 24.25 -9.78 -17.07
CA ALA C 328 25.09 -8.72 -16.53
C ALA C 328 25.53 -7.78 -17.64
N TYR C 329 25.53 -6.48 -17.34
CA TYR C 329 26.00 -5.45 -18.25
C TYR C 329 27.20 -4.78 -17.60
N THR C 330 28.39 -5.08 -18.13
CA THR C 330 29.64 -4.81 -17.42
C THR C 330 29.85 -3.33 -17.20
N ASN C 331 30.49 -3.00 -16.08
CA ASN C 331 30.79 -1.62 -15.72
C ASN C 331 32.11 -1.16 -16.34
N GLY C 339 26.59 0.37 -14.44
CA GLY C 339 26.34 -1.03 -14.71
C GLY C 339 25.26 -1.62 -13.84
N TYR C 340 24.65 -2.72 -14.30
CA TYR C 340 23.61 -3.39 -13.54
C TYR C 340 23.52 -4.84 -14.03
N VAL C 341 22.76 -5.64 -13.28
CA VAL C 341 22.53 -7.04 -13.60
C VAL C 341 21.03 -7.27 -13.62
N ARG C 342 20.52 -7.80 -14.72
CA ARG C 342 19.09 -8.02 -14.89
C ARG C 342 18.75 -9.49 -14.65
N HIS C 343 17.77 -9.72 -13.80
CA HIS C 343 17.32 -11.07 -13.45
C HIS C 343 15.90 -11.30 -13.94
N HIS C 344 15.66 -12.48 -14.51
CA HIS C 344 14.29 -12.88 -14.83
C HIS C 344 13.50 -13.06 -13.53
N ALA C 345 12.36 -12.40 -13.44
CA ALA C 345 11.53 -12.43 -12.25
C ALA C 345 10.11 -12.85 -12.63
N ALA C 346 9.30 -13.12 -11.61
CA ALA C 346 7.91 -13.52 -11.83
C ALA C 346 7.13 -13.37 -10.53
N THR C 347 5.86 -13.01 -10.68
CA THR C 347 4.92 -12.96 -9.57
C THR C 347 4.09 -14.24 -9.57
N PHE C 348 4.03 -14.91 -8.43
CA PHE C 348 3.24 -16.11 -8.27
C PHE C 348 1.96 -15.79 -7.50
N ARG C 349 0.81 -16.14 -8.07
CA ARG C 349 -0.46 -16.09 -7.36
C ARG C 349 -1.05 -17.49 -7.31
N PHE C 350 -1.52 -17.89 -6.15
CA PHE C 350 -2.15 -19.20 -5.94
C PHE C 350 -3.65 -19.00 -5.83
N GLU C 351 -4.38 -19.44 -6.84
CA GLU C 351 -5.82 -19.23 -6.95
C GLU C 351 -6.53 -20.57 -6.99
N ARG C 352 -7.69 -20.63 -6.34
CA ARG C 352 -8.50 -21.85 -6.29
C ARG C 352 -9.64 -21.75 -7.29
N LEU C 353 -9.77 -22.79 -8.14
CA LEU C 353 -10.80 -22.84 -9.16
C LEU C 353 -11.51 -24.18 -9.07
N ALA C 354 -12.76 -24.17 -8.61
CA ALA C 354 -13.63 -25.35 -8.59
C ALA C 354 -12.94 -26.54 -7.92
N ASP C 355 -12.58 -26.33 -6.66
CA ASP C 355 -12.00 -27.38 -5.80
C ASP C 355 -10.66 -27.88 -6.35
N GLU C 356 -9.92 -27.02 -7.03
CA GLU C 356 -8.55 -27.32 -7.45
C GLU C 356 -7.70 -26.07 -7.25
N TRP C 357 -6.43 -26.29 -6.92
CA TRP C 357 -5.49 -25.21 -6.69
C TRP C 357 -4.60 -25.02 -7.91
N PHE C 358 -4.32 -23.76 -8.23
CA PHE C 358 -3.51 -23.40 -9.39
C PHE C 358 -2.50 -22.34 -9.00
N VAL C 359 -1.37 -22.35 -9.70
CA VAL C 359 -0.36 -21.30 -9.57
C VAL C 359 -0.37 -20.47 -10.85
N VAL C 360 -0.47 -19.16 -10.69
CA VAL C 360 -0.44 -18.22 -11.81
C VAL C 360 0.95 -17.60 -11.87
N VAL C 361 1.50 -17.52 -13.09
CA VAL C 361 2.83 -16.97 -13.31
C VAL C 361 2.70 -15.70 -14.13
N ASP C 362 3.29 -14.61 -13.64
CA ASP C 362 3.25 -13.31 -14.29
C ASP C 362 4.68 -12.81 -14.45
N PRO C 363 5.28 -12.95 -15.63
CA PRO C 363 6.71 -12.64 -15.78
C PRO C 363 7.01 -11.16 -15.64
N THR C 364 8.24 -10.88 -15.18
CA THR C 364 8.77 -9.52 -15.08
C THR C 364 10.28 -9.59 -14.89
N PHE C 365 10.89 -8.51 -14.40
CA PHE C 365 12.33 -8.49 -14.20
C PHE C 365 12.67 -7.82 -12.89
N TYR C 366 13.88 -8.09 -12.41
CA TYR C 366 14.42 -7.53 -11.17
C TYR C 366 15.87 -7.18 -11.40
N PHE C 367 16.30 -6.02 -10.89
CA PHE C 367 17.60 -5.46 -11.22
C PHE C 367 18.45 -5.31 -9.97
N THR C 368 19.70 -5.74 -10.07
CA THR C 368 20.68 -5.61 -9.01
C THR C 368 21.85 -4.75 -9.51
N ASN C 369 22.66 -4.27 -8.57
CA ASN C 369 23.86 -3.54 -8.94
C ASN C 369 24.97 -4.46 -9.43
N ASP C 370 25.05 -5.69 -8.91
CA ASP C 370 26.15 -6.58 -9.21
C ASP C 370 25.72 -8.05 -9.20
N GLY C 371 24.42 -8.31 -9.21
CA GLY C 371 23.88 -9.64 -9.12
C GLY C 371 23.32 -9.98 -7.76
N PHE C 372 23.66 -9.21 -6.74
CA PHE C 372 23.21 -9.48 -5.38
C PHE C 372 22.73 -8.20 -4.70
N ARG C 373 23.56 -7.17 -4.71
CA ARG C 373 23.19 -5.89 -4.11
C ARG C 373 22.09 -5.23 -4.93
N PRO C 374 20.96 -4.87 -4.33
CA PRO C 374 19.86 -4.30 -5.11
C PRO C 374 20.26 -2.95 -5.70
N HIS C 375 19.84 -2.74 -6.95
CA HIS C 375 20.04 -1.45 -7.59
C HIS C 375 19.22 -0.39 -6.88
N ARG C 376 19.79 0.81 -6.74
CA ARG C 376 19.12 1.87 -6.01
C ARG C 376 18.07 2.58 -6.83
N TYR C 377 17.97 2.30 -8.13
CA TYR C 377 16.94 2.87 -8.99
C TYR C 377 16.47 1.81 -9.98
N PRO C 378 15.74 0.79 -9.49
CA PRO C 378 15.33 -0.32 -10.37
C PRO C 378 14.14 0.04 -11.26
N GLU C 379 13.26 0.87 -10.71
CA GLU C 379 12.01 1.23 -11.42
C GLU C 379 12.34 1.75 -12.82
N ALA C 380 13.40 2.53 -12.92
CA ALA C 380 13.78 3.10 -14.22
C ALA C 380 14.23 2.02 -15.19
N LEU C 381 14.92 1.00 -14.68
CA LEU C 381 15.42 -0.07 -15.54
C LEU C 381 14.30 -1.02 -15.95
N LEU C 382 13.37 -1.30 -15.03
CA LEU C 382 12.24 -2.17 -15.37
C LEU C 382 11.39 -1.54 -16.48
N ALA C 383 11.13 -0.24 -16.38
CA ALA C 383 10.37 0.45 -17.42
C ALA C 383 11.09 0.41 -18.76
N GLY C 384 12.43 0.38 -18.74
CA GLY C 384 13.16 0.32 -19.99
C GLY C 384 12.98 -1.01 -20.72
N LYS C 385 13.11 -2.12 -19.99
CA LYS C 385 12.98 -3.43 -20.61
C LYS C 385 11.52 -3.74 -20.93
N LYS C 386 10.59 -3.32 -20.06
CA LYS C 386 9.18 -3.62 -20.28
C LYS C 386 8.64 -2.92 -21.52
N ARG C 387 9.20 -1.74 -21.86
CA ARG C 387 8.69 -0.97 -22.98
C ARG C 387 8.75 -1.75 -24.29
N LEU C 388 9.82 -2.53 -24.48
CA LEU C 388 10.03 -3.25 -25.73
C LEU C 388 9.48 -4.67 -25.71
N GLU C 389 8.83 -5.09 -24.64
CA GLU C 389 8.35 -6.45 -24.53
C GLU C 389 7.11 -6.64 -25.41
N ARG C 390 7.09 -7.73 -26.17
CA ARG C 390 5.99 -8.06 -27.06
C ARG C 390 5.51 -9.49 -26.75
N ASN C 391 4.53 -9.95 -27.54
CA ASN C 391 3.81 -11.17 -27.20
C ASN C 391 4.72 -12.38 -27.17
N ALA C 392 5.55 -12.56 -28.20
CA ALA C 392 6.40 -13.75 -28.29
C ALA C 392 7.32 -13.86 -27.08
N ALA C 393 7.86 -12.72 -26.62
CA ALA C 393 8.74 -12.75 -25.46
C ALA C 393 7.97 -13.07 -24.18
N VAL C 394 6.80 -12.46 -24.01
CA VAL C 394 6.00 -12.73 -22.80
C VAL C 394 5.54 -14.18 -22.78
N ARG C 395 5.07 -14.69 -23.91
CA ARG C 395 4.65 -16.07 -23.99
C ARG C 395 5.80 -17.02 -23.69
N GLY C 396 7.00 -16.69 -24.18
CA GLY C 396 8.15 -17.55 -23.93
C GLY C 396 8.54 -17.58 -22.46
N GLN C 397 8.40 -16.44 -21.77
CA GLN C 397 8.73 -16.40 -20.35
C GLN C 397 7.74 -17.24 -19.54
N VAL C 398 6.46 -17.23 -19.92
CA VAL C 398 5.48 -18.08 -19.26
C VAL C 398 5.84 -19.55 -19.44
N VAL C 399 6.22 -19.94 -20.66
CA VAL C 399 6.60 -21.32 -20.92
C VAL C 399 7.82 -21.70 -20.09
N MET C 400 8.79 -20.79 -19.98
CA MET C 400 10.02 -21.08 -19.23
C MET C 400 9.74 -21.23 -17.75
N TRP C 401 8.95 -20.32 -17.17
CA TRP C 401 8.63 -20.41 -15.75
C TRP C 401 7.78 -21.64 -15.45
N GLN C 402 6.84 -21.96 -16.35
CA GLN C 402 6.06 -23.18 -16.18
C GLN C 402 6.94 -24.42 -16.32
N HIS C 403 7.97 -24.36 -17.17
CA HIS C 403 8.92 -25.46 -17.25
C HIS C 403 9.70 -25.62 -15.96
N LEU C 404 10.15 -24.50 -15.38
CA LEU C 404 10.90 -24.57 -14.12
C LEU C 404 10.04 -25.14 -12.99
N LEU C 405 8.74 -24.88 -13.00
CA LEU C 405 7.87 -25.40 -11.96
C LEU C 405 7.67 -26.91 -12.10
N VAL C 406 7.33 -27.36 -13.31
CA VAL C 406 7.10 -28.78 -13.54
C VAL C 406 8.40 -29.56 -13.35
N GLU C 407 9.53 -28.98 -13.78
CA GLU C 407 10.80 -29.69 -13.73
C GLU C 407 11.23 -29.98 -12.29
N SER C 408 10.85 -29.12 -11.35
CA SER C 408 11.26 -29.30 -9.96
C SER C 408 10.56 -30.46 -9.26
N ALA C 409 9.50 -31.03 -9.87
CA ALA C 409 8.82 -32.16 -9.26
C ALA C 409 9.57 -33.47 -9.53
N SER C 410 10.05 -33.66 -10.75
CA SER C 410 10.88 -34.82 -11.06
C SER C 410 12.25 -34.67 -10.43
N CYS C 411 13.13 -35.64 -10.71
CA CYS C 411 14.45 -35.68 -10.08
C CYS C 411 15.28 -34.48 -10.53
N ASN C 412 15.60 -33.59 -9.60
CA ASN C 412 16.42 -32.43 -9.89
C ASN C 412 17.90 -32.77 -9.75
N ASP C 423 11.68 -33.53 0.30
CA ASP C 423 12.31 -32.42 -0.41
C ASP C 423 11.44 -31.94 -1.58
N VAL C 424 10.67 -32.84 -2.18
CA VAL C 424 9.73 -32.51 -3.24
C VAL C 424 8.34 -32.86 -2.71
N LEU C 425 7.52 -31.84 -2.44
CA LEU C 425 6.20 -32.04 -1.88
C LEU C 425 5.06 -31.73 -2.85
N LEU C 426 5.29 -30.86 -3.83
CA LEU C 426 4.25 -30.44 -4.74
C LEU C 426 4.57 -30.90 -6.15
N ASP C 427 3.57 -31.46 -6.82
CA ASP C 427 3.64 -31.75 -8.25
C ASP C 427 2.85 -30.71 -9.02
N PHE C 428 3.25 -30.47 -10.26
CA PHE C 428 2.62 -29.47 -11.10
C PHE C 428 2.19 -30.11 -12.42
N GLU C 429 1.06 -29.64 -12.94
CA GLU C 429 0.40 -30.27 -14.07
C GLU C 429 0.06 -29.22 -15.11
N ASN C 430 0.51 -29.42 -16.34
CA ASN C 430 0.15 -28.53 -17.43
C ASN C 430 -1.32 -28.68 -17.79
N LEU C 431 -1.95 -27.57 -18.11
CA LEU C 431 -3.34 -27.58 -18.54
C LEU C 431 -3.43 -27.79 -20.05
N PRO C 432 -4.55 -28.32 -20.53
CA PRO C 432 -4.74 -28.42 -21.98
C PRO C 432 -4.79 -27.03 -22.61
N VAL C 433 -4.39 -26.95 -23.88
CA VAL C 433 -4.41 -25.68 -24.58
C VAL C 433 -5.86 -25.22 -24.75
N ILE C 434 -6.06 -23.92 -24.85
CA ILE C 434 -7.37 -23.35 -25.09
C ILE C 434 -7.64 -23.34 -26.59
N GLU C 435 -8.78 -23.88 -26.99
CA GLU C 435 -9.18 -23.90 -28.40
C GLU C 435 -10.04 -22.66 -28.66
N LEU C 436 -9.44 -21.65 -29.26
CA LEU C 436 -10.15 -20.42 -29.62
C LEU C 436 -10.85 -20.60 -30.95
N SER C 437 -12.08 -20.07 -31.04
CA SER C 437 -12.90 -20.30 -32.22
C SER C 437 -12.48 -19.47 -33.42
N ARG C 438 -11.78 -18.35 -33.20
CA ARG C 438 -11.31 -17.50 -34.28
C ARG C 438 -9.85 -17.16 -34.05
N ALA C 439 -9.09 -17.10 -35.15
CA ALA C 439 -7.64 -16.91 -35.09
C ALA C 439 -7.25 -15.59 -35.73
N VAL C 440 -6.21 -14.98 -35.18
CA VAL C 440 -5.65 -13.76 -35.77
C VAL C 440 -5.07 -14.09 -37.14
N PRO C 441 -5.43 -13.37 -38.20
CA PRO C 441 -4.78 -13.61 -39.51
C PRO C 441 -3.38 -13.00 -39.55
N GLU C 442 -2.46 -13.62 -38.81
CA GLU C 442 -1.10 -13.09 -38.71
C GLU C 442 -0.39 -13.14 -40.05
N SER C 443 -0.52 -14.24 -40.78
CA SER C 443 0.14 -14.38 -42.07
C SER C 443 -0.26 -13.24 -43.01
N SER C 444 -1.56 -12.94 -43.09
CA SER C 444 -2.01 -11.83 -43.89
C SER C 444 -1.50 -10.51 -43.34
N TRP C 445 -1.52 -10.35 -42.01
CA TRP C 445 -1.17 -9.07 -41.40
C TRP C 445 0.32 -8.75 -41.56
N THR C 446 1.19 -9.76 -41.53
CA THR C 446 2.61 -9.50 -41.72
C THR C 446 2.92 -8.93 -43.09
N ARG C 447 2.07 -9.19 -44.09
CA ARG C 447 2.24 -8.56 -45.39
C ARG C 447 1.63 -7.16 -45.41
N THR C 448 0.45 -7.00 -44.83
CA THR C 448 -0.37 -5.81 -45.04
C THR C 448 -0.24 -4.76 -43.93
N ASP C 449 0.01 -5.17 -42.70
CA ASP C 449 0.09 -4.20 -41.60
C ASP C 449 1.46 -3.51 -41.63
N PRO C 450 1.51 -2.18 -41.82
CA PRO C 450 2.81 -1.49 -41.77
C PRO C 450 3.47 -1.51 -40.41
N ARG C 451 2.78 -1.99 -39.38
CA ARG C 451 3.32 -2.04 -38.03
C ARG C 451 3.66 -3.46 -37.58
N ALA C 452 3.67 -4.43 -38.52
CA ALA C 452 3.96 -5.81 -38.14
C ALA C 452 5.33 -5.95 -37.50
N LYS C 453 6.29 -5.12 -37.90
CA LYS C 453 7.62 -5.18 -37.30
C LYS C 453 7.62 -4.64 -35.87
N GLU C 454 6.73 -3.69 -35.56
CA GLU C 454 6.64 -3.18 -34.20
C GLU C 454 6.14 -4.21 -33.22
N MET C 455 5.52 -5.29 -33.70
CA MET C 455 5.04 -6.37 -32.85
C MET C 455 6.11 -7.41 -32.55
N GLU C 456 7.26 -7.35 -33.22
CA GLU C 456 8.29 -8.36 -33.05
C GLU C 456 9.05 -8.15 -31.75
N SER C 457 9.40 -9.26 -31.10
CA SER C 457 10.17 -9.22 -29.87
C SER C 457 11.65 -9.12 -30.20
N ARG C 458 12.25 -7.96 -29.92
CA ARG C 458 13.67 -7.76 -30.16
C ARG C 458 14.51 -8.30 -29.01
N LEU D 3 -11.79 -25.83 -20.63
CA LEU D 3 -12.01 -24.39 -20.45
C LEU D 3 -12.69 -23.85 -21.69
N LYS D 4 -13.91 -23.36 -21.52
CA LYS D 4 -14.72 -22.92 -22.65
C LYS D 4 -14.28 -21.53 -23.11
N SER D 5 -14.16 -21.37 -24.44
CA SER D 5 -13.64 -20.14 -25.02
C SER D 5 -14.55 -19.66 -26.14
N ARG D 6 -14.82 -18.36 -26.15
CA ARG D 6 -15.57 -17.70 -27.22
C ARG D 6 -14.84 -16.45 -27.63
N VAL D 7 -15.04 -16.05 -28.88
CA VAL D 7 -14.52 -14.79 -29.42
C VAL D 7 -15.73 -13.97 -29.84
N PHE D 8 -16.11 -13.01 -29.00
CA PHE D 8 -17.29 -12.20 -29.27
C PHE D 8 -17.10 -11.33 -30.50
N ASP D 9 -18.19 -11.12 -31.23
CA ASP D 9 -18.19 -10.13 -32.30
C ASP D 9 -18.02 -8.73 -31.71
N GLU D 10 -17.45 -7.85 -32.50
CA GLU D 10 -17.31 -6.46 -32.08
C GLU D 10 -18.70 -5.88 -31.85
N PRO D 11 -18.99 -5.35 -30.67
CA PRO D 11 -20.36 -4.91 -30.36
C PRO D 11 -20.86 -3.86 -31.35
N MET D 12 -22.08 -4.06 -31.82
CA MET D 12 -22.68 -3.20 -32.83
C MET D 12 -23.27 -1.96 -32.18
N LEU D 13 -23.31 -0.87 -32.96
CA LEU D 13 -23.86 0.40 -32.49
C LEU D 13 -24.91 0.88 -33.48
N GLU D 14 -25.93 1.56 -32.96
CA GLU D 14 -26.97 2.17 -33.77
C GLU D 14 -26.65 3.66 -33.94
N PHE D 15 -26.67 4.13 -35.19
CA PHE D 15 -26.17 5.46 -35.51
C PHE D 15 -27.23 6.43 -36.03
N GLY D 16 -28.48 6.03 -36.11
CA GLY D 16 -29.46 6.98 -36.62
C GLY D 16 -29.97 6.55 -37.98
N ASP D 17 -31.26 6.80 -38.24
CA ASP D 17 -31.97 6.21 -39.37
C ASP D 17 -31.87 4.69 -39.35
N GLY D 18 -31.71 4.12 -38.16
CA GLY D 18 -31.48 2.70 -38.01
C GLY D 18 -30.12 2.22 -38.43
N GLY D 19 -29.21 3.12 -38.81
CA GLY D 19 -27.91 2.69 -39.29
C GLY D 19 -27.12 1.99 -38.20
N GLN D 20 -26.48 0.88 -38.58
CA GLN D 20 -25.75 0.04 -37.64
C GLN D 20 -24.32 -0.15 -38.13
N HIS D 21 -23.36 -0.01 -37.23
CA HIS D 21 -21.95 -0.18 -37.55
C HIS D 21 -21.18 -0.46 -36.27
N LEU D 22 -20.06 -1.18 -36.41
CA LEU D 22 -19.22 -1.47 -35.27
C LEU D 22 -18.27 -0.32 -34.92
N ASP D 23 -17.99 0.56 -35.87
CA ASP D 23 -17.00 1.61 -35.69
C ASP D 23 -17.72 2.94 -35.49
N PRO D 24 -17.46 3.65 -34.38
CA PRO D 24 -18.09 4.96 -34.19
C PRO D 24 -17.81 5.95 -35.31
N ARG D 25 -16.60 5.94 -35.87
CA ARG D 25 -16.25 6.91 -36.89
C ARG D 25 -16.95 6.60 -38.21
N GLN D 26 -16.85 5.36 -38.68
CA GLN D 26 -17.47 5.00 -39.96
C GLN D 26 -18.98 5.08 -39.89
N GLY D 27 -19.56 4.71 -38.75
CA GLY D 27 -21.01 4.80 -38.61
C GLY D 27 -21.51 6.23 -38.66
N LEU D 28 -20.76 7.16 -38.06
CA LEU D 28 -21.12 8.58 -38.14
C LEU D 28 -20.97 9.10 -39.56
N ARG D 29 -19.93 8.65 -40.27
CA ARG D 29 -19.72 9.10 -41.65
C ARG D 29 -20.85 8.64 -42.56
N GLU D 30 -21.38 7.45 -42.31
CA GLU D 30 -22.38 6.85 -43.21
C GLU D 30 -23.80 7.18 -42.82
N TYR D 31 -24.08 7.38 -41.52
CA TYR D 31 -25.45 7.59 -41.06
C TYR D 31 -25.66 8.87 -40.25
N GLY D 32 -24.60 9.54 -39.82
CA GLY D 32 -24.74 10.68 -38.93
C GLY D 32 -24.97 10.22 -37.50
N PRO D 33 -25.26 11.16 -36.61
CA PRO D 33 -25.50 10.81 -35.20
C PRO D 33 -26.90 10.23 -35.01
N LEU D 34 -27.17 9.83 -33.76
CA LEU D 34 -28.36 9.04 -33.47
C LEU D 34 -29.64 9.85 -33.65
N GLN D 35 -29.69 11.06 -33.10
CA GLN D 35 -30.91 11.85 -33.07
C GLN D 35 -30.62 13.31 -33.39
N PRO D 36 -30.25 13.60 -34.64
CA PRO D 36 -29.96 14.98 -35.01
C PRO D 36 -31.22 15.80 -35.24
N ARG D 37 -31.12 17.09 -34.97
CA ARG D 37 -32.18 18.05 -35.25
C ARG D 37 -31.66 19.06 -36.26
N SER D 38 -32.50 19.40 -37.24
CA SER D 38 -32.10 20.34 -38.27
C SER D 38 -31.68 21.67 -37.65
N GLY D 39 -30.49 22.13 -38.01
CA GLY D 39 -29.93 23.33 -37.43
C GLY D 39 -29.10 23.11 -36.19
N ASP D 40 -28.70 21.87 -35.90
CA ASP D 40 -27.88 21.59 -34.73
C ASP D 40 -26.56 22.36 -34.80
N VAL D 41 -26.18 22.94 -33.66
CA VAL D 41 -24.94 23.71 -33.58
C VAL D 41 -24.40 23.59 -32.17
N VAL D 42 -23.10 23.31 -32.06
CA VAL D 42 -22.39 23.31 -30.78
C VAL D 42 -21.66 24.65 -30.68
N HIS D 43 -22.07 25.48 -29.73
CA HIS D 43 -21.44 26.77 -29.50
C HIS D 43 -20.23 26.56 -28.59
N VAL D 44 -19.04 26.90 -29.09
CA VAL D 44 -17.78 26.60 -28.44
C VAL D 44 -17.15 27.90 -27.96
N GLY D 45 -17.00 28.05 -26.64
CA GLY D 45 -16.20 29.13 -26.11
C GLY D 45 -14.73 28.75 -26.04
N VAL D 46 -13.88 29.78 -26.04
CA VAL D 46 -12.43 29.59 -26.07
C VAL D 46 -11.79 30.51 -25.03
N ILE D 47 -10.97 29.92 -24.16
CA ILE D 47 -10.12 30.67 -23.24
C ILE D 47 -8.67 30.37 -23.59
N GLY D 48 -7.87 31.42 -23.75
CA GLY D 48 -6.46 31.25 -24.05
C GLY D 48 -5.83 32.59 -24.35
N THR D 49 -4.61 32.54 -24.86
CA THR D 49 -3.95 33.76 -25.31
C THR D 49 -4.38 34.10 -26.73
N GLU D 50 -3.99 35.29 -27.17
CA GLU D 50 -4.33 35.75 -28.52
C GLU D 50 -3.85 34.75 -29.57
N ASP D 51 -2.69 34.15 -29.35
CA ASP D 51 -2.15 33.18 -30.32
C ASP D 51 -2.95 31.89 -30.29
N THR D 52 -3.14 31.30 -29.10
CA THR D 52 -3.83 30.02 -29.01
C THR D 52 -5.29 30.14 -29.41
N ILE D 53 -5.92 31.28 -29.14
CA ILE D 53 -7.30 31.51 -29.60
C ILE D 53 -7.34 31.52 -31.12
N ALA D 54 -6.43 32.29 -31.74
CA ALA D 54 -6.35 32.31 -33.20
C ALA D 54 -5.89 30.96 -33.74
N GLY D 55 -5.01 30.27 -33.01
CA GLY D 55 -4.59 28.95 -33.45
C GLY D 55 -5.73 27.95 -33.42
N PHE D 56 -6.59 28.02 -32.41
CA PHE D 56 -7.73 27.11 -32.35
C PHE D 56 -8.75 27.42 -33.43
N SER D 57 -8.95 28.71 -33.72
CA SER D 57 -9.86 29.08 -34.81
C SER D 57 -9.34 28.54 -36.15
N GLU D 58 -8.02 28.56 -36.33
CA GLU D 58 -7.45 28.00 -37.56
C GLU D 58 -7.73 26.51 -37.65
N PHE D 59 -7.45 25.76 -36.58
CA PHE D 59 -7.63 24.31 -36.61
C PHE D 59 -9.10 23.94 -36.81
N LEU D 60 -10.01 24.70 -36.19
CA LEU D 60 -11.43 24.45 -36.42
C LEU D 60 -11.80 24.66 -37.87
N ALA D 61 -11.11 25.57 -38.57
CA ALA D 61 -11.41 25.83 -39.97
C ALA D 61 -10.93 24.70 -40.87
N GLU D 62 -9.68 24.24 -40.66
CA GLU D 62 -9.21 23.08 -41.40
C GLU D 62 -10.07 21.86 -41.12
N THR D 63 -10.52 21.71 -39.87
CA THR D 63 -11.43 20.64 -39.52
C THR D 63 -12.72 20.73 -40.32
N ALA D 64 -13.25 21.94 -40.49
CA ALA D 64 -14.47 22.12 -41.26
C ALA D 64 -14.25 21.81 -42.73
N ALA D 65 -13.07 22.14 -43.26
CA ALA D 65 -12.79 21.89 -44.67
C ALA D 65 -12.57 20.42 -44.98
N GLY D 66 -12.19 19.62 -43.98
CA GLY D 66 -11.85 18.23 -44.22
C GLY D 66 -10.35 18.01 -44.16
N ILE D 67 -9.93 16.90 -43.55
CA ILE D 67 -8.51 16.61 -43.37
C ILE D 67 -8.23 15.21 -43.89
N ASP D 68 -7.23 15.09 -44.74
CA ASP D 68 -6.86 13.80 -45.32
C ASP D 68 -6.02 12.99 -44.34
N SER D 69 -6.08 11.67 -44.48
CA SER D 69 -5.26 10.79 -43.66
C SER D 69 -3.80 10.89 -44.06
N ASP D 70 -2.92 10.68 -43.08
CA ASP D 70 -1.49 10.70 -43.37
C ASP D 70 -1.09 9.49 -44.21
N ASN D 71 -1.58 8.31 -43.87
CA ASN D 71 -1.29 7.10 -44.63
C ASN D 71 -2.51 6.20 -44.58
N LYS D 72 -3.05 5.88 -45.76
CA LYS D 72 -4.29 5.12 -45.87
C LYS D 72 -4.06 3.61 -45.90
N GLN D 73 -2.88 3.13 -45.53
CA GLN D 73 -2.66 1.69 -45.44
C GLN D 73 -3.50 1.07 -44.34
N LEU D 74 -3.60 1.75 -43.20
CA LEU D 74 -4.51 1.38 -42.13
C LEU D 74 -5.61 2.44 -42.05
N ILE D 75 -6.46 2.45 -43.08
CA ILE D 75 -7.41 3.54 -43.25
C ILE D 75 -8.47 3.53 -42.15
N ASN D 76 -8.83 2.37 -41.61
CA ASN D 76 -9.81 2.34 -40.54
C ASN D 76 -9.23 2.89 -39.24
N LEU D 77 -7.96 2.60 -38.97
CA LEU D 77 -7.30 3.13 -37.79
C LEU D 77 -6.87 4.58 -37.99
N ASN D 78 -6.57 4.98 -39.23
CA ASN D 78 -6.15 6.34 -39.55
C ASN D 78 -7.05 6.88 -40.64
N PRO D 79 -8.28 7.28 -40.30
CA PRO D 79 -9.23 7.72 -41.32
C PRO D 79 -9.04 9.18 -41.70
N ASP D 80 -9.62 9.54 -42.84
CA ASP D 80 -9.82 10.94 -43.16
C ASP D 80 -10.84 11.55 -42.21
N PHE D 81 -10.85 12.88 -42.12
CA PHE D 81 -12.00 13.54 -41.55
C PHE D 81 -12.76 14.22 -42.67
N PRO D 82 -14.01 13.83 -42.94
CA PRO D 82 -14.72 14.34 -44.12
C PRO D 82 -15.14 15.79 -44.03
N GLY D 83 -14.86 16.48 -42.94
CA GLY D 83 -15.21 17.89 -42.83
C GLY D 83 -16.60 18.11 -42.27
N LEU D 84 -16.93 19.39 -42.08
CA LEU D 84 -18.18 19.80 -41.46
C LEU D 84 -19.16 20.40 -42.47
N GLY D 85 -19.08 19.94 -43.72
CA GLY D 85 -19.98 20.42 -44.75
C GLY D 85 -21.03 19.41 -45.14
N ASN D 86 -20.96 18.92 -46.38
CA ASN D 86 -21.99 18.02 -46.90
C ASN D 86 -21.86 16.60 -46.37
N GLN D 87 -20.66 16.17 -45.97
CA GLN D 87 -20.46 14.86 -45.37
C GLN D 87 -20.08 14.99 -43.89
N ASN D 88 -20.72 15.94 -43.21
CA ASN D 88 -20.54 16.17 -41.78
C ASN D 88 -20.93 14.92 -41.00
N PRO D 89 -19.97 14.25 -40.35
CA PRO D 89 -20.32 13.03 -39.61
C PRO D 89 -21.12 13.29 -38.35
N PHE D 90 -21.17 14.53 -37.88
CA PHE D 90 -21.96 14.89 -36.70
C PHE D 90 -23.26 15.59 -37.05
N ARG D 91 -23.45 15.96 -38.33
CA ARG D 91 -24.64 16.68 -38.78
C ARG D 91 -24.93 17.86 -37.85
N CYS D 92 -23.87 18.56 -37.46
CA CYS D 92 -23.92 19.59 -36.44
C CYS D 92 -22.85 20.62 -36.74
N LYS D 93 -23.19 21.89 -36.55
CA LYS D 93 -22.23 22.97 -36.73
C LYS D 93 -21.41 23.16 -35.45
N PHE D 94 -20.13 23.48 -35.62
CA PHE D 94 -19.24 23.79 -34.52
C PHE D 94 -18.76 25.23 -34.71
N VAL D 95 -19.30 26.14 -33.89
CA VAL D 95 -19.15 27.57 -34.12
C VAL D 95 -18.70 28.24 -32.82
N ILE D 96 -17.73 29.14 -32.93
CA ILE D 96 -17.36 30.02 -31.83
C ILE D 96 -18.19 31.29 -31.95
N PRO D 97 -19.15 31.53 -31.05
CA PRO D 97 -19.98 32.73 -31.16
C PRO D 97 -19.14 34.00 -30.98
N ASP D 98 -19.74 35.12 -31.37
CA ASP D 98 -19.10 36.41 -31.19
C ASP D 98 -19.07 36.76 -29.71
N GLY D 99 -17.91 37.19 -29.22
CA GLY D 99 -17.77 37.52 -27.82
C GLY D 99 -17.75 36.34 -26.89
N ALA D 100 -17.49 35.13 -27.41
CA ALA D 100 -17.40 33.93 -26.59
C ALA D 100 -15.95 33.51 -26.36
N THR D 101 -15.03 34.47 -26.36
CA THR D 101 -13.62 34.19 -26.11
C THR D 101 -13.10 35.11 -25.01
N ALA D 102 -12.41 34.52 -24.04
CA ALA D 102 -11.72 35.27 -22.99
C ALA D 102 -10.22 35.09 -23.18
N THR D 103 -9.49 36.21 -23.19
CA THR D 103 -8.07 36.20 -23.49
C THR D 103 -7.25 36.25 -22.20
N ILE D 104 -6.25 35.38 -22.10
CA ILE D 104 -5.30 35.39 -20.99
C ILE D 104 -4.11 36.24 -21.40
N SER D 105 -3.78 37.22 -20.57
CA SER D 105 -2.69 38.14 -20.89
C SER D 105 -1.35 37.43 -20.89
N ARG D 106 -0.41 37.97 -21.67
CA ARG D 106 0.95 37.45 -21.68
C ARG D 106 1.57 37.48 -20.29
N ARG D 107 1.24 38.49 -19.49
CA ARG D 107 1.80 38.61 -18.14
C ARG D 107 1.22 37.54 -17.22
N GLN D 108 -0.09 37.26 -17.33
CA GLN D 108 -0.70 36.25 -16.48
C GLN D 108 -0.08 34.88 -16.72
N VAL D 109 0.28 34.59 -17.97
CA VAL D 109 0.96 33.33 -18.26
C VAL D 109 2.35 33.31 -17.61
N THR D 110 3.09 34.41 -17.74
CA THR D 110 4.43 34.47 -17.18
C THR D 110 4.40 34.46 -15.66
N GLU D 111 3.40 35.11 -15.06
CA GLU D 111 3.28 35.13 -13.60
C GLU D 111 3.19 33.72 -13.03
N ILE D 112 2.42 32.85 -13.69
CA ILE D 112 2.24 31.49 -13.20
C ILE D 112 3.49 30.66 -13.45
N LYS D 113 4.10 30.80 -14.62
CA LYS D 113 5.31 30.06 -14.94
C LYS D 113 6.44 30.35 -13.95
N GLN D 114 6.42 31.52 -13.33
CA GLN D 114 7.51 31.98 -12.48
C GLN D 114 7.32 31.63 -11.01
N ILE D 115 6.15 31.15 -10.61
CA ILE D 115 5.91 30.83 -9.22
C ILE D 115 6.74 29.61 -8.84
N GLY D 116 7.47 29.71 -7.73
CA GLY D 116 8.42 28.66 -7.37
C GLY D 116 7.80 27.42 -6.79
N ARG D 117 6.71 27.57 -6.02
N ARG D 117 6.72 27.57 -6.01
CA ARG D 117 6.06 26.41 -5.41
CA ARG D 117 6.02 26.45 -5.42
C ARG D 117 4.94 25.92 -6.32
C ARG D 117 4.96 25.94 -6.40
N HIS D 118 4.98 24.63 -6.66
CA HIS D 118 4.06 24.08 -7.65
C HIS D 118 2.60 24.20 -7.21
N ASP D 119 2.31 23.92 -5.94
CA ASP D 119 0.92 23.96 -5.47
C ASP D 119 0.34 25.36 -5.60
N GLU D 120 1.16 26.40 -5.39
CA GLU D 120 0.67 27.77 -5.52
C GLU D 120 0.45 28.13 -6.98
N ALA D 121 1.31 27.64 -7.88
CA ALA D 121 1.12 27.90 -9.30
C ALA D 121 -0.18 27.28 -9.80
N VAL D 122 -0.51 26.08 -9.32
CA VAL D 122 -1.75 25.43 -9.72
C VAL D 122 -2.96 26.20 -9.22
N ARG D 123 -2.93 26.59 -7.93
CA ARG D 123 -4.05 27.31 -7.36
C ARG D 123 -4.26 28.66 -8.05
N ARG D 124 -3.17 29.34 -8.40
CA ARG D 124 -3.28 30.61 -9.11
C ARG D 124 -3.83 30.41 -10.52
N ALA D 125 -3.41 29.33 -11.19
CA ALA D 125 -3.93 29.04 -12.52
C ALA D 125 -5.42 28.69 -12.47
N VAL D 126 -5.83 27.91 -11.47
CA VAL D 126 -7.23 27.52 -11.35
C VAL D 126 -8.09 28.74 -11.07
N ALA D 127 -7.64 29.62 -10.17
CA ALA D 127 -8.41 30.83 -9.87
C ALA D 127 -8.49 31.75 -11.08
N LEU D 128 -7.43 31.81 -11.88
CA LEU D 128 -7.44 32.65 -13.07
C LEU D 128 -8.44 32.14 -14.10
N ILE D 129 -8.40 30.82 -14.37
CA ILE D 129 -9.27 30.26 -15.40
C ILE D 129 -10.72 30.24 -14.93
N ALA D 130 -10.96 30.02 -13.63
CA ALA D 130 -12.32 30.01 -13.12
C ALA D 130 -12.99 31.37 -13.30
N ASP D 131 -12.21 32.44 -13.16
CA ASP D 131 -12.77 33.78 -13.37
C ASP D 131 -13.11 34.02 -14.83
N GLN D 132 -12.20 33.65 -15.73
CA GLN D 132 -12.47 33.80 -17.16
C GLN D 132 -13.65 32.94 -17.59
N LEU D 133 -13.78 31.74 -16.99
CA LEU D 133 -14.93 30.90 -17.25
C LEU D 133 -16.22 31.59 -16.80
N SER D 134 -16.20 32.16 -15.60
CA SER D 134 -17.40 32.81 -15.05
C SER D 134 -17.77 34.05 -15.85
N ALA D 135 -16.77 34.81 -16.31
CA ALA D 135 -17.06 35.98 -17.13
C ALA D 135 -17.73 35.57 -18.45
N LEU D 136 -17.27 34.47 -19.04
CA LEU D 136 -17.84 34.00 -20.30
C LEU D 136 -19.28 33.58 -20.12
N MET D 137 -19.65 33.09 -18.93
CA MET D 137 -21.02 32.66 -18.67
C MET D 137 -21.90 33.76 -18.11
N GLU D 138 -21.42 35.00 -18.03
CA GLU D 138 -22.25 36.11 -17.56
C GLU D 138 -23.01 36.72 -18.73
N SER D 139 -23.79 35.87 -19.40
CA SER D 139 -24.65 36.22 -20.53
C SER D 139 -23.89 36.79 -21.72
N SER D 140 -22.54 36.79 -21.67
CA SER D 140 -21.76 37.19 -22.84
C SER D 140 -22.15 36.37 -24.05
N ALA D 141 -22.13 35.05 -23.91
CA ALA D 141 -22.81 34.13 -24.81
C ALA D 141 -23.36 33.01 -23.94
N LYS D 142 -23.87 31.95 -24.57
CA LYS D 142 -24.27 30.74 -23.86
C LYS D 142 -23.48 29.57 -24.46
N PRO D 143 -22.20 29.44 -24.11
CA PRO D 143 -21.41 28.34 -24.66
C PRO D 143 -21.89 27.00 -24.14
N ASP D 144 -21.97 26.03 -25.05
CA ASP D 144 -22.29 24.67 -24.64
C ASP D 144 -21.07 23.94 -24.11
N VAL D 145 -19.89 24.29 -24.60
CA VAL D 145 -18.62 23.73 -24.11
C VAL D 145 -17.55 24.77 -24.37
N ILE D 146 -16.58 24.87 -23.45
CA ILE D 146 -15.53 25.88 -23.53
C ILE D 146 -14.19 25.17 -23.64
N VAL D 147 -13.41 25.52 -24.66
CA VAL D 147 -12.11 24.93 -24.91
C VAL D 147 -11.05 25.78 -24.23
N LEU D 148 -10.20 25.13 -23.45
CA LEU D 148 -9.11 25.80 -22.72
C LEU D 148 -7.82 25.58 -23.49
N ALA D 149 -7.41 26.58 -24.26
CA ALA D 149 -6.19 26.51 -25.07
C ALA D 149 -5.08 27.27 -24.35
N LEU D 150 -4.49 26.62 -23.37
CA LEU D 150 -3.37 27.19 -22.63
C LEU D 150 -2.09 27.05 -23.43
N PRO D 151 -1.19 28.03 -23.35
CA PRO D 151 0.08 27.93 -24.07
C PRO D 151 0.90 26.73 -23.60
N VAL D 152 1.76 26.23 -24.50
CA VAL D 152 2.58 25.07 -24.18
C VAL D 152 3.41 25.27 -22.91
N PRO D 153 4.13 26.38 -22.70
CA PRO D 153 4.88 26.52 -21.44
C PRO D 153 3.99 26.55 -20.22
N LEU D 154 2.76 27.04 -20.34
CA LEU D 154 1.86 27.06 -19.19
C LEU D 154 1.41 25.66 -18.82
N ILE D 155 1.13 24.81 -19.81
CA ILE D 155 0.75 23.44 -19.52
C ILE D 155 1.93 22.68 -18.94
N GLU D 156 3.14 22.95 -19.45
CA GLU D 156 4.33 22.29 -18.92
C GLU D 156 4.62 22.71 -17.48
N LYS D 157 4.24 23.93 -17.12
CA LYS D 157 4.37 24.37 -15.73
C LYS D 157 3.39 23.63 -14.83
N LEU D 158 2.16 23.42 -15.31
CA LEU D 158 1.09 22.88 -14.48
C LEU D 158 1.04 21.36 -14.47
N VAL D 159 1.63 20.69 -15.44
CA VAL D 159 1.55 19.24 -15.58
C VAL D 159 2.94 18.65 -15.37
N ASN D 160 3.05 17.72 -14.42
CA ASN D 160 4.31 17.07 -14.15
C ASN D 160 4.74 16.21 -15.34
N ALA D 161 6.04 15.96 -15.43
CA ALA D 161 6.62 15.19 -16.52
C ALA D 161 7.06 13.82 -16.02
N LYS D 162 6.87 12.81 -16.87
CA LYS D 162 7.38 11.48 -16.65
C LYS D 162 8.16 11.03 -17.88
N SER D 163 9.20 10.25 -17.66
CA SER D 163 10.09 9.85 -18.75
C SER D 163 9.34 9.02 -19.79
N GLU D 164 9.91 8.96 -20.99
CA GLU D 164 9.28 8.26 -22.11
C GLU D 164 8.93 6.82 -21.74
N GLU D 165 9.87 6.12 -21.08
CA GLU D 165 9.63 4.77 -20.57
C GLU D 165 8.34 4.67 -19.77
N ILE D 166 8.22 5.50 -18.74
CA ILE D 166 7.17 5.35 -17.74
C ILE D 166 5.93 6.18 -18.09
N ARG D 176 -1.05 10.49 -8.02
CA ARG D 176 -0.70 10.67 -6.58
C ARG D 176 -1.20 12.01 -6.07
N ASP D 177 -0.76 12.40 -4.90
CA ASP D 177 -1.32 13.61 -4.21
C ASP D 177 -0.20 14.42 -3.56
N ASP D 178 1.06 14.00 -3.73
CA ASP D 178 2.15 14.82 -3.24
C ASP D 178 2.11 16.22 -3.84
N THR D 179 1.67 16.33 -5.10
CA THR D 179 1.45 17.60 -5.76
C THR D 179 -0.01 17.70 -6.18
N LEU D 180 -0.51 18.93 -6.20
CA LEU D 180 -1.87 19.17 -6.70
C LEU D 180 -1.93 18.87 -8.19
N ASN D 181 -3.07 18.31 -8.61
CA ASN D 181 -3.33 18.07 -10.03
C ASN D 181 -4.14 19.24 -10.57
N PHE D 182 -3.58 19.93 -11.56
CA PHE D 182 -4.24 21.11 -12.11
C PHE D 182 -5.61 20.76 -12.69
N ARG D 183 -5.66 19.71 -13.53
CA ARG D 183 -6.92 19.33 -14.15
C ARG D 183 -7.96 18.96 -13.11
N ASP D 184 -7.58 18.15 -12.12
CA ASP D 184 -8.54 17.71 -11.11
C ASP D 184 -9.06 18.87 -10.27
N LEU D 185 -8.17 19.79 -9.87
CA LEU D 185 -8.63 20.94 -9.10
C LEU D 185 -9.47 21.88 -9.96
N LEU D 186 -9.10 22.05 -11.24
CA LEU D 186 -9.85 22.92 -12.13
C LEU D 186 -11.27 22.39 -12.35
N LYS D 187 -11.39 21.08 -12.59
CA LYS D 187 -12.71 20.50 -12.82
C LYS D 187 -13.58 20.61 -11.58
N ALA D 188 -12.97 20.50 -10.39
CA ALA D 188 -13.73 20.60 -9.16
C ALA D 188 -14.14 22.03 -8.87
N LYS D 189 -13.23 22.98 -9.10
CA LYS D 189 -13.52 24.39 -8.79
C LYS D 189 -14.47 25.02 -9.78
N THR D 190 -14.65 24.43 -10.97
CA THR D 190 -15.56 24.96 -11.98
C THR D 190 -16.80 24.10 -12.17
N LEU D 191 -17.03 23.12 -11.29
CA LEU D 191 -18.18 22.23 -11.46
C LEU D 191 -19.49 22.96 -11.23
N HIS D 192 -19.52 23.95 -10.33
CA HIS D 192 -20.77 24.66 -10.08
C HIS D 192 -21.16 25.54 -11.27
N LEU D 193 -20.18 26.07 -12.00
CA LEU D 193 -20.46 26.60 -13.32
C LEU D 193 -20.81 25.45 -14.25
N ASP D 194 -21.97 25.54 -14.91
CA ASP D 194 -22.50 24.40 -15.64
C ASP D 194 -21.99 24.39 -17.07
N VAL D 195 -20.67 24.27 -17.21
CA VAL D 195 -20.04 24.14 -18.51
C VAL D 195 -19.06 22.98 -18.45
N PRO D 196 -19.07 22.07 -19.40
CA PRO D 196 -17.92 21.18 -19.57
C PRO D 196 -16.78 21.90 -20.26
N THR D 197 -15.56 21.56 -19.87
CA THR D 197 -14.36 22.17 -20.42
C THR D 197 -13.53 21.11 -21.14
N GLN D 198 -12.73 21.56 -22.09
CA GLN D 198 -11.83 20.70 -22.84
C GLN D 198 -10.46 21.37 -22.91
N ILE D 199 -9.49 20.80 -22.20
CA ILE D 199 -8.12 21.32 -22.19
C ILE D 199 -7.36 20.68 -23.34
N VAL D 200 -6.76 21.50 -24.19
CA VAL D 200 -6.06 21.02 -25.38
C VAL D 200 -4.67 21.63 -25.44
N TRP D 201 -3.75 20.90 -26.05
CA TRP D 201 -2.44 21.46 -26.38
C TRP D 201 -2.60 22.42 -27.55
N PRO D 202 -2.02 23.62 -27.48
CA PRO D 202 -2.24 24.61 -28.54
C PRO D 202 -1.44 24.36 -29.80
N ASP D 203 -0.67 23.28 -29.88
CA ASP D 203 0.08 22.93 -31.09
C ASP D 203 -0.52 21.75 -31.84
N THR D 204 -0.91 20.69 -31.14
CA THR D 204 -1.51 19.52 -31.77
C THR D 204 -3.01 19.41 -31.56
N TRP D 205 -3.56 20.13 -30.58
CA TRP D 205 -5.00 20.22 -30.35
C TRP D 205 -5.61 18.92 -29.87
N ASP D 206 -4.83 18.09 -29.18
CA ASP D 206 -5.34 16.92 -28.50
C ASP D 206 -5.42 17.18 -27.00
N ASP D 207 -5.97 16.21 -26.29
CA ASP D 207 -6.20 16.35 -24.83
C ASP D 207 -4.92 16.63 -24.06
N ALA D 208 -5.03 17.44 -23.03
CA ALA D 208 -3.90 17.82 -22.20
C ALA D 208 -4.28 17.73 -20.73
N ALA D 209 -3.24 17.63 -19.89
CA ALA D 209 -3.31 17.68 -18.43
C ALA D 209 -4.05 16.50 -17.81
N LYS D 210 -4.39 15.47 -18.59
CA LYS D 210 -5.03 14.28 -18.03
C LYS D 210 -4.01 13.20 -17.68
N ILE D 211 -2.91 13.13 -18.43
CA ILE D 211 -1.83 12.19 -18.14
C ILE D 211 -0.54 12.98 -18.01
N PRO D 212 0.49 12.38 -17.40
CA PRO D 212 1.80 13.04 -17.37
C PRO D 212 2.33 13.33 -18.76
N ARG D 213 3.03 14.44 -18.88
CA ARG D 213 3.60 14.87 -20.15
C ARG D 213 5.06 14.42 -20.25
N LYS D 214 5.62 14.60 -21.45
CA LYS D 214 7.03 14.35 -21.67
C LYS D 214 7.85 15.61 -21.37
N VAL D 215 9.15 15.41 -21.14
CA VAL D 215 10.01 16.53 -20.75
C VAL D 215 10.07 17.56 -21.87
N LYS D 216 10.06 17.12 -23.12
CA LYS D 216 10.10 18.01 -24.27
C LYS D 216 8.96 17.66 -25.22
N ARG D 217 8.35 18.68 -25.79
CA ARG D 217 7.26 18.49 -26.74
C ARG D 217 7.81 18.18 -28.12
N ASP D 218 7.29 17.13 -28.74
CA ASP D 218 7.71 16.76 -30.08
C ASP D 218 7.15 17.73 -31.11
N SER D 219 7.92 17.95 -32.17
CA SER D 219 7.45 18.68 -33.33
C SER D 219 6.88 17.78 -34.41
N ASN D 220 6.60 16.52 -34.07
CA ASN D 220 6.12 15.51 -35.02
C ASN D 220 7.08 15.35 -36.18
N GLN D 224 1.83 13.15 -37.40
CA GLN D 224 0.93 14.24 -37.06
C GLN D 224 -0.47 13.73 -36.75
N ALA D 225 -1.09 13.10 -37.76
CA ALA D 225 -2.43 12.53 -37.63
C ALA D 225 -3.47 13.59 -37.27
N LYS D 226 -3.43 14.72 -38.01
CA LYS D 226 -4.36 15.80 -37.77
C LYS D 226 -5.81 15.35 -37.95
N ALA D 227 -6.05 14.40 -38.86
CA ALA D 227 -7.42 13.92 -39.07
C ALA D 227 -7.95 13.21 -37.84
N THR D 228 -7.13 12.37 -37.20
CA THR D 228 -7.56 11.70 -35.98
C THR D 228 -7.82 12.69 -34.86
N ARG D 229 -6.91 13.65 -34.68
CA ARG D 229 -7.10 14.66 -33.64
C ARG D 229 -8.34 15.49 -33.88
N ALA D 230 -8.71 15.72 -35.14
CA ALA D 230 -9.95 16.40 -35.44
C ALA D 230 -11.15 15.54 -35.04
N TRP D 231 -11.10 14.24 -35.35
CA TRP D 231 -12.15 13.32 -34.92
C TRP D 231 -12.31 13.36 -33.40
N ASN D 232 -11.21 13.26 -32.67
CA ASN D 232 -11.27 13.18 -31.21
C ASN D 232 -11.76 14.49 -30.60
N LEU D 233 -11.33 15.63 -31.16
CA LEU D 233 -11.73 16.92 -30.58
C LEU D 233 -13.22 17.16 -30.76
N LEU D 234 -13.73 16.96 -31.98
CA LEU D 234 -15.15 17.21 -32.21
C LEU D 234 -16.03 16.22 -31.47
N ASN D 235 -15.61 14.94 -31.40
CA ASN D 235 -16.37 13.96 -30.65
C ASN D 235 -16.42 14.32 -29.17
N ALA D 236 -15.34 14.91 -28.63
CA ALA D 236 -15.36 15.33 -27.24
C ALA D 236 -16.24 16.55 -27.03
N LEU D 237 -16.20 17.52 -27.96
CA LEU D 237 -17.09 18.67 -27.87
C LEU D 237 -18.53 18.25 -28.11
N PHE D 238 -18.76 17.30 -29.01
CA PHE D 238 -20.10 16.77 -29.24
C PHE D 238 -20.66 16.15 -27.97
N TYR D 239 -19.88 15.27 -27.33
CA TYR D 239 -20.35 14.61 -26.11
C TYR D 239 -20.55 15.62 -24.99
N LYS D 240 -19.61 16.57 -24.85
CA LYS D 240 -19.71 17.54 -23.76
C LYS D 240 -20.92 18.46 -23.93
N ALA D 241 -21.30 18.77 -25.16
CA ALA D 241 -22.47 19.60 -25.40
C ALA D 241 -23.77 18.90 -25.03
N GLY D 242 -23.76 17.58 -24.86
CA GLY D 242 -24.95 16.84 -24.48
C GLY D 242 -25.63 16.08 -25.59
N LYS D 243 -25.02 15.99 -26.77
CA LYS D 243 -25.62 15.29 -27.89
C LYS D 243 -25.16 13.84 -27.92
N VAL D 244 -26.02 12.97 -28.43
CA VAL D 244 -25.80 11.53 -28.42
C VAL D 244 -25.30 11.12 -29.80
N PRO D 245 -24.08 10.61 -29.93
CA PRO D 245 -23.57 10.22 -31.25
C PRO D 245 -24.13 8.90 -31.75
N TRP D 246 -24.36 7.96 -30.83
CA TRP D 246 -24.86 6.63 -31.19
C TRP D 246 -25.41 5.97 -29.92
N ARG D 247 -25.90 4.74 -30.09
CA ARG D 247 -26.55 4.01 -29.00
C ARG D 247 -26.02 2.60 -28.93
N LEU D 248 -25.92 2.02 -27.74
CA LEU D 248 -25.33 0.67 -27.57
C LEU D 248 -26.42 -0.38 -27.60
N LEU D 249 -26.01 -1.64 -27.72
CA LEU D 249 -26.96 -2.77 -27.65
C LEU D 249 -28.17 -2.51 -28.52
N PRO D 250 -28.01 -2.32 -29.85
CA PRO D 250 -29.13 -1.96 -30.69
C PRO D 250 -30.27 -2.99 -30.66
N ASP D 251 -29.93 -4.28 -30.62
CA ASP D 251 -30.96 -5.36 -30.63
C ASP D 251 -31.82 -5.27 -29.37
N GLN D 252 -31.19 -4.99 -28.22
CA GLN D 252 -31.93 -4.91 -26.94
C GLN D 252 -32.86 -3.70 -26.94
N ALA D 253 -34.02 -3.85 -26.32
CA ALA D 253 -34.95 -2.71 -26.22
C ALA D 253 -34.26 -1.64 -25.37
N GLU D 254 -34.34 -0.38 -25.81
CA GLU D 254 -33.69 0.69 -25.10
C GLU D 254 -34.45 1.04 -23.82
N TYR D 255 -33.74 1.67 -22.89
CA TYR D 255 -34.26 2.14 -21.61
C TYR D 255 -34.69 1.00 -20.68
N ARG D 256 -34.39 -0.25 -21.05
CA ARG D 256 -34.69 -1.41 -20.22
C ARG D 256 -33.59 -1.69 -19.20
N THR D 257 -32.35 -1.76 -19.68
CA THR D 257 -31.20 -2.06 -18.83
C THR D 257 -30.38 -0.81 -18.58
N SER D 258 -30.00 -0.60 -17.32
CA SER D 258 -29.08 0.45 -16.93
C SER D 258 -27.90 -0.18 -16.19
N PHE D 259 -26.74 0.47 -16.30
CA PHE D 259 -25.50 -0.06 -15.75
C PHE D 259 -25.01 0.87 -14.66
N LEU D 260 -25.05 0.40 -13.41
CA LEU D 260 -24.77 1.20 -12.23
C LEU D 260 -23.40 0.83 -11.68
N GLY D 261 -22.40 1.68 -11.94
CA GLY D 261 -21.11 1.50 -11.32
C GLY D 261 -21.10 2.11 -9.92
N ILE D 262 -20.46 1.40 -8.99
CA ILE D 262 -20.31 1.85 -7.62
C ILE D 262 -18.83 1.88 -7.29
N GLY D 263 -18.33 3.06 -6.90
CA GLY D 263 -16.92 3.24 -6.60
C GLY D 263 -16.71 3.99 -5.29
N PHE D 264 -15.44 4.24 -5.00
CA PHE D 264 -15.05 4.94 -3.78
C PHE D 264 -13.84 5.81 -4.07
N TYR D 265 -13.79 6.97 -3.41
CA TYR D 265 -12.61 7.82 -3.40
C TYR D 265 -12.29 8.21 -1.96
N ARG D 266 -11.02 8.51 -1.70
CA ARG D 266 -10.56 8.84 -0.37
C ARG D 266 -10.27 10.33 -0.26
N ASP D 267 -10.84 10.97 0.76
CA ASP D 267 -10.52 12.35 1.05
C ASP D 267 -9.06 12.48 1.49
N LEU D 268 -8.53 13.69 1.40
CA LEU D 268 -7.17 13.96 1.84
C LEU D 268 -7.11 14.62 3.21
N ASP D 269 -8.08 15.46 3.55
N ASP D 269 -8.10 15.43 3.55
CA ASP D 269 -8.10 16.13 4.83
CA ASP D 269 -8.15 16.16 4.81
C ASP D 269 -9.13 15.45 5.76
C ASP D 269 -8.94 15.36 5.84
N GLY D 270 -9.28 16.00 6.96
CA GLY D 270 -10.13 15.40 7.95
C GLY D 270 -9.54 14.14 8.53
N GLN D 271 -10.26 13.02 8.39
CA GLN D 271 -9.78 11.71 8.82
C GLN D 271 -9.51 10.78 7.64
N GLN D 272 -9.41 11.34 6.42
CA GLN D 272 -9.19 10.57 5.21
C GLN D 272 -10.25 9.49 5.03
N LEU D 273 -11.51 9.86 5.29
CA LEU D 273 -12.62 8.94 5.10
C LEU D 273 -12.87 8.70 3.61
N TRP D 274 -13.37 7.51 3.30
CA TRP D 274 -13.79 7.19 1.95
C TRP D 274 -15.24 7.58 1.74
N THR D 275 -15.57 7.94 0.49
CA THR D 275 -16.93 8.30 0.12
C THR D 275 -17.36 7.46 -1.07
N SER D 276 -18.59 6.95 -1.01
CA SER D 276 -19.12 6.13 -2.09
C SER D 276 -19.66 7.02 -3.21
N THR D 277 -19.48 6.57 -4.45
CA THR D 277 -20.00 7.25 -5.63
C THR D 277 -20.74 6.26 -6.49
N ALA D 278 -21.65 6.79 -7.31
CA ALA D 278 -22.43 5.98 -8.24
C ALA D 278 -22.30 6.57 -9.64
N GLN D 279 -22.04 5.71 -10.61
CA GLN D 279 -21.89 6.12 -12.02
C GLN D 279 -22.83 5.26 -12.84
N MET D 280 -24.01 5.77 -13.15
CA MET D 280 -25.04 5.02 -13.87
C MET D 280 -25.11 5.52 -15.30
N PHE D 281 -25.03 4.60 -16.25
CA PHE D 281 -25.06 4.92 -17.67
C PHE D 281 -26.24 4.21 -18.34
N ASP D 282 -26.70 4.77 -19.44
CA ASP D 282 -27.70 4.16 -20.29
C ASP D 282 -27.05 3.67 -21.58
N GLU D 283 -27.85 3.06 -22.45
CA GLU D 283 -27.36 2.59 -23.73
C GLU D 283 -26.98 3.74 -24.66
N ARG D 284 -27.40 4.96 -24.36
CA ARG D 284 -27.02 6.13 -25.13
C ARG D 284 -25.74 6.79 -24.63
N GLY D 285 -25.03 6.15 -23.71
CA GLY D 285 -23.76 6.66 -23.25
C GLY D 285 -23.82 7.82 -22.29
N ARG D 286 -25.01 8.22 -21.85
CA ARG D 286 -25.16 9.31 -20.90
C ARG D 286 -25.02 8.78 -19.47
N GLY D 287 -24.28 9.51 -18.65
CA GLY D 287 -23.95 9.06 -17.30
C GLY D 287 -24.50 10.01 -16.26
N LEU D 288 -24.96 9.44 -15.15
CA LEU D 288 -25.44 10.20 -13.99
C LEU D 288 -24.54 9.90 -12.80
N ILE D 289 -24.00 10.95 -12.19
CA ILE D 289 -23.04 10.83 -11.11
C ILE D 289 -23.73 11.21 -9.80
N LEU D 290 -23.66 10.31 -8.83
CA LEU D 290 -24.29 10.54 -7.53
C LEU D 290 -23.30 10.20 -6.42
N ARG D 291 -23.40 10.94 -5.32
CA ARG D 291 -22.49 10.81 -4.19
C ARG D 291 -23.27 10.28 -2.99
N GLY D 292 -22.82 9.15 -2.45
CA GLY D 292 -23.51 8.48 -1.36
C GLY D 292 -22.91 8.81 -0.01
N ALA D 293 -23.12 7.89 0.93
CA ALA D 293 -22.63 8.07 2.29
C ALA D 293 -21.16 7.68 2.38
N ARG D 294 -20.54 8.04 3.50
CA ARG D 294 -19.18 7.61 3.77
C ARG D 294 -19.11 6.09 3.86
N ALA D 295 -17.95 5.54 3.53
CA ALA D 295 -17.77 4.10 3.49
C ALA D 295 -17.14 3.61 4.78
N GLN D 296 -17.43 2.36 5.12
CA GLN D 296 -16.61 1.64 6.09
C GLN D 296 -15.32 1.18 5.42
N THR D 297 -14.39 0.71 6.24
CA THR D 297 -13.14 0.14 5.72
C THR D 297 -12.82 -1.13 6.49
N GLU D 298 -12.18 -2.07 5.81
CA GLU D 298 -11.93 -3.38 6.40
C GLU D 298 -10.73 -3.35 7.35
N THR D 299 -9.61 -2.79 6.91
CA THR D 299 -8.38 -2.81 7.69
C THR D 299 -7.62 -1.51 7.54
N LYS D 300 -7.33 -0.85 8.67
CA LYS D 300 -6.42 0.29 8.74
C LYS D 300 -6.77 1.36 7.71
N GLY D 301 -8.07 1.64 7.57
CA GLY D 301 -8.55 2.62 6.64
C GLY D 301 -8.46 2.24 5.17
N ARG D 302 -8.39 0.96 4.85
CA ARG D 302 -8.28 0.50 3.46
C ARG D 302 -9.42 -0.46 3.13
N HIS D 303 -9.59 -0.85 1.86
CA HIS D 303 -10.71 -1.70 1.40
C HIS D 303 -12.06 -1.10 1.74
N PRO D 304 -12.40 0.06 1.16
CA PRO D 304 -13.67 0.70 1.41
C PRO D 304 -14.89 -0.15 1.04
N TYR D 305 -15.93 -0.06 1.86
CA TYR D 305 -17.16 -0.83 1.62
C TYR D 305 -18.35 -0.07 2.16
N LEU D 306 -19.52 -0.46 1.72
CA LEU D 306 -20.77 0.17 2.15
C LEU D 306 -21.56 -0.79 3.02
N THR D 307 -22.24 -0.24 4.03
CA THR D 307 -23.22 -1.01 4.77
C THR D 307 -24.45 -1.24 3.92
N ALA D 308 -25.28 -2.20 4.35
CA ALA D 308 -26.48 -2.52 3.59
C ALA D 308 -27.43 -1.33 3.52
N LYS D 309 -27.54 -0.57 4.62
N LYS D 309 -27.55 -0.58 4.62
CA LYS D 309 -28.38 0.62 4.61
CA LYS D 309 -28.38 0.63 4.61
C LYS D 309 -27.81 1.68 3.67
C LYS D 309 -27.81 1.68 3.67
N ASP D 310 -26.49 1.80 3.60
CA ASP D 310 -25.88 2.80 2.76
C ASP D 310 -25.87 2.39 1.28
N ALA D 311 -25.71 1.09 1.02
CA ALA D 311 -25.82 0.62 -0.36
C ALA D 311 -27.27 0.73 -0.85
N ASP D 312 -28.23 0.41 0.02
CA ASP D 312 -29.63 0.60 -0.31
C ASP D 312 -29.92 2.06 -0.64
N ASP D 313 -29.41 2.98 0.18
CA ASP D 313 -29.65 4.40 -0.06
C ASP D 313 -29.04 4.84 -1.39
N LEU D 314 -27.82 4.40 -1.68
CA LEU D 314 -27.13 4.87 -2.88
C LEU D 314 -27.81 4.36 -4.14
N VAL D 315 -28.21 3.08 -4.16
CA VAL D 315 -28.91 2.54 -5.32
C VAL D 315 -30.25 3.24 -5.50
N THR D 316 -30.96 3.52 -4.40
CA THR D 316 -32.25 4.18 -4.48
C THR D 316 -32.11 5.61 -4.99
N GLN D 317 -31.13 6.36 -4.49
CA GLN D 317 -30.89 7.71 -4.99
C GLN D 317 -30.54 7.67 -6.49
N SER D 318 -29.81 6.64 -6.92
CA SER D 318 -29.46 6.53 -8.33
C SER D 318 -30.69 6.29 -9.20
N ILE D 319 -31.50 5.29 -8.85
CA ILE D 319 -32.70 5.00 -9.65
C ILE D 319 -33.62 6.22 -9.71
N ALA D 320 -33.68 6.98 -8.61
CA ALA D 320 -34.51 8.18 -8.60
C ALA D 320 -33.99 9.24 -9.56
N ALA D 321 -32.67 9.36 -9.68
CA ALA D 321 -32.10 10.30 -10.65
C ALA D 321 -32.32 9.81 -12.08
N TYR D 322 -32.26 8.50 -12.29
CA TYR D 322 -32.61 7.94 -13.59
C TYR D 322 -34.06 8.24 -13.93
N LYS D 323 -34.95 8.19 -12.93
CA LYS D 323 -36.36 8.44 -13.16
C LYS D 323 -36.65 9.92 -13.42
N ALA D 324 -35.83 10.81 -12.85
CA ALA D 324 -36.07 12.24 -13.04
C ALA D 324 -35.67 12.70 -14.43
N HIS D 325 -34.73 12.00 -15.07
CA HIS D 325 -34.25 12.38 -16.39
C HIS D 325 -34.89 11.58 -17.51
N HIS D 326 -35.23 10.32 -17.28
CA HIS D 326 -35.79 9.46 -18.31
C HIS D 326 -37.27 9.15 -18.11
N LYS D 327 -37.86 9.59 -16.99
CA LYS D 327 -39.29 9.54 -16.67
C LYS D 327 -39.84 8.13 -16.49
N HIS D 328 -39.02 7.10 -16.62
CA HIS D 328 -39.44 5.74 -16.28
C HIS D 328 -38.29 5.04 -15.56
N VAL D 329 -38.62 3.93 -14.92
CA VAL D 329 -37.66 3.20 -14.09
C VAL D 329 -37.11 2.02 -14.89
N PRO D 330 -35.81 1.74 -14.80
CA PRO D 330 -35.25 0.62 -15.58
C PRO D 330 -35.84 -0.71 -15.15
N ALA D 331 -35.87 -1.65 -16.09
CA ALA D 331 -36.35 -3.00 -15.81
C ALA D 331 -35.25 -3.92 -15.33
N ARG D 332 -34.00 -3.67 -15.73
CA ARG D 332 -32.85 -4.42 -15.26
C ARG D 332 -31.74 -3.44 -14.89
N VAL D 333 -31.00 -3.78 -13.84
CA VAL D 333 -29.89 -2.96 -13.35
C VAL D 333 -28.69 -3.87 -13.17
N VAL D 334 -27.65 -3.66 -13.96
CA VAL D 334 -26.38 -4.35 -13.82
C VAL D 334 -25.45 -3.46 -13.00
N VAL D 335 -25.01 -3.96 -11.85
CA VAL D 335 -24.14 -3.21 -10.95
C VAL D 335 -22.71 -3.68 -11.14
N LEU D 336 -21.81 -2.72 -11.37
CA LEU D 336 -20.40 -3.02 -11.59
C LEU D 336 -19.57 -2.43 -10.46
N LYS D 337 -18.62 -3.23 -9.96
CA LYS D 337 -17.67 -2.80 -8.95
C LYS D 337 -16.30 -3.36 -9.30
N THR D 338 -15.25 -2.62 -8.91
CA THR D 338 -13.89 -3.11 -9.07
C THR D 338 -13.38 -3.85 -7.84
N SER D 339 -14.14 -3.83 -6.75
CA SER D 339 -13.86 -4.66 -5.58
C SER D 339 -15.02 -5.64 -5.40
N ARG D 340 -14.72 -6.77 -4.77
CA ARG D 340 -15.73 -7.80 -4.53
C ARG D 340 -16.90 -7.22 -3.74
N PHE D 341 -18.09 -7.72 -4.02
CA PHE D 341 -19.28 -7.28 -3.30
C PHE D 341 -19.28 -7.87 -1.90
N ARG D 342 -19.32 -6.99 -0.89
CA ARG D 342 -19.53 -7.46 0.46
C ARG D 342 -20.94 -8.02 0.60
N PRO D 343 -21.16 -8.97 1.50
CA PRO D 343 -22.53 -9.45 1.75
C PRO D 343 -23.49 -8.33 2.11
N GLU D 344 -23.00 -7.30 2.81
CA GLU D 344 -23.84 -6.14 3.10
C GLU D 344 -24.23 -5.41 1.82
N GLU D 345 -23.29 -5.27 0.88
CA GLU D 345 -23.58 -4.56 -0.36
C GLU D 345 -24.60 -5.32 -1.21
N ALA D 346 -24.41 -6.63 -1.35
CA ALA D 346 -25.38 -7.44 -2.08
C ALA D 346 -26.76 -7.38 -1.43
N GLU D 347 -26.79 -7.28 -0.10
CA GLU D 347 -28.06 -7.20 0.61
C GLU D 347 -28.74 -5.86 0.40
N GLY D 348 -27.98 -4.76 0.48
CA GLY D 348 -28.56 -3.45 0.31
C GLY D 348 -29.02 -3.20 -1.12
N ILE D 349 -28.29 -3.72 -2.11
CA ILE D 349 -28.71 -3.58 -3.49
C ILE D 349 -30.03 -4.30 -3.72
N ASP D 350 -30.16 -5.51 -3.16
CA ASP D 350 -31.39 -6.28 -3.33
C ASP D 350 -32.57 -5.59 -2.66
N SER D 351 -32.36 -5.00 -1.48
CA SER D 351 -33.45 -4.32 -0.78
C SER D 351 -33.94 -3.12 -1.57
N ALA D 352 -33.03 -2.35 -2.15
CA ALA D 352 -33.42 -1.16 -2.91
C ALA D 352 -34.15 -1.52 -4.19
N LEU D 353 -33.67 -2.56 -4.88
CA LEU D 353 -34.25 -2.92 -6.18
C LEU D 353 -35.60 -3.61 -6.02
N SER D 354 -35.72 -4.53 -5.05
CA SER D 354 -37.00 -5.18 -4.81
C SER D 354 -38.06 -4.16 -4.40
N ARG D 355 -37.67 -3.18 -3.57
CA ARG D 355 -38.60 -2.13 -3.15
C ARG D 355 -39.16 -1.39 -4.35
N LEU D 356 -38.31 -1.06 -5.33
CA LEU D 356 -38.73 -0.32 -6.51
C LEU D 356 -39.35 -1.21 -7.58
N GLY D 357 -39.47 -2.51 -7.32
CA GLY D 357 -40.05 -3.41 -8.31
C GLY D 357 -39.16 -3.74 -9.49
N ILE D 358 -37.83 -3.64 -9.31
CA ILE D 358 -36.89 -3.99 -10.37
C ILE D 358 -36.49 -5.45 -10.12
N GLU D 359 -37.05 -6.36 -10.92
CA GLU D 359 -36.92 -7.79 -10.66
C GLU D 359 -35.71 -8.42 -11.35
N LEU D 360 -34.99 -7.67 -12.18
CA LEU D 360 -33.82 -8.18 -12.88
C LEU D 360 -32.58 -7.41 -12.45
N SER D 361 -31.54 -8.13 -12.06
CA SER D 361 -30.32 -7.49 -11.59
C SER D 361 -29.15 -8.45 -11.75
N ASP D 362 -27.98 -7.88 -12.05
CA ASP D 362 -26.73 -8.62 -12.13
C ASP D 362 -25.65 -7.83 -11.39
N LEU D 363 -24.89 -8.52 -10.55
CA LEU D 363 -23.82 -7.91 -9.77
C LEU D 363 -22.50 -8.49 -10.27
N VAL D 364 -21.69 -7.65 -10.90
CA VAL D 364 -20.47 -8.08 -11.58
C VAL D 364 -19.27 -7.43 -10.89
N TRP D 365 -18.33 -8.25 -10.46
CA TRP D 365 -17.06 -7.79 -9.93
C TRP D 365 -16.04 -7.78 -11.06
N VAL D 366 -15.52 -6.61 -11.40
CA VAL D 366 -14.63 -6.42 -12.53
C VAL D 366 -13.21 -6.23 -12.00
N GLN D 367 -12.36 -7.23 -12.19
CA GLN D 367 -10.98 -7.18 -11.73
C GLN D 367 -10.11 -6.56 -12.80
N GLU D 368 -9.49 -5.42 -12.48
CA GLU D 368 -8.63 -4.73 -13.45
C GLU D 368 -7.22 -5.30 -13.47
N SER D 369 -6.76 -5.90 -12.37
CA SER D 369 -5.36 -6.25 -12.20
C SER D 369 -5.18 -7.73 -11.92
N SER D 370 -5.96 -8.58 -12.57
CA SER D 370 -5.77 -10.01 -12.43
C SER D 370 -4.53 -10.44 -13.22
N PRO D 371 -3.67 -11.29 -12.65
CA PRO D 371 -2.49 -11.77 -13.38
C PRO D 371 -2.79 -12.89 -14.36
N ILE D 372 -4.01 -13.42 -14.37
CA ILE D 372 -4.35 -14.52 -15.27
C ILE D 372 -4.39 -14.01 -16.71
N ALA D 373 -3.76 -14.75 -17.61
CA ALA D 373 -3.70 -14.37 -19.01
C ALA D 373 -3.58 -15.62 -19.87
N VAL D 374 -3.93 -15.47 -21.15
CA VAL D 374 -3.80 -16.54 -22.13
C VAL D 374 -2.98 -16.01 -23.29
N PHE D 375 -2.24 -16.89 -23.95
CA PHE D 375 -1.22 -16.46 -24.91
C PHE D 375 -1.26 -17.31 -26.17
N ARG D 376 -1.39 -16.65 -27.31
CA ARG D 376 -1.34 -17.29 -28.61
C ARG D 376 0.10 -17.31 -29.14
N ASP D 377 0.33 -18.18 -30.13
CA ASP D 377 1.65 -18.36 -30.72
C ASP D 377 1.81 -17.37 -31.87
N GLY D 378 2.70 -16.41 -31.71
CA GLY D 378 2.95 -15.41 -32.73
C GLY D 378 3.34 -14.09 -32.10
N ASN D 379 3.46 -13.07 -32.95
CA ASN D 379 3.79 -11.73 -32.49
C ASN D 379 2.57 -10.87 -32.23
N TYR D 380 1.43 -11.21 -32.82
CA TYR D 380 0.22 -10.42 -32.53
C TYR D 380 -0.49 -11.00 -31.30
N PRO D 381 -1.08 -10.16 -30.47
CA PRO D 381 -1.70 -10.63 -29.23
C PRO D 381 -3.10 -11.20 -29.48
N ILE D 382 -3.74 -11.59 -28.38
CA ILE D 382 -5.06 -12.20 -28.45
C ILE D 382 -6.08 -11.22 -29.05
N LEU D 383 -7.06 -11.77 -29.76
CA LEU D 383 -8.14 -10.96 -30.33
C LEU D 383 -8.94 -10.28 -29.23
N ARG D 384 -9.27 -9.00 -29.46
CA ARG D 384 -10.24 -8.33 -28.60
C ARG D 384 -11.59 -9.00 -28.72
N GLY D 385 -12.24 -9.24 -27.58
CA GLY D 385 -13.48 -9.98 -27.53
C GLY D 385 -13.32 -11.44 -27.18
N THR D 386 -12.08 -11.92 -27.05
CA THR D 386 -11.86 -13.29 -26.61
C THR D 386 -12.30 -13.45 -25.17
N PHE D 387 -13.06 -14.52 -24.90
CA PHE D 387 -13.63 -14.77 -23.59
C PHE D 387 -13.38 -16.21 -23.21
N VAL D 388 -12.77 -16.43 -22.04
CA VAL D 388 -12.44 -17.76 -21.54
C VAL D 388 -13.17 -17.97 -20.22
N ASP D 389 -13.98 -19.03 -20.15
CA ASP D 389 -14.70 -19.36 -18.92
C ASP D 389 -13.78 -20.14 -18.00
N LEU D 390 -13.47 -19.57 -16.84
CA LEU D 390 -12.62 -20.22 -15.85
C LEU D 390 -13.44 -20.67 -14.65
N LYS D 391 -14.43 -21.52 -14.90
CA LYS D 391 -15.32 -22.06 -13.86
C LYS D 391 -15.95 -20.94 -13.05
N GLY D 392 -16.81 -20.19 -13.73
CA GLY D 392 -17.54 -19.10 -13.12
C GLY D 392 -16.83 -17.76 -13.10
N LYS D 393 -15.59 -17.69 -13.59
CA LYS D 393 -14.85 -16.45 -13.69
C LYS D 393 -14.54 -16.19 -15.16
N GLY D 394 -14.86 -14.99 -15.64
CA GLY D 394 -14.72 -14.67 -17.04
C GLY D 394 -13.49 -13.88 -17.40
N LEU D 395 -12.58 -14.48 -18.16
CA LEU D 395 -11.43 -13.79 -18.71
C LEU D 395 -11.85 -13.12 -20.01
N LEU D 396 -11.90 -11.79 -20.01
CA LEU D 396 -12.40 -11.02 -21.14
C LEU D 396 -11.31 -10.07 -21.65
N TYR D 397 -11.02 -10.16 -22.94
CA TYR D 397 -9.99 -9.32 -23.57
C TYR D 397 -10.68 -8.14 -24.22
N THR D 398 -10.76 -7.02 -23.49
CA THR D 398 -11.30 -5.79 -24.05
C THR D 398 -10.27 -5.05 -24.90
N ARG D 399 -8.99 -5.35 -24.74
CA ARG D 399 -7.93 -4.83 -25.59
C ARG D 399 -7.16 -6.00 -26.20
N GLY D 400 -6.65 -5.78 -27.39
CA GLY D 400 -5.95 -6.81 -28.13
C GLY D 400 -6.08 -6.58 -29.62
N SER D 401 -5.82 -7.64 -30.38
CA SER D 401 -5.89 -7.53 -31.84
C SER D 401 -7.30 -7.21 -32.30
N VAL D 402 -7.42 -6.24 -33.19
CA VAL D 402 -8.72 -5.79 -33.71
C VAL D 402 -8.78 -6.06 -35.20
N PRO D 403 -9.58 -7.04 -35.64
CA PRO D 403 -9.68 -7.30 -37.09
C PRO D 403 -10.12 -6.10 -37.90
N TYR D 404 -11.00 -5.26 -37.35
CA TYR D 404 -11.47 -4.09 -38.08
C TYR D 404 -10.32 -3.14 -38.40
N TYR D 405 -9.40 -2.96 -37.44
CA TYR D 405 -8.25 -2.10 -37.65
C TYR D 405 -7.12 -2.79 -38.42
N GLY D 406 -7.18 -4.11 -38.58
CA GLY D 406 -6.14 -4.82 -39.28
C GLY D 406 -4.80 -4.84 -38.59
N THR D 407 -4.77 -4.67 -37.27
CA THR D 407 -3.52 -4.62 -36.51
C THR D 407 -3.87 -4.70 -35.03
N TYR D 408 -2.84 -4.60 -34.20
CA TYR D 408 -3.02 -4.38 -32.77
C TYR D 408 -2.61 -2.93 -32.48
N PRO D 409 -3.56 -2.05 -32.14
CA PRO D 409 -3.24 -0.62 -32.05
C PRO D 409 -2.24 -0.26 -30.96
N GLY D 410 -1.98 -1.14 -30.00
CA GLY D 410 -1.02 -0.86 -28.96
C GLY D 410 0.36 -1.39 -29.29
N LEU D 411 1.27 -1.22 -28.34
CA LEU D 411 2.61 -1.80 -28.42
C LEU D 411 2.87 -2.74 -27.26
N ARG D 412 2.70 -2.28 -26.01
CA ARG D 412 2.73 -3.18 -24.87
CA ARG D 412 2.74 -3.18 -24.88
C ARG D 412 1.60 -4.17 -24.97
N VAL D 413 1.86 -5.41 -24.55
CA VAL D 413 0.88 -6.49 -24.66
C VAL D 413 -0.38 -6.13 -23.87
N PRO D 414 -1.55 -6.61 -24.29
CA PRO D 414 -2.77 -6.36 -23.52
C PRO D 414 -2.90 -7.34 -22.36
N ARG D 415 -3.70 -6.93 -21.38
CA ARG D 415 -3.99 -7.77 -20.22
C ARG D 415 -5.49 -7.79 -20.00
N PRO D 416 -6.10 -8.96 -19.84
CA PRO D 416 -7.56 -9.05 -19.85
C PRO D 416 -8.19 -8.63 -18.54
N LEU D 417 -9.49 -8.36 -18.61
CA LEU D 417 -10.32 -8.22 -17.44
C LEU D 417 -10.73 -9.60 -16.93
N LEU D 418 -10.95 -9.70 -15.62
CA LEU D 418 -11.51 -10.90 -15.01
C LEU D 418 -12.84 -10.54 -14.36
N LEU D 419 -13.92 -11.12 -14.86
CA LEU D 419 -15.27 -10.79 -14.44
C LEU D 419 -15.79 -11.90 -13.53
N VAL D 420 -16.21 -11.54 -12.33
CA VAL D 420 -16.78 -12.47 -11.36
C VAL D 420 -18.18 -11.99 -11.02
N PRO D 421 -19.21 -12.63 -11.58
CA PRO D 421 -20.59 -12.25 -11.24
C PRO D 421 -20.99 -12.80 -9.88
N HIS D 422 -21.77 -12.02 -9.15
CA HIS D 422 -22.26 -12.45 -7.85
C HIS D 422 -23.30 -13.56 -8.03
N GLU D 423 -23.44 -14.38 -6.98
CA GLU D 423 -24.42 -15.46 -7.02
C GLU D 423 -25.84 -14.94 -7.13
N ASN D 424 -26.09 -13.69 -6.74
CA ASN D 424 -27.41 -13.08 -6.88
C ASN D 424 -27.76 -12.72 -8.32
N SER D 425 -26.82 -12.88 -9.25
CA SER D 425 -27.03 -12.44 -10.63
C SER D 425 -28.03 -13.35 -11.34
N ASP D 426 -28.79 -12.76 -12.26
CA ASP D 426 -29.78 -13.49 -13.04
C ASP D 426 -29.23 -14.02 -14.35
N SER D 427 -28.21 -13.37 -14.90
CA SER D 427 -27.73 -13.65 -16.26
C SER D 427 -26.52 -14.57 -16.24
N ALA D 428 -26.30 -15.21 -17.39
CA ALA D 428 -25.14 -16.09 -17.55
C ALA D 428 -23.88 -15.24 -17.70
N LEU D 429 -22.73 -15.88 -17.43
CA LEU D 429 -21.46 -15.18 -17.44
C LEU D 429 -21.15 -14.62 -18.82
N ALA D 430 -21.47 -15.38 -19.87
CA ALA D 430 -21.10 -14.96 -21.22
C ALA D 430 -21.87 -13.72 -21.66
N ARG D 431 -23.13 -13.60 -21.21
CA ARG D 431 -23.95 -12.43 -21.57
C ARG D 431 -23.41 -11.19 -20.87
N LEU D 432 -23.02 -11.33 -19.61
CA LEU D 432 -22.50 -10.18 -18.87
C LEU D 432 -21.16 -9.73 -19.44
N ALA D 433 -20.33 -10.68 -19.88
CA ALA D 433 -19.04 -10.32 -20.46
C ALA D 433 -19.22 -9.57 -21.78
N GLU D 434 -20.21 -9.99 -22.59
CA GLU D 434 -20.46 -9.30 -23.84
C GLU D 434 -20.96 -7.88 -23.61
N GLU D 435 -21.76 -7.69 -22.56
CA GLU D 435 -22.22 -6.33 -22.23
C GLU D 435 -21.08 -5.47 -21.72
N VAL D 436 -20.19 -6.05 -20.91
CA VAL D 436 -19.00 -5.33 -20.47
C VAL D 436 -18.15 -4.94 -21.68
N LEU D 437 -18.04 -5.84 -22.65
CA LEU D 437 -17.32 -5.53 -23.89
C LEU D 437 -17.98 -4.38 -24.63
N ALA D 438 -19.32 -4.38 -24.70
CA ALA D 438 -20.02 -3.30 -25.38
C ALA D 438 -19.86 -1.98 -24.64
N LEU D 439 -19.82 -2.02 -23.30
CA LEU D 439 -19.71 -0.80 -22.51
C LEU D 439 -18.35 -0.15 -22.62
N THR D 440 -17.34 -0.84 -23.16
CA THR D 440 -16.06 -0.20 -23.41
C THR D 440 -16.11 0.77 -24.59
N LYS D 441 -17.18 0.73 -25.39
CA LYS D 441 -17.26 1.58 -26.57
C LYS D 441 -17.71 3.00 -26.25
N VAL D 442 -18.34 3.22 -25.10
CA VAL D 442 -18.76 4.56 -24.71
C VAL D 442 -17.50 5.39 -24.47
N ASN D 443 -17.26 6.37 -25.34
CA ASN D 443 -16.00 7.10 -25.38
C ASN D 443 -16.27 8.59 -25.35
N TRP D 444 -15.64 9.29 -24.39
CA TRP D 444 -15.68 10.74 -24.37
C TRP D 444 -14.33 11.38 -24.66
N ASN D 445 -13.30 10.58 -24.92
CA ASN D 445 -11.95 11.10 -25.10
C ASN D 445 -11.33 10.77 -26.46
N THR D 446 -11.66 9.63 -27.06
CA THR D 446 -11.14 9.28 -28.37
C THR D 446 -12.26 8.68 -29.21
N THR D 447 -11.97 8.47 -30.49
CA THR D 447 -12.87 7.79 -31.41
C THR D 447 -12.35 6.40 -31.78
N GLN D 448 -11.35 5.91 -31.06
CA GLN D 448 -10.84 4.56 -31.23
C GLN D 448 -11.50 3.68 -30.18
N PHE D 449 -12.18 2.62 -30.63
CA PHE D 449 -13.13 1.91 -29.77
C PHE D 449 -12.51 0.79 -28.94
N ASP D 450 -11.20 0.57 -29.02
CA ASP D 450 -10.58 -0.57 -28.33
C ASP D 450 -10.11 -0.17 -26.93
N GLN D 451 -11.06 0.24 -26.10
CA GLN D 451 -10.75 0.66 -24.74
C GLN D 451 -10.89 -0.50 -23.76
N LYS D 452 -10.12 -0.41 -22.67
CA LYS D 452 -10.05 -1.51 -21.72
C LYS D 452 -11.25 -1.54 -20.78
N LEU D 453 -11.65 -0.38 -20.27
CA LEU D 453 -12.63 -0.45 -19.21
C LEU D 453 -14.03 -0.09 -19.70
N PRO D 454 -15.06 -0.72 -19.14
CA PRO D 454 -16.42 -0.27 -19.41
C PRO D 454 -16.68 1.09 -18.78
N ALA D 455 -17.54 1.87 -19.43
CA ALA D 455 -17.76 3.25 -19.04
C ALA D 455 -18.10 3.46 -17.57
N PRO D 456 -18.95 2.65 -16.92
CA PRO D 456 -19.24 2.91 -15.50
C PRO D 456 -18.01 2.85 -14.60
N ILE D 457 -17.07 1.95 -14.88
CA ILE D 457 -15.88 1.86 -14.04
C ILE D 457 -14.90 2.98 -14.37
N LYS D 458 -14.77 3.34 -15.65
CA LYS D 458 -13.92 4.44 -16.04
C LYS D 458 -14.36 5.74 -15.38
N ALA D 459 -15.66 6.01 -15.38
CA ALA D 459 -16.19 7.23 -14.79
C ALA D 459 -15.92 7.27 -13.28
N ALA D 460 -15.86 6.11 -12.63
CA ALA D 460 -15.60 6.08 -11.20
C ALA D 460 -14.25 6.70 -10.86
N ARG D 461 -13.20 6.30 -11.58
CA ARG D 461 -11.87 6.86 -11.34
C ARG D 461 -11.85 8.35 -11.65
N GLU D 462 -12.54 8.78 -12.71
CA GLU D 462 -12.46 10.17 -13.14
C GLU D 462 -13.19 11.10 -12.18
N VAL D 463 -14.38 10.70 -11.71
CA VAL D 463 -15.12 11.55 -10.77
C VAL D 463 -14.52 11.50 -9.37
N GLY D 464 -13.83 10.42 -9.01
CA GLY D 464 -13.18 10.36 -7.71
C GLY D 464 -12.04 11.36 -7.58
N ARG D 465 -11.35 11.63 -8.67
CA ARG D 465 -10.18 12.55 -8.61
C ARG D 465 -10.70 13.98 -8.51
N ILE D 466 -11.95 14.17 -8.87
CA ILE D 466 -12.52 15.51 -8.84
C ILE D 466 -13.29 15.75 -7.55
N LEU D 467 -14.09 14.77 -7.12
CA LEU D 467 -14.96 14.96 -5.96
C LEU D 467 -14.17 15.05 -4.65
N LYS D 468 -12.94 14.55 -4.60
CA LYS D 468 -12.17 14.69 -3.37
C LYS D 468 -11.71 16.12 -3.12
N HIS D 469 -11.93 17.03 -4.08
CA HIS D 469 -11.67 18.45 -3.89
C HIS D 469 -12.94 19.24 -3.57
N ILE D 470 -14.09 18.57 -3.52
CA ILE D 470 -15.36 19.21 -3.16
C ILE D 470 -15.78 18.65 -1.81
N GLU D 471 -16.04 19.55 -0.86
CA GLU D 471 -16.32 19.15 0.51
C GLU D 471 -17.54 18.24 0.60
N TYR D 472 -17.44 17.22 1.45
CA TYR D 472 -18.56 16.30 1.66
C TYR D 472 -19.78 17.05 2.18
N GLY D 473 -20.94 16.71 1.64
CA GLY D 473 -22.18 17.37 1.94
C GLY D 473 -22.64 18.36 0.89
N VAL D 474 -21.69 18.91 0.12
CA VAL D 474 -22.04 19.85 -0.94
C VAL D 474 -22.72 19.08 -2.08
N ALA D 475 -23.86 19.59 -2.53
CA ALA D 475 -24.56 18.98 -3.65
C ALA D 475 -23.73 19.10 -4.93
N ILE D 476 -23.70 18.03 -5.71
CA ILE D 476 -22.91 17.99 -6.93
C ILE D 476 -23.83 17.72 -8.12
N SER D 477 -23.42 18.23 -9.28
CA SER D 477 -24.20 18.03 -10.50
C SER D 477 -24.18 16.54 -10.88
N PRO D 478 -25.33 16.00 -11.31
CA PRO D 478 -25.36 14.60 -11.74
C PRO D 478 -24.89 14.38 -13.17
N ASP D 479 -24.68 15.45 -13.94
CA ASP D 479 -24.32 15.32 -15.35
C ASP D 479 -22.85 14.93 -15.48
N PHE D 480 -22.59 13.70 -15.95
CA PHE D 480 -21.22 13.23 -16.07
C PHE D 480 -20.44 14.01 -17.11
N ARG D 481 -21.11 14.54 -18.13
CA ARG D 481 -20.41 15.27 -19.19
C ARG D 481 -19.68 16.49 -18.65
N LYS D 482 -20.05 16.98 -17.47
CA LYS D 482 -19.37 18.10 -16.84
C LYS D 482 -18.18 17.67 -15.99
N TYR D 483 -17.96 16.36 -15.84
CA TYR D 483 -16.78 15.83 -15.18
C TYR D 483 -15.70 15.40 -16.15
N THR D 484 -16.04 15.20 -17.43
CA THR D 484 -15.10 14.69 -18.42
C THR D 484 -14.03 15.70 -18.77
CL CL E . 17.15 10.69 -6.04
CL CL F . 10.07 12.04 0.70
CL CL G . 16.29 2.57 28.20
CL CL H . 23.67 19.32 38.59
CL CL I . -2.03 22.96 48.64
C TRS J . 0.47 31.10 27.73
C1 TRS J . -0.84 31.88 27.83
C2 TRS J . 0.22 29.61 27.83
C3 TRS J . 1.19 31.44 26.43
N TRS J . 1.33 31.52 28.87
O1 TRS J . -0.61 33.28 27.92
O2 TRS J . -0.56 29.13 26.76
O3 TRS J . 0.34 31.32 25.30
CL CL K . 21.99 -23.49 -10.70
CL CL L . -2.56 41.07 -16.88
C1 BME M . -18.11 -17.63 -31.28
C2 BME M . -18.84 -16.34 -31.52
O1 BME M . -17.10 -17.49 -30.31
S2 BME M . -19.66 -15.74 -30.04
C1 BME N . -11.49 14.07 -47.34
C2 BME N . -10.61 15.11 -46.72
O1 BME N . -12.84 14.45 -47.35
S2 BME N . -10.42 16.62 -47.70
C1 BME O . -25.72 -3.40 7.47
C2 BME O . -26.39 -2.03 7.55
O1 BME O . -24.30 -3.27 7.56
S2 BME O . -28.17 -2.20 7.32
#